data_6FG9
#
_entry.id   6FG9
#
_cell.length_a   138.815
_cell.length_b   329.275
_cell.length_c   131.409
_cell.angle_alpha   90.00
_cell.angle_beta   90.00
_cell.angle_gamma   90.00
#
_symmetry.space_group_name_H-M   'C 2 2 21'
#
loop_
_entity.id
_entity.type
_entity.pdbx_description
1 polymer 'VPS10 domain-containing receptor SorCS2'
2 non-polymer 2-acetamido-2-deoxy-beta-D-glucopyranose
#
_entity_poly.entity_id   1
_entity_poly.type   'polypeptide(L)'
_entity_poly.pdbx_seq_one_letter_code
;GARAVPVAGAASASRAQVSLISTSFVLKGDATHNQAMVHWTGENSSVILILTKYYHADMGKVLESSLWRSSDFGTTYTKL
TLQPGVTTVIDNFYICPANKRKIILVSSSLGDREQSLFLSTDEGATFQKYPVPFLVETLLFHPKEEDKVLAYTKDSKLYV
SSDLGKKWTLLQERVTKDHVFWAVSGVDDDPNLVHVEAQDLSGGYRYYTCLIYNCSAQPHIAPFSGPIDRGSLTVQDEYI
FLKATSTNRTKYYVSYRRSDFVLMKLPKYALPKDLQIISTDEQQVFVAVQEWNQVDTYNLYQSDLRGVRYSLVLENVRSS
RQAEENVVIDILEVRGVKGVFLANQKVDGKVTTVITYNKGRDWDYLRPPSTDMNGKPTNCQPPDCYLHLHLRWADNPYVS
GTVHTKDTAPGLIMGAGNLGSQLVEYKEEMYITSDCGHTWRQVFEEEHHVLYLDHGGVIAAIKDTSIPLKILKFSVDEGH
TWSTHNFTSTSVFVDGLLSEPGDETLVMTVFGHISFRSDWELVKVDFRPSFPRQCGEDDYSSWDLTDLQGDHCIMGQQRS
YRKRKSTSWCVKGRSFTSALTSRVCKCRDSDFLCDYGFERSSSSESTANKCSANFWFNPLSPPEDCVLGQTYTSSLGYRK
VVSNVCEGGVDLQQSPVQLQCPLQAPRGLQVSIRGEAVAVRPREDVLFVVRQEQGDVLTTKYQVDLGDGFKAMYVNLTLT
GEPIRHHYESPGIYRVSVRAENMAGHDEAVLFVQVNSPLQALYLEVVPVIGVNQEVNLTAVLLPLNPNLTVFYWWIGHSL
QPLLSLDNSVTTKFTDAGDVRVTVQAACGNSVLQDSRLVRVLDQFQVVPLRFSRELDTFNPNTPEWREDVGLVVTRLLSK
ETSIPEELLVTVVKPGLPTIADLYVLLPLPRPTRKRSLTSDKRLAAVQQALNSHRISFILRGGLRILVELRDTDTGPQRP
GGSAAAHHHHHH
;
_entity_poly.pdbx_strand_id   A,B
#
loop_
_chem_comp.id
_chem_comp.type
_chem_comp.name
_chem_comp.formula
NAG D-saccharide, beta linking 2-acetamido-2-deoxy-beta-D-glucopyranose 'C8 H15 N O6'
#
# COMPACT_ATOMS: atom_id res chain seq x y z
N GLN A 17 8.15 -88.08 30.62
CA GLN A 17 8.41 -87.21 29.47
C GLN A 17 8.93 -85.85 29.91
N VAL A 18 8.05 -85.07 30.56
CA VAL A 18 8.38 -83.75 31.07
C VAL A 18 7.96 -83.67 32.53
N SER A 19 8.15 -82.50 33.12
CA SER A 19 7.79 -82.28 34.52
C SER A 19 7.62 -80.79 34.75
N LEU A 20 6.44 -80.38 35.19
CA LEU A 20 6.14 -78.98 35.44
C LEU A 20 5.00 -78.88 36.44
N ILE A 21 4.81 -77.68 36.99
CA ILE A 21 3.78 -77.42 37.98
C ILE A 21 2.89 -76.30 37.47
N SER A 22 1.59 -76.37 37.77
CA SER A 22 0.64 -75.35 37.38
C SER A 22 -0.19 -74.95 38.59
N THR A 23 -0.23 -73.65 38.87
CA THR A 23 -0.99 -73.11 40.00
C THR A 23 -1.94 -72.03 39.48
N SER A 24 -3.24 -72.25 39.63
CA SER A 24 -4.25 -71.31 39.15
C SER A 24 -4.72 -70.41 40.29
N PHE A 25 -5.20 -69.23 39.92
CA PHE A 25 -5.76 -68.28 40.88
C PHE A 25 -6.78 -67.41 40.17
N VAL A 26 -7.94 -67.22 40.79
CA VAL A 26 -9.02 -66.42 40.25
C VAL A 26 -9.15 -65.17 41.10
N LEU A 27 -9.21 -64.01 40.45
CA LEU A 27 -9.48 -62.75 41.14
C LEU A 27 -10.89 -62.81 41.72
N LYS A 28 -10.99 -62.88 43.05
CA LYS A 28 -12.27 -63.12 43.70
C LYS A 28 -13.29 -62.02 43.40
N GLY A 29 -12.84 -60.82 43.04
CA GLY A 29 -13.74 -59.78 42.60
C GLY A 29 -14.40 -60.11 41.28
N ASP A 30 -15.67 -60.51 41.33
CA ASP A 30 -16.37 -60.88 40.09
C ASP A 30 -16.63 -59.66 39.20
N ALA A 31 -16.69 -58.47 39.79
CA ALA A 31 -16.85 -57.23 39.02
C ALA A 31 -15.51 -56.85 38.40
N THR A 32 -15.13 -57.62 37.38
CA THR A 32 -13.86 -57.43 36.69
C THR A 32 -14.05 -57.69 35.21
N HIS A 33 -13.44 -56.83 34.39
CA HIS A 33 -13.59 -56.89 32.94
C HIS A 33 -12.59 -55.93 32.31
N ASN A 34 -12.66 -55.80 30.99
CA ASN A 34 -11.89 -54.83 30.20
C ASN A 34 -10.41 -55.16 30.32
N GLN A 35 -9.58 -54.29 30.88
CA GLN A 35 -8.13 -54.38 30.77
C GLN A 35 -7.47 -54.57 32.13
N ALA A 36 -6.18 -54.87 32.09
CA ALA A 36 -5.40 -55.07 33.31
C ALA A 36 -3.93 -54.86 33.01
N MET A 37 -3.21 -54.34 34.01
CA MET A 37 -1.77 -54.14 33.92
C MET A 37 -1.11 -54.88 35.08
N VAL A 38 -0.21 -55.80 34.75
CA VAL A 38 0.49 -56.64 35.72
C VAL A 38 1.97 -56.33 35.66
N HIS A 39 2.57 -56.00 36.80
CA HIS A 39 3.98 -55.66 36.83
C HIS A 39 4.67 -56.20 38.08
N TRP A 40 5.90 -56.66 37.89
CA TRP A 40 6.75 -57.09 38.99
C TRP A 40 7.45 -55.86 39.57
N THR A 41 8.21 -56.08 40.65
CA THR A 41 8.96 -54.98 41.27
C THR A 41 10.19 -55.57 41.95
N GLY A 42 11.36 -55.29 41.38
CA GLY A 42 12.61 -55.63 42.02
C GLY A 42 13.00 -57.09 41.85
N GLU A 43 14.26 -57.37 42.12
CA GLU A 43 14.81 -58.72 42.10
C GLU A 43 15.14 -59.15 43.52
N ASN A 44 14.95 -60.45 43.78
CA ASN A 44 15.09 -61.01 45.13
C ASN A 44 14.10 -60.37 46.09
N SER A 45 12.89 -60.17 45.62
CA SER A 45 11.79 -59.62 46.42
C SER A 45 10.53 -60.46 46.35
N SER A 46 10.19 -60.99 45.17
CA SER A 46 9.02 -61.86 44.98
C SER A 46 7.73 -61.12 45.35
N VAL A 47 7.57 -59.92 44.80
CA VAL A 47 6.37 -59.11 44.99
C VAL A 47 5.84 -58.71 43.63
N ILE A 48 4.52 -58.87 43.44
CA ILE A 48 3.87 -58.61 42.16
C ILE A 48 2.65 -57.73 42.41
N LEU A 49 2.38 -56.80 41.48
CA LEU A 49 1.23 -55.93 41.58
C LEU A 49 0.40 -56.02 40.31
N ILE A 50 -0.92 -55.90 40.48
CA ILE A 50 -1.87 -55.96 39.37
C ILE A 50 -2.89 -54.84 39.54
N LEU A 51 -3.22 -54.19 38.44
CA LEU A 51 -4.25 -53.15 38.41
C LEU A 51 -5.30 -53.56 37.39
N THR A 52 -6.51 -53.83 37.85
CA THR A 52 -7.62 -54.20 36.97
C THR A 52 -8.40 -52.93 36.65
N LYS A 53 -8.40 -52.53 35.37
CA LYS A 53 -8.99 -51.29 34.92
C LYS A 53 -10.09 -51.57 33.92
N TYR A 54 -11.12 -50.71 33.93
CA TYR A 54 -12.32 -50.91 33.12
C TYR A 54 -12.47 -49.71 32.18
N TYR A 55 -12.19 -49.92 30.91
CA TYR A 55 -12.37 -48.86 29.91
C TYR A 55 -13.85 -48.68 29.59
N HIS A 56 -14.13 -47.64 28.80
CA HIS A 56 -15.49 -47.28 28.43
C HIS A 56 -15.52 -46.95 26.95
N ALA A 57 -16.58 -47.39 26.26
CA ALA A 57 -16.71 -47.19 24.83
C ALA A 57 -17.44 -45.86 24.56
N ASP A 58 -17.76 -45.62 23.28
CA ASP A 58 -18.48 -44.42 22.84
C ASP A 58 -17.72 -43.15 23.23
N MET A 59 -16.42 -43.14 22.96
CA MET A 59 -15.55 -41.99 23.18
C MET A 59 -15.53 -41.51 24.63
N GLY A 60 -15.90 -42.39 25.57
CA GLY A 60 -15.90 -42.03 26.96
C GLY A 60 -14.54 -42.19 27.61
N LYS A 61 -14.02 -43.42 27.61
CA LYS A 61 -12.68 -43.73 28.10
C LYS A 61 -12.51 -43.38 29.58
N VAL A 62 -13.61 -43.40 30.33
CA VAL A 62 -13.58 -43.19 31.78
C VAL A 62 -13.33 -44.53 32.44
N LEU A 63 -12.72 -44.51 33.63
CA LEU A 63 -12.11 -45.70 34.20
C LEU A 63 -12.67 -46.02 35.59
N GLU A 64 -12.62 -47.31 35.92
CA GLU A 64 -12.87 -47.83 37.26
C GLU A 64 -11.86 -48.95 37.50
N SER A 65 -11.29 -49.02 38.70
CA SER A 65 -10.14 -49.88 38.89
C SER A 65 -10.15 -50.55 40.26
N SER A 66 -9.31 -51.59 40.36
CA SER A 66 -9.05 -52.30 41.61
C SER A 66 -7.59 -52.72 41.63
N LEU A 67 -7.04 -52.84 42.83
CA LEU A 67 -5.62 -53.12 43.01
C LEU A 67 -5.42 -54.45 43.72
N TRP A 68 -4.48 -55.26 43.22
CA TRP A 68 -4.15 -56.56 43.77
C TRP A 68 -2.65 -56.63 44.02
N ARG A 69 -2.27 -57.27 45.13
CA ARG A 69 -0.86 -57.36 45.50
C ARG A 69 -0.54 -58.77 46.01
N SER A 70 0.60 -59.30 45.56
CA SER A 70 1.07 -60.60 46.02
C SER A 70 2.52 -60.50 46.45
N SER A 71 2.91 -61.37 47.38
CA SER A 71 4.27 -61.41 47.90
C SER A 71 4.76 -62.84 48.00
N ASP A 72 4.43 -63.67 47.01
CA ASP A 72 4.84 -65.07 47.00
C ASP A 72 4.71 -65.68 45.62
N PHE A 73 5.46 -65.16 44.64
CA PHE A 73 5.47 -65.65 43.26
C PHE A 73 4.08 -65.64 42.63
N GLY A 74 3.17 -64.82 43.14
CA GLY A 74 1.84 -64.74 42.57
C GLY A 74 0.95 -65.93 42.84
N THR A 75 1.01 -66.49 44.05
CA THR A 75 0.14 -67.60 44.42
C THR A 75 -1.03 -67.17 45.32
N THR A 76 -0.87 -66.08 46.07
CA THR A 76 -1.92 -65.57 46.95
C THR A 76 -1.99 -64.06 46.77
N TYR A 77 -3.03 -63.58 46.10
CA TYR A 77 -3.22 -62.16 45.85
C TYR A 77 -4.24 -61.61 46.83
N THR A 78 -3.92 -60.46 47.43
CA THR A 78 -4.82 -59.73 48.30
C THR A 78 -5.29 -58.47 47.58
N LYS A 79 -6.60 -58.22 47.63
CA LYS A 79 -7.17 -57.02 47.02
C LYS A 79 -6.99 -55.85 47.98
N LEU A 80 -6.12 -54.92 47.62
CA LEU A 80 -5.84 -53.78 48.48
C LEU A 80 -6.93 -52.72 48.36
N THR A 81 -7.18 -52.05 49.47
CA THR A 81 -8.15 -50.96 49.52
C THR A 81 -7.51 -49.79 50.25
N LEU A 82 -8.08 -48.59 50.03
CA LEU A 82 -7.55 -47.36 50.60
C LEU A 82 -8.71 -46.54 51.14
N GLN A 83 -8.84 -46.51 52.48
CA GLN A 83 -9.81 -45.71 53.22
C GLN A 83 -11.25 -46.17 52.95
N PRO A 84 -12.22 -45.77 53.77
CA PRO A 84 -13.62 -46.12 53.47
C PRO A 84 -14.07 -45.69 52.09
N GLY A 85 -13.65 -44.52 51.62
CA GLY A 85 -13.95 -44.11 50.26
C GLY A 85 -12.96 -44.67 49.27
N VAL A 86 -13.44 -45.53 48.37
CA VAL A 86 -12.56 -46.22 47.43
C VAL A 86 -12.13 -45.24 46.35
N THR A 87 -10.82 -44.99 46.26
CA THR A 87 -10.27 -44.12 45.24
C THR A 87 -10.04 -44.90 43.95
N THR A 88 -10.49 -44.32 42.83
CA THR A 88 -10.35 -44.96 41.53
C THR A 88 -8.98 -44.62 40.95
N VAL A 89 -8.07 -45.60 40.97
CA VAL A 89 -6.73 -45.43 40.43
C VAL A 89 -6.80 -45.50 38.90
N ILE A 90 -6.13 -44.58 38.23
CA ILE A 90 -6.16 -44.54 36.77
C ILE A 90 -5.28 -45.65 36.22
N ASP A 91 -5.31 -45.83 34.90
CA ASP A 91 -4.57 -46.93 34.28
C ASP A 91 -3.09 -46.87 34.60
N ASN A 92 -2.50 -45.68 34.54
CA ASN A 92 -1.07 -45.51 34.61
C ASN A 92 -0.63 -45.41 36.06
N PHE A 93 0.17 -46.39 36.51
CA PHE A 93 0.91 -46.29 37.75
C PHE A 93 2.39 -46.39 37.42
N TYR A 94 3.19 -45.52 38.02
CA TYR A 94 4.57 -45.31 37.60
C TYR A 94 5.54 -45.81 38.65
N ILE A 95 6.53 -46.60 38.21
CA ILE A 95 7.56 -47.12 39.07
C ILE A 95 8.82 -46.30 38.88
N CYS A 96 9.72 -46.35 39.86
CA CYS A 96 10.97 -45.63 39.74
C CYS A 96 11.97 -46.43 38.92
N PRO A 97 12.73 -45.78 38.04
CA PRO A 97 13.73 -46.50 37.25
C PRO A 97 14.92 -46.90 38.09
N ALA A 98 15.61 -47.94 37.62
CA ALA A 98 16.81 -48.48 38.29
C ALA A 98 16.51 -48.87 39.74
N LYS A 102 16.02 -49.43 44.01
CA LYS A 102 15.16 -48.27 43.90
C LYS A 102 13.72 -48.69 43.64
N ILE A 103 13.03 -49.10 44.71
CA ILE A 103 11.65 -49.57 44.64
C ILE A 103 10.77 -48.47 45.22
N ILE A 104 10.17 -47.67 44.35
CA ILE A 104 9.21 -46.63 44.75
C ILE A 104 8.07 -46.65 43.74
N LEU A 105 6.83 -46.65 44.24
CA LEU A 105 5.64 -46.75 43.40
C LEU A 105 4.78 -45.52 43.59
N VAL A 106 4.24 -44.99 42.47
CA VAL A 106 3.35 -43.84 42.49
C VAL A 106 2.08 -44.21 41.75
N SER A 107 0.94 -43.95 42.36
CA SER A 107 -0.37 -44.18 41.76
C SER A 107 -1.11 -42.85 41.62
N SER A 108 -1.78 -42.68 40.49
CA SER A 108 -2.53 -41.46 40.21
C SER A 108 -4.02 -41.78 40.18
N SER A 109 -4.83 -40.80 40.59
CA SER A 109 -6.28 -40.97 40.58
C SER A 109 -6.92 -39.80 39.82
N LEU A 110 -8.04 -40.09 39.16
CA LEU A 110 -8.78 -39.09 38.42
C LEU A 110 -10.27 -39.36 38.54
N GLY A 111 -11.03 -38.29 38.74
CA GLY A 111 -12.48 -38.31 38.74
C GLY A 111 -13.01 -37.18 37.87
N ASP A 112 -14.15 -36.63 38.29
CA ASP A 112 -14.72 -35.47 37.63
C ASP A 112 -14.07 -34.23 38.24
N ARG A 113 -12.94 -33.82 37.65
CA ARG A 113 -12.24 -32.60 38.03
C ARG A 113 -11.78 -32.62 39.49
N GLU A 114 -11.37 -33.80 39.96
CA GLU A 114 -10.79 -33.97 41.30
C GLU A 114 -9.79 -35.11 41.25
N GLN A 115 -8.57 -34.85 41.71
CA GLN A 115 -7.46 -35.79 41.56
C GLN A 115 -6.71 -35.96 42.88
N SER A 116 -5.89 -37.00 42.93
CA SER A 116 -5.03 -37.27 44.08
C SER A 116 -3.92 -38.23 43.64
N LEU A 117 -2.96 -38.44 44.56
CA LEU A 117 -1.83 -39.32 44.31
C LEU A 117 -1.58 -40.17 45.54
N PHE A 118 -0.94 -41.32 45.31
CA PHE A 118 -0.54 -42.23 46.38
C PHE A 118 0.92 -42.62 46.17
N LEU A 119 1.70 -42.58 47.24
CA LEU A 119 3.12 -42.88 47.21
C LEU A 119 3.42 -44.08 48.08
N SER A 120 4.35 -44.92 47.64
CA SER A 120 4.79 -46.04 48.46
C SER A 120 6.28 -46.28 48.24
N THR A 121 7.01 -46.50 49.33
CA THR A 121 8.42 -46.83 49.28
C THR A 121 8.71 -48.20 49.92
N ASP A 122 7.67 -49.00 50.14
CA ASP A 122 7.79 -50.30 50.79
C ASP A 122 7.22 -51.40 49.91
N GLU A 123 7.49 -51.33 48.61
CA GLU A 123 6.98 -52.29 47.63
C GLU A 123 5.46 -52.39 47.68
N GLY A 124 4.81 -51.23 47.82
CA GLY A 124 3.36 -51.19 47.87
C GLY A 124 2.76 -51.71 49.16
N ALA A 125 3.47 -51.59 50.27
CA ALA A 125 2.95 -52.04 51.55
C ALA A 125 2.10 -50.97 52.24
N THR A 126 2.52 -49.72 52.20
CA THR A 126 1.82 -48.61 52.84
C THR A 126 1.74 -47.46 51.86
N PHE A 127 0.55 -47.26 51.27
CA PHE A 127 0.32 -46.16 50.34
C PHE A 127 -0.13 -44.92 51.11
N GLN A 128 0.67 -43.87 51.07
CA GLN A 128 0.33 -42.59 51.68
C GLN A 128 -0.32 -41.70 50.63
N LYS A 129 -1.44 -41.09 51.00
CA LYS A 129 -2.20 -40.24 50.09
C LYS A 129 -1.72 -38.80 50.16
N TYR A 130 -1.70 -38.13 49.01
CA TYR A 130 -1.36 -36.73 48.90
C TYR A 130 -2.25 -36.08 47.84
N PRO A 131 -2.49 -34.78 47.94
CA PRO A 131 -3.32 -34.10 46.95
C PRO A 131 -2.48 -33.51 45.82
N VAL A 132 -3.18 -33.10 44.76
CA VAL A 132 -2.57 -32.49 43.58
C VAL A 132 -3.25 -31.14 43.36
N PRO A 133 -2.51 -30.03 43.28
CA PRO A 133 -3.14 -28.73 43.04
C PRO A 133 -3.31 -28.42 41.55
N PHE A 134 -3.36 -29.45 40.71
CA PHE A 134 -3.49 -29.27 39.28
C PHE A 134 -3.93 -30.59 38.65
N LEU A 135 -4.21 -30.54 37.35
CA LEU A 135 -4.67 -31.72 36.62
C LEU A 135 -3.50 -32.68 36.41
N VAL A 136 -3.71 -33.71 35.59
CA VAL A 136 -2.66 -34.69 35.31
C VAL A 136 -2.92 -35.30 33.94
N GLU A 137 -1.82 -35.62 33.24
CA GLU A 137 -1.90 -36.36 31.99
C GLU A 137 -0.82 -37.45 31.98
N THR A 138 0.41 -37.09 32.31
CA THR A 138 1.50 -38.05 32.37
C THR A 138 2.58 -37.54 33.31
N LEU A 139 3.51 -38.43 33.65
CA LEU A 139 4.62 -38.13 34.54
C LEU A 139 5.93 -38.60 33.89
N LEU A 140 7.04 -38.22 34.49
CA LEU A 140 8.34 -38.68 34.01
C LEU A 140 9.38 -38.53 35.12
N PHE A 141 10.04 -39.63 35.46
CA PHE A 141 11.08 -39.64 36.49
C PHE A 141 12.42 -39.22 35.91
N HIS A 142 13.39 -39.04 36.79
CA HIS A 142 14.79 -38.80 36.45
C HIS A 142 15.50 -40.12 36.23
N PRO A 143 16.43 -40.18 35.26
CA PRO A 143 17.15 -41.44 35.01
C PRO A 143 17.82 -42.05 36.24
N LYS A 144 18.41 -41.23 37.10
CA LYS A 144 19.12 -41.73 38.28
C LYS A 144 18.54 -41.26 39.60
N GLU A 145 18.01 -40.04 39.68
CA GLU A 145 17.45 -39.53 40.92
C GLU A 145 16.07 -40.12 41.15
N GLU A 146 15.91 -40.85 42.25
CA GLU A 146 14.67 -41.57 42.51
C GLU A 146 13.55 -40.66 42.99
N ASP A 147 13.87 -39.54 43.62
CA ASP A 147 12.88 -38.67 44.22
C ASP A 147 12.51 -37.47 43.35
N LYS A 148 13.16 -37.28 42.20
CA LYS A 148 12.86 -36.18 41.31
C LYS A 148 11.97 -36.66 40.17
N VAL A 149 10.93 -35.89 39.86
CA VAL A 149 9.94 -36.30 38.86
C VAL A 149 9.19 -35.06 38.41
N LEU A 150 8.86 -35.01 37.12
CA LEU A 150 8.08 -33.92 36.56
C LEU A 150 6.74 -34.46 36.04
N ALA A 151 5.81 -33.52 35.86
CA ALA A 151 4.41 -33.84 35.56
C ALA A 151 3.89 -32.92 34.46
N TYR A 152 3.11 -33.50 33.56
CA TYR A 152 2.47 -32.78 32.46
C TYR A 152 1.01 -32.55 32.84
N THR A 153 0.63 -31.29 33.03
CA THR A 153 -0.72 -30.94 33.39
C THR A 153 -1.59 -30.84 32.13
N LYS A 154 -2.73 -31.53 32.18
CA LYS A 154 -3.59 -31.77 31.02
C LYS A 154 -3.83 -30.50 30.19
N ASP A 155 -3.97 -29.35 30.85
CA ASP A 155 -4.16 -28.10 30.11
C ASP A 155 -2.81 -27.55 29.67
N SER A 156 -1.86 -28.43 29.37
CA SER A 156 -0.54 -28.10 28.83
C SER A 156 0.23 -27.20 29.81
N LYS A 157 0.60 -27.78 30.94
CA LYS A 157 1.52 -27.15 31.87
C LYS A 157 2.61 -28.15 32.25
N LEU A 158 3.70 -27.65 32.82
CA LEU A 158 4.81 -28.50 33.25
C LEU A 158 5.18 -28.17 34.68
N TYR A 159 4.95 -29.11 35.60
CA TYR A 159 5.38 -28.97 36.99
C TYR A 159 6.52 -29.94 37.28
N VAL A 160 7.23 -29.69 38.37
CA VAL A 160 8.36 -30.51 38.76
C VAL A 160 8.38 -30.63 40.28
N SER A 161 8.98 -31.71 40.77
CA SER A 161 9.06 -31.96 42.21
C SER A 161 10.31 -32.77 42.50
N SER A 162 11.01 -32.38 43.57
CA SER A 162 12.22 -33.06 44.01
C SER A 162 12.01 -33.83 45.31
N ASP A 163 10.77 -33.99 45.76
CA ASP A 163 10.44 -34.70 46.99
C ASP A 163 9.39 -35.76 46.74
N LEU A 164 9.55 -36.52 45.66
CA LEU A 164 8.68 -37.65 45.33
C LEU A 164 7.24 -37.20 45.07
N GLY A 165 7.06 -35.95 44.65
CA GLY A 165 5.74 -35.46 44.31
C GLY A 165 4.85 -35.09 45.48
N LYS A 166 5.43 -34.86 46.66
CA LYS A 166 4.63 -34.40 47.79
C LYS A 166 4.31 -32.91 47.66
N LYS A 167 5.31 -32.10 47.32
CA LYS A 167 5.13 -30.69 47.03
C LYS A 167 5.50 -30.43 45.58
N TRP A 168 4.96 -29.35 45.02
CA TRP A 168 5.11 -29.08 43.60
C TRP A 168 5.43 -27.61 43.36
N THR A 169 6.05 -27.35 42.22
CA THR A 169 6.33 -26.01 41.75
C THR A 169 6.17 -25.98 40.22
N LEU A 170 5.99 -24.78 39.69
CA LEU A 170 5.65 -24.60 38.28
C LEU A 170 6.87 -24.22 37.46
N LEU A 171 6.90 -24.68 36.21
CA LEU A 171 7.98 -24.37 35.29
C LEU A 171 7.50 -23.59 34.08
N GLN A 172 6.84 -24.28 33.14
CA GLN A 172 6.39 -23.68 31.89
C GLN A 172 4.90 -23.90 31.72
N GLU A 173 4.27 -23.01 30.94
CA GLU A 173 2.81 -22.96 30.84
C GLU A 173 2.25 -23.23 29.45
N ARG A 174 3.10 -23.39 28.43
CA ARG A 174 2.62 -23.66 27.08
C ARG A 174 3.50 -24.74 26.43
N VAL A 175 3.72 -25.83 27.15
CA VAL A 175 4.57 -26.90 26.66
C VAL A 175 3.84 -27.71 25.60
N THR A 176 4.61 -28.39 24.76
CA THR A 176 4.08 -29.25 23.72
C THR A 176 3.98 -30.69 24.24
N LYS A 177 3.15 -31.48 23.56
CA LYS A 177 2.84 -32.83 24.02
C LYS A 177 4.03 -33.75 23.79
N ASP A 178 4.60 -34.26 24.88
CA ASP A 178 5.64 -35.30 24.84
C ASP A 178 6.86 -34.87 24.03
N HIS A 179 7.36 -33.68 24.33
CA HIS A 179 8.63 -33.20 23.79
C HIS A 179 9.50 -32.61 24.90
N VAL A 180 9.49 -33.25 26.06
CA VAL A 180 10.26 -32.82 27.22
C VAL A 180 11.19 -33.96 27.62
N PHE A 181 12.46 -33.63 27.83
CA PHE A 181 13.47 -34.65 28.09
C PHE A 181 14.39 -34.19 29.21
N TRP A 182 14.84 -35.15 30.01
CA TRP A 182 15.87 -34.89 31.02
C TRP A 182 17.25 -34.90 30.40
N ALA A 183 18.20 -34.29 31.09
CA ALA A 183 19.58 -34.30 30.64
C ALA A 183 20.16 -35.72 30.75
N VAL A 184 21.22 -35.96 29.99
CA VAL A 184 21.85 -37.27 29.98
C VAL A 184 22.57 -37.49 31.31
N SER A 185 22.64 -38.75 31.74
CA SER A 185 23.33 -39.07 33.00
C SER A 185 24.83 -38.91 32.84
N GLY A 186 25.39 -39.42 31.74
CA GLY A 186 26.81 -39.32 31.49
C GLY A 186 27.24 -38.01 30.88
N VAL A 187 26.41 -37.46 30.00
CA VAL A 187 26.76 -36.26 29.23
C VAL A 187 26.00 -35.08 29.82
N ASP A 188 26.46 -33.88 29.45
CA ASP A 188 25.94 -32.54 29.78
C ASP A 188 26.41 -32.04 31.14
N ASP A 189 27.07 -32.88 31.95
CA ASP A 189 27.73 -32.46 33.18
C ASP A 189 26.78 -31.89 34.24
N ASP A 190 25.49 -31.77 33.91
CA ASP A 190 24.51 -31.16 34.81
C ASP A 190 23.32 -32.10 34.93
N PRO A 191 22.97 -32.53 36.15
CA PRO A 191 21.85 -33.47 36.32
C PRO A 191 20.49 -32.81 36.43
N ASN A 192 20.42 -31.50 36.63
CA ASN A 192 19.16 -30.81 36.86
C ASN A 192 18.65 -30.08 35.63
N LEU A 193 19.22 -30.34 34.45
CA LEU A 193 18.74 -29.69 33.23
C LEU A 193 17.41 -30.28 32.80
N VAL A 194 16.57 -29.42 32.22
CA VAL A 194 15.30 -29.82 31.64
C VAL A 194 15.17 -29.12 30.30
N HIS A 195 15.12 -29.90 29.22
CA HIS A 195 14.92 -29.40 27.87
C HIS A 195 13.44 -29.40 27.54
N VAL A 196 12.91 -28.25 27.15
CA VAL A 196 11.47 -28.08 26.94
C VAL A 196 11.24 -27.41 25.59
N GLU A 197 10.09 -27.71 24.98
CA GLU A 197 9.60 -27.00 23.82
C GLU A 197 8.29 -26.32 24.21
N ALA A 198 8.20 -25.01 24.00
CA ALA A 198 7.04 -24.26 24.46
C ALA A 198 6.67 -23.19 23.44
N GLN A 199 5.42 -22.74 23.53
CA GLN A 199 4.86 -21.78 22.58
C GLN A 199 5.17 -20.35 23.03
N ASP A 200 5.89 -19.62 22.19
CA ASP A 200 6.24 -18.22 22.40
C ASP A 200 5.47 -17.34 21.43
N LEU A 201 5.23 -16.10 21.88
CA LEU A 201 4.53 -15.07 21.10
C LEU A 201 3.15 -15.60 20.73
N SER A 202 2.63 -15.15 19.59
CA SER A 202 1.44 -15.72 18.98
C SER A 202 1.90 -16.48 17.74
N GLY A 203 1.79 -17.79 17.77
CA GLY A 203 2.25 -18.61 16.66
C GLY A 203 3.75 -18.77 16.56
N GLY A 204 4.44 -18.93 17.68
CA GLY A 204 5.84 -19.30 17.67
C GLY A 204 6.09 -20.44 18.62
N TYR A 205 7.13 -21.22 18.32
CA TYR A 205 7.57 -22.30 19.20
C TYR A 205 9.07 -22.21 19.39
N ARG A 206 9.52 -22.40 20.63
CA ARG A 206 10.92 -22.21 20.98
C ARG A 206 11.37 -23.31 21.93
N TYR A 207 12.70 -23.47 22.01
CA TYR A 207 13.34 -24.51 22.80
C TYR A 207 14.01 -23.87 24.01
N TYR A 208 13.49 -24.17 25.20
CA TYR A 208 13.97 -23.62 26.46
C TYR A 208 14.76 -24.67 27.22
N THR A 209 15.62 -24.20 28.13
CA THR A 209 16.43 -25.07 28.97
C THR A 209 16.46 -24.51 30.39
N CYS A 210 15.79 -25.18 31.32
CA CYS A 210 15.66 -24.72 32.69
C CYS A 210 16.29 -25.70 33.67
N LEU A 211 16.35 -25.27 34.93
CA LEU A 211 16.77 -26.12 36.03
C LEU A 211 15.57 -26.41 36.91
N ILE A 212 15.66 -27.47 37.70
CA ILE A 212 14.52 -27.88 38.53
C ILE A 212 14.21 -26.79 39.55
N TYR A 213 15.22 -26.38 40.31
CA TYR A 213 15.02 -25.48 41.44
C TYR A 213 14.83 -24.03 40.99
N ASN A 214 15.51 -23.61 39.93
CA ASN A 214 15.48 -22.21 39.48
C ASN A 214 15.24 -22.15 37.97
N CYS A 215 13.97 -22.04 37.59
CA CYS A 215 13.55 -21.84 36.21
C CYS A 215 13.04 -20.41 35.99
N SER A 216 13.17 -19.55 37.01
CA SER A 216 12.62 -18.20 36.99
C SER A 216 13.21 -17.36 35.87
N ALA A 217 14.49 -17.00 35.99
CA ALA A 217 15.17 -16.21 34.97
C ALA A 217 16.48 -16.83 34.52
N GLN A 218 16.76 -18.06 34.95
CA GLN A 218 17.99 -18.78 34.61
C GLN A 218 18.00 -19.43 33.21
N PRO A 219 16.86 -19.78 32.60
CA PRO A 219 16.92 -20.43 31.28
C PRO A 219 17.66 -19.61 30.24
N HIS A 220 18.11 -20.30 29.20
CA HIS A 220 18.79 -19.68 28.08
C HIS A 220 18.42 -20.46 26.82
N ILE A 221 18.71 -19.87 25.67
CA ILE A 221 18.27 -20.41 24.38
C ILE A 221 19.51 -20.79 23.57
N ALA A 222 19.69 -22.09 23.36
CA ALA A 222 20.80 -22.58 22.54
C ALA A 222 20.62 -22.20 21.07
N PRO A 223 19.43 -22.32 20.47
CA PRO A 223 19.30 -21.86 19.08
C PRO A 223 18.97 -20.37 19.03
N PHE A 224 19.59 -19.67 18.08
CA PHE A 224 19.41 -18.23 17.96
C PHE A 224 17.99 -17.87 17.51
N SER A 225 17.55 -18.42 16.38
CA SER A 225 16.27 -18.03 15.81
C SER A 225 15.11 -18.53 16.66
N GLY A 226 15.03 -19.85 16.87
CA GLY A 226 14.02 -20.47 17.67
C GLY A 226 12.59 -20.59 17.14
N PRO A 227 12.38 -20.78 15.82
CA PRO A 227 11.04 -21.19 15.35
C PRO A 227 11.00 -22.69 15.11
N ILE A 228 9.90 -23.35 15.47
CA ILE A 228 9.78 -24.79 15.36
C ILE A 228 8.31 -25.12 15.11
N ASP A 229 8.08 -26.18 14.36
CA ASP A 229 6.72 -26.72 14.19
C ASP A 229 6.55 -28.01 14.99
N ARG A 230 6.81 -27.88 16.29
CA ARG A 230 6.76 -28.98 17.24
C ARG A 230 7.62 -30.16 16.80
N GLY A 231 8.94 -30.03 16.96
CA GLY A 231 9.85 -31.06 16.52
C GLY A 231 11.16 -31.11 17.29
N SER A 232 11.10 -30.82 18.59
CA SER A 232 12.27 -30.95 19.45
C SER A 232 12.44 -32.41 19.86
N LEU A 233 13.63 -32.95 19.64
CA LEU A 233 13.88 -34.37 19.92
C LEU A 233 15.31 -34.55 20.37
N THR A 234 15.50 -35.11 21.57
CA THR A 234 16.82 -35.46 22.09
C THR A 234 16.77 -36.92 22.52
N VAL A 235 17.40 -37.80 21.73
CA VAL A 235 17.43 -39.22 22.07
C VAL A 235 18.32 -39.43 23.30
N GLN A 236 18.12 -40.57 23.96
CA GLN A 236 18.83 -40.95 25.18
C GLN A 236 20.32 -40.69 25.13
N ASP A 237 20.94 -40.84 23.96
CA ASP A 237 22.38 -40.67 23.83
C ASP A 237 22.72 -39.18 23.63
N GLU A 238 23.93 -38.88 23.17
CA GLU A 238 24.54 -37.56 23.23
C GLU A 238 24.02 -36.59 22.17
N TYR A 239 23.16 -37.01 21.27
CA TYR A 239 22.76 -36.17 20.15
C TYR A 239 21.52 -35.35 20.49
N ILE A 240 21.39 -34.20 19.83
CA ILE A 240 20.23 -33.33 19.98
C ILE A 240 19.81 -32.87 18.59
N PHE A 241 18.50 -32.82 18.34
CA PHE A 241 17.98 -32.48 17.03
C PHE A 241 17.03 -31.28 17.12
N LEU A 242 16.82 -30.64 15.97
CA LEU A 242 15.93 -29.49 15.89
C LEU A 242 15.41 -29.38 14.47
N LYS A 243 14.18 -28.91 14.31
CA LYS A 243 13.51 -28.85 13.02
C LYS A 243 12.94 -27.45 12.83
N ALA A 244 13.61 -26.63 12.01
CA ALA A 244 13.23 -25.24 11.81
C ALA A 244 12.40 -25.12 10.55
N THR A 245 11.17 -24.62 10.70
CA THR A 245 10.30 -24.37 9.55
C THR A 245 10.63 -23.01 8.94
N SER A 246 10.61 -22.95 7.61
CA SER A 246 10.92 -21.70 6.92
C SER A 246 9.90 -21.40 5.83
N THR A 247 10.18 -20.42 4.99
CA THR A 247 9.25 -19.99 3.96
C THR A 247 9.23 -20.99 2.80
N ASN A 248 10.30 -21.00 2.00
CA ASN A 248 10.34 -21.83 0.80
C ASN A 248 10.62 -23.29 1.14
N ARG A 249 11.71 -23.55 1.87
CA ARG A 249 12.13 -24.90 2.18
C ARG A 249 12.58 -24.98 3.63
N THR A 250 12.09 -25.99 4.35
CA THR A 250 12.41 -26.13 5.76
C THR A 250 13.85 -26.64 5.93
N LYS A 251 14.34 -26.53 7.16
CA LYS A 251 15.70 -26.94 7.48
C LYS A 251 15.71 -27.74 8.78
N TYR A 252 16.82 -28.45 9.00
CA TYR A 252 16.96 -29.31 10.17
C TYR A 252 18.36 -29.17 10.73
N TYR A 253 18.47 -28.95 12.03
CA TYR A 253 19.74 -28.70 12.70
C TYR A 253 20.02 -29.81 13.70
N VAL A 254 21.31 -29.97 14.02
CA VAL A 254 21.78 -31.05 14.88
C VAL A 254 22.85 -30.49 15.82
N SER A 255 22.99 -31.11 16.98
CA SER A 255 23.96 -30.70 18.00
C SER A 255 24.58 -31.94 18.60
N TYR A 256 25.91 -32.05 18.48
CA TYR A 256 26.67 -33.15 19.04
C TYR A 256 27.31 -32.71 20.35
N ARG A 257 27.08 -33.50 21.40
CA ARG A 257 27.61 -33.20 22.74
C ARG A 257 27.21 -31.81 23.21
N ARG A 258 25.99 -31.40 22.85
CA ARG A 258 25.42 -30.11 23.24
C ARG A 258 26.35 -28.96 22.86
N SER A 259 26.84 -29.00 21.63
CA SER A 259 27.68 -27.95 21.07
C SER A 259 26.80 -27.01 20.24
N ASP A 260 27.45 -26.18 19.42
CA ASP A 260 26.71 -25.29 18.53
C ASP A 260 25.98 -26.10 17.47
N PHE A 261 24.78 -25.62 17.11
CA PHE A 261 23.98 -26.32 16.12
C PHE A 261 24.54 -26.12 14.72
N VAL A 262 24.41 -27.16 13.89
CA VAL A 262 24.88 -27.14 12.51
C VAL A 262 23.76 -27.66 11.62
N LEU A 263 23.61 -27.05 10.44
CA LEU A 263 22.61 -27.49 9.48
C LEU A 263 22.99 -28.85 8.92
N MET A 264 22.06 -29.80 8.98
CA MET A 264 22.34 -31.16 8.53
C MET A 264 22.45 -31.20 7.01
N LYS A 265 23.44 -31.95 6.53
CA LYS A 265 23.72 -32.02 5.08
C LYS A 265 23.02 -33.25 4.52
N LEU A 266 21.92 -33.02 3.81
CA LEU A 266 21.21 -34.01 3.03
C LEU A 266 21.59 -33.88 1.56
N PRO A 267 21.22 -34.85 0.72
CA PRO A 267 21.40 -34.67 -0.73
C PRO A 267 20.77 -33.37 -1.21
N LYS A 268 21.56 -32.59 -1.96
CA LYS A 268 21.19 -31.21 -2.27
C LYS A 268 19.87 -31.13 -3.02
N TYR A 269 19.66 -32.01 -4.00
CA TYR A 269 18.50 -31.94 -4.85
C TYR A 269 17.45 -33.01 -4.56
N ALA A 270 17.76 -33.98 -3.72
CA ALA A 270 16.75 -34.91 -3.21
C ALA A 270 15.99 -34.15 -2.12
N LEU A 271 14.94 -33.44 -2.53
CA LEU A 271 14.24 -32.56 -1.61
C LEU A 271 13.44 -33.37 -0.59
N PRO A 272 13.51 -33.01 0.69
CA PRO A 272 12.78 -33.75 1.72
C PRO A 272 11.40 -33.18 2.00
N LYS A 273 10.52 -34.06 2.44
CA LYS A 273 9.19 -33.69 2.93
C LYS A 273 9.11 -33.82 4.45
N ASP A 274 9.27 -35.03 4.97
CA ASP A 274 9.31 -35.27 6.40
C ASP A 274 10.46 -36.22 6.72
N LEU A 275 10.93 -36.16 7.95
CA LEU A 275 11.99 -37.05 8.41
C LEU A 275 11.69 -37.49 9.84
N GLN A 276 12.39 -38.55 10.26
CA GLN A 276 12.18 -39.15 11.57
C GLN A 276 13.46 -39.86 11.99
N ILE A 277 13.84 -39.66 13.25
CA ILE A 277 15.07 -40.24 13.79
C ILE A 277 14.76 -41.66 14.25
N ILE A 278 15.33 -42.66 13.56
CA ILE A 278 15.02 -44.04 13.90
C ILE A 278 15.78 -44.48 15.15
N SER A 279 17.11 -44.47 15.07
CA SER A 279 17.93 -44.90 16.20
C SER A 279 19.28 -44.19 16.14
N THR A 280 19.61 -43.48 17.21
CA THR A 280 20.95 -42.91 17.39
C THR A 280 21.72 -43.79 18.38
N ASP A 281 22.08 -44.98 17.90
CA ASP A 281 22.73 -45.97 18.73
C ASP A 281 24.23 -45.90 18.55
N GLU A 282 24.96 -46.14 19.65
CA GLU A 282 26.43 -46.07 19.70
C GLU A 282 26.87 -44.69 19.23
N GLN A 283 27.69 -44.58 18.18
CA GLN A 283 28.34 -43.33 17.83
C GLN A 283 27.81 -42.71 16.54
N GLN A 284 26.74 -43.25 15.96
CA GLN A 284 26.20 -42.70 14.72
C GLN A 284 24.69 -42.66 14.78
N VAL A 285 24.10 -42.01 13.77
CA VAL A 285 22.68 -41.71 13.73
C VAL A 285 22.06 -42.37 12.51
N PHE A 286 20.84 -42.88 12.66
CA PHE A 286 20.05 -43.43 11.55
C PHE A 286 18.78 -42.62 11.41
N VAL A 287 18.54 -42.08 10.22
CA VAL A 287 17.38 -41.24 9.98
C VAL A 287 16.62 -41.79 8.77
N ALA A 288 15.31 -41.55 8.75
CA ALA A 288 14.47 -41.87 7.61
C ALA A 288 13.88 -40.57 7.06
N VAL A 289 13.96 -40.40 5.76
CA VAL A 289 13.51 -39.18 5.08
C VAL A 289 12.65 -39.57 3.90
N GLN A 290 11.43 -39.03 3.84
CA GLN A 290 10.56 -39.23 2.69
C GLN A 290 10.86 -38.12 1.68
N GLU A 291 11.44 -38.50 0.54
CA GLU A 291 11.82 -37.50 -0.46
C GLU A 291 10.62 -37.02 -1.26
N TRP A 292 10.00 -37.91 -2.01
CA TRP A 292 8.82 -37.58 -2.81
C TRP A 292 7.56 -37.97 -2.06
N ASN A 293 6.53 -37.15 -2.18
CA ASN A 293 5.30 -37.33 -1.40
C ASN A 293 4.50 -38.53 -1.92
N GLN A 294 5.05 -39.73 -1.76
CA GLN A 294 4.35 -40.95 -2.13
C GLN A 294 3.44 -41.45 -1.01
N VAL A 295 3.62 -40.97 0.21
CA VAL A 295 2.90 -41.44 1.39
C VAL A 295 3.01 -42.96 1.45
N ASP A 296 4.24 -43.46 1.28
CA ASP A 296 4.44 -44.90 1.15
C ASP A 296 5.89 -45.30 1.44
N THR A 297 6.83 -44.67 0.76
CA THR A 297 8.23 -45.06 0.81
C THR A 297 9.07 -44.00 1.53
N TYR A 298 9.96 -44.47 2.40
CA TYR A 298 10.98 -43.64 3.03
C TYR A 298 12.36 -44.12 2.63
N ASN A 299 13.34 -43.23 2.76
CA ASN A 299 14.73 -43.54 2.47
C ASN A 299 15.52 -43.53 3.78
N LEU A 300 16.34 -44.57 3.98
CA LEU A 300 17.14 -44.71 5.20
C LEU A 300 18.54 -44.17 4.95
N TYR A 301 18.95 -43.20 5.76
CA TYR A 301 20.24 -42.53 5.67
C TYR A 301 21.02 -42.69 6.97
N GLN A 302 22.34 -42.67 6.85
CA GLN A 302 23.27 -42.82 7.95
C GLN A 302 24.21 -41.64 8.00
N SER A 303 24.59 -41.23 9.21
CA SER A 303 25.39 -40.03 9.45
C SER A 303 26.81 -40.41 9.84
N ASP A 304 27.60 -39.39 10.17
CA ASP A 304 28.95 -39.54 10.66
C ASP A 304 28.94 -39.50 12.19
N LEU A 305 30.08 -39.13 12.80
CA LEU A 305 30.16 -39.08 14.25
C LEU A 305 29.32 -37.94 14.82
N ARG A 306 29.44 -36.74 14.24
CA ARG A 306 28.66 -35.60 14.72
C ARG A 306 27.22 -35.62 14.26
N GLY A 307 26.90 -36.42 13.23
CA GLY A 307 25.54 -36.46 12.73
C GLY A 307 25.20 -35.34 11.77
N VAL A 308 26.09 -35.04 10.83
CA VAL A 308 25.91 -33.95 9.89
C VAL A 308 25.99 -34.44 8.44
N ARG A 309 27.05 -35.17 8.10
CA ARG A 309 27.25 -35.67 6.74
C ARG A 309 26.48 -36.97 6.59
N TYR A 310 25.32 -36.91 5.93
CA TYR A 310 24.46 -38.06 5.73
C TYR A 310 24.69 -38.66 4.35
N SER A 311 24.64 -39.99 4.29
CA SER A 311 24.79 -40.73 3.05
C SER A 311 23.68 -41.77 2.93
N LEU A 312 23.45 -42.22 1.70
CA LEU A 312 22.37 -43.16 1.44
C LEU A 312 22.67 -44.54 2.00
N VAL A 313 21.63 -45.24 2.44
CA VAL A 313 21.77 -46.60 2.94
C VAL A 313 20.71 -47.50 2.29
N LEU A 314 19.44 -47.13 2.42
CA LEU A 314 18.36 -47.94 1.87
C LEU A 314 17.37 -47.07 1.13
N GLU A 315 16.81 -47.61 0.04
CA GLU A 315 16.00 -46.81 -0.87
C GLU A 315 14.55 -46.68 -0.39
N ASN A 316 13.82 -47.80 -0.30
CA ASN A 316 12.40 -47.76 -0.03
C ASN A 316 12.05 -48.61 1.19
N VAL A 317 11.18 -48.07 2.03
CA VAL A 317 10.66 -48.77 3.21
C VAL A 317 9.18 -48.44 3.35
N ARG A 318 8.41 -49.40 3.87
CA ARG A 318 6.99 -49.18 4.09
C ARG A 318 6.76 -48.10 5.14
N SER A 319 5.61 -47.45 5.05
CA SER A 319 5.27 -46.37 5.98
C SER A 319 3.76 -46.20 6.03
N SER A 320 3.21 -46.12 7.24
CA SER A 320 1.78 -45.93 7.44
C SER A 320 1.55 -44.84 8.47
N ARG A 321 0.31 -44.38 8.55
CA ARG A 321 -0.12 -43.38 9.53
C ARG A 321 -1.26 -44.00 10.33
N GLN A 322 -0.91 -44.75 11.38
CA GLN A 322 -1.92 -45.40 12.20
C GLN A 322 -2.63 -44.38 13.10
N ALA A 323 -1.89 -43.76 14.01
CA ALA A 323 -2.42 -42.68 14.81
C ALA A 323 -2.33 -41.35 14.03
N GLU A 324 -2.98 -40.33 14.56
CA GLU A 324 -2.98 -39.02 13.89
C GLU A 324 -1.58 -38.42 13.90
N GLU A 325 -0.93 -38.39 15.06
CA GLU A 325 0.38 -37.78 15.20
C GLU A 325 1.54 -38.76 15.03
N ASN A 326 1.27 -40.06 15.12
CA ASN A 326 2.31 -41.07 15.14
C ASN A 326 2.38 -41.77 13.77
N VAL A 327 3.57 -41.75 13.16
CA VAL A 327 3.84 -42.54 11.98
C VAL A 327 4.79 -43.67 12.36
N VAL A 328 4.84 -44.69 11.52
CA VAL A 328 5.62 -45.89 11.80
C VAL A 328 6.32 -46.34 10.53
N ILE A 329 7.53 -46.87 10.67
CA ILE A 329 8.36 -47.28 9.55
C ILE A 329 8.81 -48.72 9.79
N ASP A 330 8.61 -49.58 8.79
CA ASP A 330 8.93 -51.00 8.90
C ASP A 330 10.44 -51.25 8.97
N ILE A 331 11.00 -51.20 10.16
CA ILE A 331 12.41 -51.50 10.37
C ILE A 331 12.58 -51.94 11.81
N LEU A 332 13.42 -52.97 12.00
CA LEU A 332 13.60 -53.55 13.33
C LEU A 332 15.06 -53.86 13.57
N GLU A 333 15.56 -53.48 14.75
CA GLU A 333 16.89 -53.84 15.21
C GLU A 333 16.81 -55.09 16.06
N VAL A 334 17.68 -56.06 15.77
CA VAL A 334 17.78 -57.26 16.58
C VAL A 334 18.58 -56.92 17.83
N ARG A 335 17.91 -56.85 18.98
CA ARG A 335 18.56 -56.47 20.23
C ARG A 335 19.51 -57.53 20.76
N GLY A 336 19.44 -58.76 20.24
CA GLY A 336 20.39 -59.78 20.68
C GLY A 336 21.79 -59.54 20.16
N VAL A 337 21.92 -59.15 18.89
CA VAL A 337 23.21 -58.92 18.25
C VAL A 337 23.22 -57.50 17.72
N LYS A 338 24.16 -56.69 18.21
CA LYS A 338 24.24 -55.29 17.80
C LYS A 338 24.75 -55.19 16.37
N GLY A 339 23.96 -54.54 15.51
CA GLY A 339 24.31 -54.37 14.12
C GLY A 339 23.54 -55.20 13.13
N VAL A 340 22.47 -55.87 13.56
CA VAL A 340 21.63 -56.68 12.68
C VAL A 340 20.29 -55.99 12.55
N PHE A 341 19.88 -55.70 11.32
CA PHE A 341 18.64 -54.97 11.07
C PHE A 341 17.81 -55.69 10.02
N LEU A 342 16.49 -55.56 10.15
CA LEU A 342 15.54 -56.08 9.18
C LEU A 342 14.63 -54.96 8.69
N ALA A 343 14.23 -55.05 7.42
CA ALA A 343 13.42 -54.00 6.83
C ALA A 343 12.56 -54.59 5.71
N ASN A 344 11.52 -53.84 5.34
CA ASN A 344 10.62 -54.21 4.26
C ASN A 344 10.64 -53.10 3.20
N GLN A 345 11.00 -53.46 1.98
CA GLN A 345 10.98 -52.54 0.86
C GLN A 345 9.70 -52.72 0.05
N LYS A 346 9.29 -51.65 -0.63
CA LYS A 346 8.11 -51.69 -1.50
C LYS A 346 8.50 -51.08 -2.84
N VAL A 347 8.52 -51.91 -3.88
CA VAL A 347 8.83 -51.47 -5.24
C VAL A 347 7.65 -51.82 -6.14
N ASP A 348 7.17 -50.83 -6.89
CA ASP A 348 5.93 -50.95 -7.68
C ASP A 348 4.76 -51.27 -6.76
N GLY A 349 4.36 -52.53 -6.71
CA GLY A 349 3.32 -52.97 -5.80
C GLY A 349 3.74 -54.21 -5.03
N LYS A 350 5.03 -54.51 -5.08
CA LYS A 350 5.60 -55.71 -4.46
C LYS A 350 6.31 -55.33 -3.17
N VAL A 351 6.04 -56.08 -2.11
CA VAL A 351 6.63 -55.86 -0.80
C VAL A 351 7.63 -56.99 -0.55
N THR A 352 8.92 -56.63 -0.53
CA THR A 352 9.99 -57.59 -0.28
C THR A 352 10.58 -57.34 1.10
N THR A 353 11.26 -58.36 1.63
CA THR A 353 11.88 -58.31 2.95
C THR A 353 13.38 -58.49 2.82
N VAL A 354 14.14 -57.70 3.57
CA VAL A 354 15.60 -57.75 3.52
C VAL A 354 16.16 -57.66 4.93
N ILE A 355 17.39 -58.17 5.08
CA ILE A 355 18.10 -58.18 6.35
C ILE A 355 19.55 -57.82 6.09
N THR A 356 20.18 -57.17 7.07
CA THR A 356 21.58 -56.78 6.96
C THR A 356 22.30 -57.06 8.27
N TYR A 357 23.53 -57.56 8.14
CA TYR A 357 24.43 -57.73 9.27
C TYR A 357 25.53 -56.67 9.33
N ASN A 358 25.76 -55.96 8.22
CA ASN A 358 26.82 -54.96 8.12
C ASN A 358 26.39 -53.60 8.64
N LYS A 359 25.34 -53.55 9.47
CA LYS A 359 24.80 -52.31 10.01
C LYS A 359 24.34 -51.37 8.90
N GLY A 360 23.83 -51.94 7.81
CA GLY A 360 23.24 -51.16 6.74
C GLY A 360 24.06 -51.05 5.46
N ARG A 361 25.23 -51.68 5.40
CA ARG A 361 26.05 -51.57 4.20
C ARG A 361 25.44 -52.38 3.05
N ASP A 362 25.24 -53.67 3.26
CA ASP A 362 24.70 -54.56 2.24
C ASP A 362 23.50 -55.29 2.79
N TRP A 363 22.41 -55.29 2.02
CA TRP A 363 21.18 -55.99 2.38
C TRP A 363 21.00 -57.21 1.49
N ASP A 364 20.33 -58.22 2.02
CA ASP A 364 20.14 -59.48 1.29
C ASP A 364 18.79 -60.07 1.66
N TYR A 365 18.27 -60.90 0.77
CA TYR A 365 16.99 -61.56 1.00
C TYR A 365 17.15 -62.69 2.02
N LEU A 366 16.00 -63.22 2.44
CA LEU A 366 15.96 -64.28 3.45
C LEU A 366 16.07 -65.65 2.77
N ARG A 367 16.80 -66.55 3.42
CA ARG A 367 16.99 -67.89 2.89
C ARG A 367 15.79 -68.77 3.23
N PRO A 368 15.17 -69.43 2.25
CA PRO A 368 13.98 -70.23 2.54
C PRO A 368 14.35 -71.51 3.26
N PRO A 369 13.44 -72.07 4.07
CA PRO A 369 13.76 -73.30 4.81
C PRO A 369 13.63 -74.56 3.97
N SER A 370 12.58 -74.64 3.17
CA SER A 370 12.25 -75.77 2.30
C SER A 370 11.91 -77.04 3.07
N THR A 371 11.69 -76.95 4.38
CA THR A 371 11.35 -78.12 5.20
C THR A 371 10.33 -77.73 6.26
N ASP A 372 9.61 -78.74 6.75
CA ASP A 372 8.63 -78.58 7.82
C ASP A 372 8.28 -79.98 8.30
N MET A 373 7.45 -80.05 9.36
CA MET A 373 6.89 -81.34 9.76
C MET A 373 5.97 -81.91 8.69
N ASN A 374 5.36 -81.03 7.89
CA ASN A 374 4.57 -81.41 6.73
C ASN A 374 5.02 -80.57 5.54
N GLY A 375 6.30 -80.69 5.19
CA GLY A 375 6.90 -79.81 4.21
C GLY A 375 7.47 -80.53 2.99
N LYS A 376 6.68 -80.57 1.92
CA LYS A 376 7.17 -81.15 0.67
C LYS A 376 8.27 -80.28 0.09
N PRO A 377 9.43 -80.85 -0.28
CA PRO A 377 10.57 -80.02 -0.67
C PRO A 377 10.46 -79.40 -2.06
N THR A 378 9.30 -79.53 -2.71
CA THR A 378 9.08 -78.87 -3.99
C THR A 378 8.98 -77.35 -3.87
N ASN A 379 8.96 -76.82 -2.65
CA ASN A 379 8.79 -75.39 -2.40
C ASN A 379 9.88 -74.52 -3.00
N CYS A 380 9.82 -73.22 -2.72
CA CYS A 380 10.65 -72.23 -3.39
C CYS A 380 12.14 -72.52 -3.21
N GLN A 381 12.91 -72.18 -4.23
CA GLN A 381 14.36 -72.16 -4.25
C GLN A 381 14.86 -70.71 -4.30
N PRO A 382 16.14 -70.49 -4.02
CA PRO A 382 16.69 -69.12 -4.00
C PRO A 382 16.33 -68.30 -5.23
N PRO A 383 16.62 -68.77 -6.45
CA PRO A 383 16.64 -67.83 -7.59
C PRO A 383 15.33 -67.11 -7.86
N ASP A 384 14.17 -67.74 -7.62
CA ASP A 384 12.90 -67.17 -8.05
C ASP A 384 12.03 -66.63 -6.93
N CYS A 385 12.13 -67.18 -5.71
CA CYS A 385 11.26 -66.71 -4.63
C CYS A 385 11.90 -67.05 -3.28
N TYR A 386 11.83 -66.10 -2.35
CA TYR A 386 12.53 -66.16 -1.07
C TYR A 386 11.53 -66.27 0.09
N LEU A 387 12.00 -65.94 1.28
CA LEU A 387 11.18 -65.80 2.47
C LEU A 387 10.91 -64.33 2.76
N HIS A 388 9.73 -64.05 3.31
CA HIS A 388 9.37 -62.69 3.69
C HIS A 388 8.66 -62.73 5.03
N LEU A 389 8.81 -61.65 5.80
CA LEU A 389 8.31 -61.61 7.17
C LEU A 389 7.52 -60.33 7.42
N HIS A 390 6.47 -60.45 8.23
CA HIS A 390 5.71 -59.30 8.70
C HIS A 390 6.39 -58.74 9.94
N LEU A 391 7.00 -57.57 9.81
CA LEU A 391 7.75 -56.97 10.91
C LEU A 391 6.81 -56.35 11.95
N ARG A 392 6.29 -55.16 11.65
CA ARG A 392 5.48 -54.42 12.61
C ARG A 392 4.03 -54.26 12.15
N TRP A 393 3.68 -54.72 10.96
CA TRP A 393 2.36 -54.51 10.40
C TRP A 393 1.60 -55.83 10.40
N ALA A 394 0.39 -55.81 10.98
CA ALA A 394 -0.49 -56.97 11.05
C ALA A 394 -1.81 -56.61 10.37
N ASP A 395 -1.93 -57.00 9.10
CA ASP A 395 -3.19 -56.82 8.38
C ASP A 395 -4.17 -57.89 8.84
N ASN A 396 -5.11 -57.50 9.68
CA ASN A 396 -6.01 -58.44 10.35
C ASN A 396 -6.82 -59.25 9.37
N VAL A 403 0.91 -59.40 15.02
CA VAL A 403 2.18 -60.06 14.76
C VAL A 403 3.22 -59.61 15.77
N HIS A 404 3.98 -60.56 16.32
CA HIS A 404 5.06 -60.22 17.25
C HIS A 404 6.33 -60.96 16.86
N THR A 405 7.42 -60.20 16.73
CA THR A 405 8.75 -60.74 16.54
C THR A 405 9.56 -60.43 17.79
N LYS A 406 10.02 -61.47 18.49
CA LYS A 406 10.72 -61.29 19.74
C LYS A 406 12.21 -61.57 19.58
N ASP A 407 13.02 -60.94 20.42
CA ASP A 407 14.47 -61.13 20.38
C ASP A 407 15.11 -60.71 21.70
N THR A 408 15.00 -61.55 22.73
CA THR A 408 15.64 -61.30 24.01
C THR A 408 16.95 -62.04 24.17
N ALA A 409 17.10 -63.20 23.52
CA ALA A 409 18.29 -64.03 23.52
C ALA A 409 19.06 -63.85 22.22
N PRO A 410 20.39 -63.95 22.27
CA PRO A 410 21.19 -63.69 21.07
C PRO A 410 20.96 -64.76 20.00
N GLY A 411 20.59 -64.32 18.80
CA GLY A 411 20.45 -65.20 17.66
C GLY A 411 19.09 -65.83 17.47
N LEU A 412 18.20 -65.74 18.47
CA LEU A 412 16.86 -66.31 18.37
C LEU A 412 15.92 -65.26 17.80
N ILE A 413 15.44 -65.50 16.58
CA ILE A 413 14.51 -64.59 15.91
C ILE A 413 13.33 -65.43 15.42
N MET A 414 12.17 -65.25 16.04
CA MET A 414 10.95 -65.97 15.67
C MET A 414 9.90 -64.96 15.22
N GLY A 415 9.25 -65.25 14.10
CA GLY A 415 8.25 -64.33 13.58
C GLY A 415 7.36 -64.98 12.55
N ALA A 416 6.24 -64.31 12.28
CA ALA A 416 5.30 -64.78 11.26
C ALA A 416 5.60 -64.11 9.93
N GLY A 417 5.28 -64.83 8.85
CA GLY A 417 5.54 -64.30 7.53
C GLY A 417 4.97 -65.19 6.44
N ASN A 418 5.34 -64.84 5.21
CA ASN A 418 4.94 -65.51 3.98
C ASN A 418 6.13 -66.30 3.44
N LEU A 419 5.97 -66.85 2.23
CA LEU A 419 7.08 -67.52 1.53
C LEU A 419 6.77 -67.48 0.04
N GLY A 420 7.49 -66.65 -0.70
CA GLY A 420 7.23 -66.48 -2.11
C GLY A 420 7.95 -65.31 -2.73
N SER A 421 7.26 -64.55 -3.58
CA SER A 421 7.85 -63.39 -4.21
C SER A 421 7.59 -62.10 -3.45
N GLN A 422 6.60 -62.08 -2.55
CA GLN A 422 6.26 -60.89 -1.79
C GLN A 422 5.38 -61.31 -0.60
N LEU A 423 5.04 -60.32 0.22
CA LEU A 423 4.12 -60.52 1.33
C LEU A 423 2.67 -60.36 0.86
N VAL A 424 1.76 -61.07 1.55
CA VAL A 424 0.33 -60.92 1.33
C VAL A 424 -0.36 -60.90 2.69
N GLU A 425 -1.66 -60.61 2.67
CA GLU A 425 -2.44 -60.59 3.90
C GLU A 425 -2.96 -61.96 4.30
N TYR A 426 -3.05 -62.90 3.34
CA TYR A 426 -3.63 -64.21 3.62
C TYR A 426 -2.70 -65.04 4.50
N LYS A 427 -1.52 -65.38 3.99
CA LYS A 427 -0.67 -66.39 4.62
C LYS A 427 0.08 -65.82 5.81
N GLU A 428 -0.03 -66.50 6.95
CA GLU A 428 0.69 -66.15 8.16
C GLU A 428 1.26 -67.44 8.74
N GLU A 429 2.56 -67.65 8.55
CA GLU A 429 3.23 -68.86 9.01
C GLU A 429 4.39 -68.48 9.93
N MET A 430 4.44 -69.12 11.10
CA MET A 430 5.44 -68.81 12.12
C MET A 430 6.72 -69.58 11.83
N TYR A 431 7.75 -68.86 11.39
CA TYR A 431 9.10 -69.38 11.20
C TYR A 431 9.99 -68.92 12.36
N ILE A 432 11.16 -69.56 12.46
CA ILE A 432 12.12 -69.25 13.51
C ILE A 432 13.53 -69.48 12.97
N THR A 433 14.50 -68.79 13.55
CA THR A 433 15.92 -69.03 13.31
C THR A 433 16.66 -68.92 14.63
N SER A 434 17.57 -69.87 14.87
CA SER A 434 18.35 -69.91 16.10
C SER A 434 19.81 -69.50 15.89
N ASP A 435 20.21 -69.20 14.67
CA ASP A 435 21.58 -68.80 14.36
C ASP A 435 21.63 -67.43 13.69
N CYS A 436 20.71 -66.55 14.05
CA CYS A 436 20.69 -65.17 13.58
C CYS A 436 20.56 -65.10 12.04
N GLY A 437 19.53 -65.77 11.52
CA GLY A 437 19.16 -65.62 10.13
C GLY A 437 19.88 -66.52 9.16
N HIS A 438 20.93 -67.23 9.58
CA HIS A 438 21.66 -68.08 8.66
C HIS A 438 20.85 -69.30 8.27
N THR A 439 20.16 -69.91 9.22
CA THR A 439 19.34 -71.11 8.97
C THR A 439 17.93 -70.83 9.44
N TRP A 440 16.99 -70.74 8.49
CA TRP A 440 15.59 -70.54 8.80
C TRP A 440 14.84 -71.88 8.76
N ARG A 441 13.84 -72.00 9.62
CA ARG A 441 13.03 -73.21 9.73
C ARG A 441 11.59 -72.83 10.02
N GLN A 442 10.65 -73.58 9.44
CA GLN A 442 9.23 -73.36 9.68
C GLN A 442 8.79 -74.14 10.91
N VAL A 443 7.88 -73.55 11.67
CA VAL A 443 7.40 -74.17 12.90
C VAL A 443 5.87 -74.29 12.87
N PHE A 444 5.19 -73.16 12.93
CA PHE A 444 3.74 -73.17 13.12
C PHE A 444 3.00 -72.65 11.89
N GLU A 445 1.77 -73.12 11.72
CA GLU A 445 0.80 -72.51 10.83
C GLU A 445 -0.08 -71.58 11.66
N GLU A 446 -0.45 -70.44 11.07
CA GLU A 446 -1.18 -69.37 11.75
C GLU A 446 -0.34 -68.73 12.85
N GLU A 447 -0.79 -67.60 13.37
CA GLU A 447 0.00 -66.87 14.36
C GLU A 447 -0.06 -67.55 15.72
N HIS A 448 1.02 -67.38 16.49
CA HIS A 448 1.13 -67.91 17.85
C HIS A 448 1.85 -66.92 18.73
N HIS A 449 1.30 -66.66 19.92
CA HIS A 449 2.03 -65.91 20.94
C HIS A 449 3.23 -66.72 21.40
N VAL A 450 4.38 -66.05 21.46
CA VAL A 450 5.67 -66.68 21.74
C VAL A 450 6.25 -66.06 23.01
N LEU A 451 6.92 -66.89 23.81
CA LEU A 451 7.58 -66.42 25.03
C LEU A 451 8.87 -67.20 25.24
N TYR A 452 9.95 -66.48 25.49
CA TYR A 452 11.23 -67.10 25.82
C TYR A 452 11.41 -67.20 27.32
N LEU A 453 12.11 -68.25 27.75
CA LEU A 453 12.38 -68.49 29.16
C LEU A 453 13.80 -68.98 29.33
N ASP A 454 14.48 -68.41 30.33
CA ASP A 454 15.85 -68.80 30.69
C ASP A 454 16.82 -68.53 29.54
N HIS A 455 16.83 -67.28 29.09
CA HIS A 455 17.72 -66.81 28.01
C HIS A 455 17.63 -67.72 26.79
N GLY A 456 16.40 -67.99 26.38
CA GLY A 456 16.16 -68.91 25.27
C GLY A 456 16.40 -70.37 25.62
N GLY A 457 16.08 -70.76 26.85
CA GLY A 457 16.19 -72.14 27.25
C GLY A 457 14.96 -72.94 26.89
N VAL A 458 13.79 -72.38 27.22
CA VAL A 458 12.50 -72.98 26.87
C VAL A 458 11.70 -71.97 26.07
N ILE A 459 11.10 -72.42 24.97
CA ILE A 459 10.30 -71.56 24.11
C ILE A 459 8.85 -72.03 24.20
N ALA A 460 7.96 -71.16 24.68
CA ALA A 460 6.55 -71.48 24.83
C ALA A 460 5.74 -70.73 23.79
N ALA A 461 4.63 -71.36 23.38
CA ALA A 461 3.78 -70.80 22.33
C ALA A 461 2.34 -71.19 22.59
N ILE A 462 1.43 -70.26 22.31
CA ILE A 462 -0.01 -70.46 22.47
C ILE A 462 -0.72 -69.89 21.24
N LYS A 463 -1.67 -70.66 20.70
CA LYS A 463 -2.35 -70.23 19.48
C LYS A 463 -3.22 -69.00 19.74
N ASP A 464 -3.00 -67.96 18.95
CA ASP A 464 -3.82 -66.75 19.01
C ASP A 464 -5.06 -66.95 18.15
N THR A 465 -6.23 -67.03 18.79
CA THR A 465 -7.47 -67.27 18.07
C THR A 465 -8.63 -66.83 18.96
N SER A 466 -9.82 -66.82 18.36
CA SER A 466 -11.02 -66.41 19.08
C SER A 466 -11.66 -67.55 19.87
N ILE A 467 -11.41 -68.81 19.49
CA ILE A 467 -12.02 -69.95 20.15
C ILE A 467 -11.29 -70.24 21.45
N PRO A 468 -11.95 -70.79 22.47
CA PRO A 468 -11.25 -71.16 23.70
C PRO A 468 -10.41 -72.40 23.51
N LEU A 469 -9.40 -72.54 24.36
CA LEU A 469 -8.48 -73.67 24.27
C LEU A 469 -7.83 -73.89 25.63
N LYS A 470 -7.16 -75.04 25.76
CA LYS A 470 -6.44 -75.38 26.98
C LYS A 470 -5.08 -75.99 26.68
N ILE A 471 -4.58 -75.86 25.44
CA ILE A 471 -3.34 -76.48 25.02
C ILE A 471 -2.18 -75.53 25.30
N LEU A 472 -0.96 -76.04 25.15
CA LEU A 472 0.25 -75.24 25.39
C LEU A 472 1.41 -75.91 24.66
N LYS A 473 2.05 -75.18 23.75
CA LYS A 473 3.20 -75.71 23.01
C LYS A 473 4.48 -75.27 23.69
N PHE A 474 5.44 -76.18 23.80
CA PHE A 474 6.73 -75.80 24.37
C PHE A 474 7.84 -76.65 23.76
N SER A 475 9.02 -76.03 23.64
CA SER A 475 10.18 -76.67 23.05
C SER A 475 11.42 -76.36 23.88
N VAL A 476 12.29 -77.36 24.02
CA VAL A 476 13.52 -77.20 24.79
C VAL A 476 14.77 -77.19 23.92
N ASP A 477 14.70 -77.66 22.68
CA ASP A 477 15.86 -77.78 21.80
C ASP A 477 15.86 -76.70 20.72
N GLU A 478 15.51 -75.47 21.11
CA GLU A 478 15.56 -74.31 20.22
C GLU A 478 14.66 -74.48 19.00
N GLY A 479 13.44 -74.96 19.23
CA GLY A 479 12.43 -74.96 18.19
C GLY A 479 12.51 -76.09 17.19
N HIS A 480 13.19 -77.19 17.52
CA HIS A 480 13.27 -78.34 16.61
C HIS A 480 12.29 -79.45 16.95
N THR A 481 11.95 -79.63 18.23
CA THR A 481 10.98 -80.62 18.66
C THR A 481 10.05 -79.99 19.67
N TRP A 482 8.75 -80.04 19.40
CA TRP A 482 7.75 -79.38 20.22
C TRP A 482 6.87 -80.41 20.94
N SER A 483 6.36 -80.02 22.10
CA SER A 483 5.55 -80.89 22.93
C SER A 483 4.31 -80.12 23.40
N THR A 484 3.19 -80.85 23.49
CA THR A 484 1.91 -80.31 23.93
C THR A 484 1.63 -80.75 25.36
N HIS A 485 0.93 -79.89 26.10
CA HIS A 485 0.60 -80.18 27.49
C HIS A 485 -0.67 -79.42 27.87
N ASN A 486 -1.57 -80.10 28.58
CA ASN A 486 -2.77 -79.49 29.12
C ASN A 486 -2.40 -78.74 30.40
N PHE A 487 -2.21 -77.43 30.30
CA PHE A 487 -1.82 -76.64 31.45
C PHE A 487 -2.98 -76.36 32.40
N THR A 488 -4.21 -76.52 31.94
CA THR A 488 -5.39 -76.30 32.77
C THR A 488 -6.48 -77.29 32.38
N SER A 489 -7.58 -77.26 33.14
CA SER A 489 -8.71 -78.14 32.87
C SER A 489 -9.79 -77.44 32.04
N THR A 490 -10.32 -76.33 32.52
CA THR A 490 -11.33 -75.58 31.78
C THR A 490 -10.66 -74.73 30.71
N SER A 491 -11.28 -74.70 29.53
CA SER A 491 -10.76 -73.89 28.43
C SER A 491 -10.89 -72.41 28.77
N VAL A 492 -9.85 -71.64 28.42
CA VAL A 492 -9.74 -70.24 28.78
C VAL A 492 -9.45 -69.43 27.53
N PHE A 493 -10.01 -68.22 27.47
CA PHE A 493 -9.65 -67.26 26.43
C PHE A 493 -8.28 -66.67 26.76
N VAL A 494 -7.34 -66.78 25.81
CA VAL A 494 -5.96 -66.38 26.06
C VAL A 494 -5.83 -64.87 25.86
N ASP A 495 -5.42 -64.17 26.91
CA ASP A 495 -5.24 -62.72 26.87
C ASP A 495 -3.77 -62.31 26.88
N GLY A 496 -2.96 -62.87 27.76
CA GLY A 496 -1.57 -62.44 27.80
C GLY A 496 -0.64 -63.38 28.51
N LEU A 497 0.65 -63.22 28.20
CA LEU A 497 1.74 -64.02 28.75
C LEU A 497 2.81 -63.10 29.34
N LEU A 498 3.38 -63.52 30.46
CA LEU A 498 4.40 -62.73 31.15
C LEU A 498 5.43 -63.66 31.78
N SER A 499 6.58 -63.09 32.13
CA SER A 499 7.66 -63.84 32.74
C SER A 499 8.33 -62.99 33.82
N GLU A 500 9.11 -63.64 34.67
CA GLU A 500 9.78 -62.99 35.79
C GLU A 500 10.99 -62.19 35.29
N PRO A 501 11.24 -61.00 35.86
CA PRO A 501 12.39 -60.15 35.50
C PRO A 501 13.72 -60.89 35.51
N THR A 505 14.84 -66.75 35.50
CA THR A 505 14.03 -67.76 36.18
C THR A 505 13.13 -68.48 35.18
N LEU A 506 12.34 -69.44 35.66
CA LEU A 506 11.46 -70.21 34.79
C LEU A 506 10.01 -70.13 35.28
N VAL A 507 9.54 -68.93 35.59
CA VAL A 507 8.17 -68.70 36.03
C VAL A 507 7.41 -68.03 34.90
N MET A 508 6.41 -68.71 34.36
CA MET A 508 5.56 -68.16 33.31
C MET A 508 4.19 -67.84 33.89
N THR A 509 3.54 -66.80 33.37
CA THR A 509 2.22 -66.39 33.85
C THR A 509 1.31 -66.18 32.66
N VAL A 510 0.18 -66.89 32.64
CA VAL A 510 -0.82 -66.75 31.59
C VAL A 510 -2.07 -66.17 32.22
N PHE A 511 -2.52 -65.01 31.74
CA PHE A 511 -3.70 -64.36 32.31
C PHE A 511 -4.78 -64.20 31.24
N GLY A 512 -6.03 -64.40 31.66
CA GLY A 512 -7.15 -64.26 30.74
C GLY A 512 -8.44 -64.61 31.43
N HIS A 513 -9.54 -64.20 30.81
CA HIS A 513 -10.87 -64.52 31.32
C HIS A 513 -11.32 -65.87 30.78
N ILE A 514 -12.00 -66.64 31.63
CA ILE A 514 -12.37 -68.01 31.29
C ILE A 514 -13.64 -68.01 30.45
N SER A 515 -14.02 -69.19 29.94
CA SER A 515 -15.19 -69.29 29.09
C SER A 515 -16.48 -69.06 29.87
N PHE A 516 -16.69 -69.83 30.93
CA PHE A 516 -17.93 -69.75 31.69
C PHE A 516 -18.12 -68.39 32.33
N ARG A 517 -17.34 -68.07 33.35
CA ARG A 517 -17.43 -66.76 33.97
C ARG A 517 -16.65 -65.73 33.16
N SER A 518 -16.94 -64.45 33.41
CA SER A 518 -16.26 -63.34 32.76
C SER A 518 -15.19 -62.71 33.64
N ASP A 519 -14.83 -63.34 34.75
CA ASP A 519 -13.79 -62.83 35.64
C ASP A 519 -12.42 -63.34 35.21
N TRP A 520 -11.38 -62.63 35.65
CA TRP A 520 -10.02 -62.97 35.26
C TRP A 520 -9.57 -64.24 35.97
N GLU A 521 -8.60 -64.91 35.35
CA GLU A 521 -7.92 -66.06 35.95
C GLU A 521 -6.48 -66.05 35.47
N LEU A 522 -5.55 -66.28 36.40
CA LEU A 522 -4.14 -66.38 36.09
C LEU A 522 -3.65 -67.79 36.40
N VAL A 523 -2.73 -68.27 35.58
CA VAL A 523 -2.11 -69.57 35.76
C VAL A 523 -0.61 -69.37 35.77
N LYS A 524 0.03 -69.72 36.88
CA LYS A 524 1.48 -69.66 37.03
C LYS A 524 2.06 -71.03 36.74
N VAL A 525 2.92 -71.10 35.74
CA VAL A 525 3.51 -72.34 35.26
C VAL A 525 4.98 -72.35 35.66
N ASP A 526 5.42 -73.46 36.24
CA ASP A 526 6.77 -73.61 36.77
C ASP A 526 7.44 -74.78 36.05
N PHE A 527 8.45 -74.45 35.23
CA PHE A 527 9.25 -75.44 34.54
C PHE A 527 10.46 -75.88 35.35
N ARG A 528 10.62 -75.35 36.56
CA ARG A 528 11.78 -75.69 37.38
C ARG A 528 11.86 -77.15 37.81
N PRO A 529 10.76 -77.91 38.00
CA PRO A 529 10.94 -79.34 38.31
C PRO A 529 11.77 -80.10 37.29
N SER A 530 11.57 -79.85 36.00
CA SER A 530 12.37 -80.47 34.97
C SER A 530 13.75 -79.81 34.92
N PHE A 531 14.76 -80.59 34.50
CA PHE A 531 16.18 -80.21 34.45
C PHE A 531 16.55 -79.35 35.66
N PRO A 532 16.59 -79.93 36.87
CA PRO A 532 16.89 -79.13 38.06
C PRO A 532 18.35 -78.74 38.18
N ARG A 533 19.25 -79.40 37.45
CA ARG A 533 20.68 -79.17 37.62
C ARG A 533 21.09 -77.82 37.03
N GLN A 534 22.11 -77.21 37.64
CA GLN A 534 22.68 -75.96 37.16
C GLN A 534 23.78 -76.21 36.13
N CYS A 535 23.75 -75.42 35.07
CA CYS A 535 24.72 -75.60 33.99
C CYS A 535 26.13 -75.22 34.44
N GLY A 536 27.10 -76.04 34.07
CA GLY A 536 28.49 -75.70 34.26
C GLY A 536 29.06 -74.95 33.06
N GLU A 537 30.31 -74.51 33.19
CA GLU A 537 30.94 -73.76 32.13
C GLU A 537 31.29 -74.64 30.93
N ASP A 538 31.32 -75.96 31.11
CA ASP A 538 31.65 -76.89 30.04
C ASP A 538 30.42 -77.57 29.45
N ASP A 539 29.23 -77.08 29.75
CA ASP A 539 27.99 -77.64 29.20
C ASP A 539 27.52 -76.93 27.95
N TYR A 540 28.28 -75.96 27.43
CA TYR A 540 27.92 -75.22 26.25
C TYR A 540 28.92 -75.49 25.13
N SER A 541 28.41 -75.48 23.90
CA SER A 541 29.23 -75.58 22.71
C SER A 541 29.35 -74.21 22.03
N SER A 542 30.47 -74.00 21.36
CA SER A 542 30.72 -72.73 20.69
C SER A 542 30.02 -72.69 19.35
N TRP A 543 29.45 -71.53 19.02
CA TRP A 543 28.83 -71.27 17.72
C TRP A 543 29.40 -69.96 17.20
N ASP A 544 30.18 -70.05 16.13
CA ASP A 544 30.76 -68.86 15.51
C ASP A 544 29.69 -68.07 14.75
N LEU A 545 29.65 -66.77 14.98
CA LEU A 545 28.69 -65.91 14.30
C LEU A 545 29.16 -65.64 12.88
N THR A 546 28.38 -66.09 11.90
CA THR A 546 28.68 -65.89 10.49
C THR A 546 27.53 -65.12 9.84
N ASP A 547 27.64 -64.92 8.53
CA ASP A 547 26.59 -64.26 7.76
C ASP A 547 26.06 -65.19 6.68
N LEU A 548 25.38 -64.64 5.69
CA LEU A 548 24.88 -65.44 4.59
C LEU A 548 25.99 -65.83 3.60
N GLN A 549 27.18 -65.25 3.73
CA GLN A 549 28.32 -65.61 2.91
C GLN A 549 29.32 -66.49 3.63
N GLY A 550 29.06 -66.84 4.89
CA GLY A 550 29.96 -67.66 5.66
C GLY A 550 31.18 -66.96 6.21
N ASP A 551 31.19 -65.63 6.22
CA ASP A 551 32.32 -64.87 6.71
C ASP A 551 32.21 -64.64 8.21
N HIS A 552 33.32 -64.78 8.91
CA HIS A 552 33.35 -64.61 10.36
C HIS A 552 33.64 -63.18 10.78
N CYS A 553 34.40 -62.43 9.99
CA CYS A 553 34.73 -61.04 10.31
C CYS A 553 33.54 -60.17 9.98
N ILE A 554 32.67 -59.98 10.97
CA ILE A 554 31.51 -59.11 10.87
C ILE A 554 31.77 -57.86 11.70
N MET A 555 31.63 -56.70 11.07
CA MET A 555 31.98 -55.42 11.68
C MET A 555 33.44 -55.40 12.13
N GLY A 556 34.30 -56.11 11.40
CA GLY A 556 35.69 -56.23 11.81
C GLY A 556 35.89 -56.95 13.12
N GLN A 557 35.01 -57.91 13.44
CA GLN A 557 35.05 -58.57 14.73
C GLN A 557 34.48 -59.98 14.59
N GLN A 558 35.34 -60.98 14.76
CA GLN A 558 34.89 -62.37 14.87
C GLN A 558 34.22 -62.59 16.21
N ARG A 559 32.99 -63.07 16.19
CA ARG A 559 32.21 -63.29 17.40
C ARG A 559 31.82 -64.76 17.50
N SER A 560 31.71 -65.26 18.73
CA SER A 560 31.26 -66.63 18.96
C SER A 560 30.46 -66.68 20.25
N TYR A 561 29.27 -67.28 20.17
CA TYR A 561 28.36 -67.38 21.30
C TYR A 561 28.31 -68.82 21.81
N ARG A 562 27.63 -68.99 22.95
CA ARG A 562 27.47 -70.30 23.57
C ARG A 562 26.06 -70.82 23.35
N LYS A 563 25.96 -72.08 22.94
CA LYS A 563 24.67 -72.76 22.79
C LYS A 563 24.66 -73.98 23.70
N ARG A 564 23.52 -74.20 24.38
CA ARG A 564 23.41 -75.36 25.25
C ARG A 564 23.49 -76.65 24.45
N LYS A 565 24.24 -77.62 24.97
CA LYS A 565 24.38 -78.90 24.28
C LYS A 565 23.04 -79.63 24.27
N SER A 566 22.79 -80.36 23.17
CA SER A 566 21.55 -81.11 23.06
C SER A 566 21.47 -82.23 24.10
N THR A 567 22.62 -82.84 24.41
CA THR A 567 22.68 -83.89 25.42
C THR A 567 23.09 -83.32 26.77
N SER A 568 22.26 -82.40 27.26
CA SER A 568 22.51 -81.75 28.55
C SER A 568 21.23 -81.08 29.01
N TRP A 569 20.75 -81.44 30.21
CA TRP A 569 19.56 -80.84 30.79
C TRP A 569 19.98 -80.04 32.03
N CYS A 570 20.12 -78.73 31.84
CA CYS A 570 20.48 -77.86 32.95
C CYS A 570 19.89 -76.48 32.69
N VAL A 571 19.90 -75.65 33.74
CA VAL A 571 19.38 -74.29 33.68
C VAL A 571 20.53 -73.33 33.42
N LYS A 572 20.34 -72.44 32.44
CA LYS A 572 21.41 -71.55 32.02
C LYS A 572 21.87 -70.60 33.13
N GLY A 573 21.06 -70.39 34.16
CA GLY A 573 21.52 -69.76 35.39
C GLY A 573 21.01 -68.34 35.55
N ARG A 574 21.44 -67.74 36.66
CA ARG A 574 21.02 -66.38 36.99
C ARG A 574 21.56 -65.37 35.99
N SER A 575 22.81 -65.54 35.56
CA SER A 575 23.44 -64.68 34.57
C SER A 575 24.04 -65.56 33.49
N PHE A 576 23.80 -65.19 32.23
CA PHE A 576 24.23 -66.00 31.09
C PHE A 576 25.50 -65.43 30.50
N THR A 577 26.51 -66.28 30.34
CA THR A 577 27.77 -65.90 29.71
C THR A 577 27.71 -66.25 28.23
N SER A 578 27.92 -65.25 27.39
CA SER A 578 27.89 -65.45 25.94
C SER A 578 28.79 -64.40 25.29
N ALA A 579 29.07 -64.62 24.00
CA ALA A 579 29.95 -63.75 23.22
C ALA A 579 31.33 -63.61 23.86
N LEU A 580 31.82 -64.71 24.44
CA LEU A 580 33.11 -64.67 25.11
C LEU A 580 34.25 -64.59 24.11
N THR A 581 34.14 -65.32 23.00
CA THR A 581 35.15 -65.27 21.94
C THR A 581 34.87 -64.09 21.04
N SER A 582 35.60 -62.99 21.26
CA SER A 582 35.50 -61.77 20.46
C SER A 582 36.90 -61.37 20.03
N ARG A 583 37.18 -61.47 18.74
CA ARG A 583 38.50 -61.17 18.20
C ARG A 583 38.38 -60.09 17.13
N VAL A 584 39.49 -59.40 16.88
CA VAL A 584 39.53 -58.33 15.89
C VAL A 584 40.02 -58.90 14.56
N CYS A 585 39.64 -58.23 13.47
CA CYS A 585 40.10 -58.58 12.14
C CYS A 585 40.82 -57.39 11.51
N LYS A 586 41.60 -57.69 10.47
CA LYS A 586 42.25 -56.64 9.70
C LYS A 586 41.24 -55.98 8.77
N CYS A 587 41.42 -54.68 8.56
CA CYS A 587 40.48 -53.92 7.74
C CYS A 587 40.57 -54.34 6.28
N ARG A 588 39.42 -54.39 5.62
CA ARG A 588 39.32 -54.79 4.22
C ARG A 588 38.38 -53.84 3.49
N ASP A 589 38.13 -54.13 2.22
CA ASP A 589 37.22 -53.30 1.42
C ASP A 589 35.81 -53.30 1.99
N SER A 590 35.40 -54.39 2.63
CA SER A 590 34.04 -54.52 3.16
C SER A 590 33.82 -53.70 4.42
N ASP A 591 34.85 -53.04 4.95
CA ASP A 591 34.74 -52.29 6.20
C ASP A 591 34.64 -50.78 5.98
N PHE A 592 34.46 -50.34 4.73
CA PHE A 592 34.36 -48.93 4.41
C PHE A 592 33.15 -48.69 3.54
N LEU A 593 32.56 -47.50 3.66
CA LEU A 593 31.38 -47.15 2.88
C LEU A 593 31.54 -45.74 2.32
N CYS A 594 30.54 -45.30 1.57
CA CYS A 594 30.60 -44.02 0.88
C CYS A 594 30.25 -42.88 1.83
N ASP A 595 30.81 -41.71 1.55
CA ASP A 595 30.59 -40.52 2.35
C ASP A 595 29.51 -39.66 1.72
N TYR A 596 29.38 -38.42 2.19
CA TYR A 596 28.37 -37.51 1.67
C TYR A 596 28.64 -37.15 0.22
N GLY A 597 27.69 -37.46 -0.66
CA GLY A 597 27.79 -37.13 -2.05
C GLY A 597 28.42 -38.18 -2.94
N PHE A 598 28.56 -39.41 -2.45
CA PHE A 598 29.17 -40.50 -3.20
C PHE A 598 28.26 -41.71 -3.18
N GLU A 599 28.12 -42.36 -4.32
CA GLU A 599 27.27 -43.54 -4.46
C GLU A 599 28.02 -44.66 -5.15
N ARG A 600 27.44 -45.86 -5.10
CA ARG A 600 28.09 -47.04 -5.66
C ARG A 600 27.82 -47.10 -7.16
N SER A 601 28.87 -47.30 -7.94
CA SER A 601 28.74 -47.28 -9.39
C SER A 601 28.34 -48.64 -9.94
N SER A 602 27.37 -48.63 -10.86
CA SER A 602 26.92 -49.82 -11.59
C SER A 602 26.50 -50.96 -10.67
N SER A 603 26.20 -50.66 -9.39
CA SER A 603 25.89 -51.68 -8.39
C SER A 603 27.04 -52.69 -8.25
N SER A 604 28.27 -52.15 -8.17
CA SER A 604 29.48 -52.95 -8.01
C SER A 604 29.62 -53.99 -9.13
N GLU A 605 29.53 -53.50 -10.37
CA GLU A 605 29.57 -54.39 -11.53
C GLU A 605 31.00 -54.79 -11.90
N SER A 606 31.93 -53.83 -11.89
CA SER A 606 33.29 -54.09 -12.35
C SER A 606 33.98 -55.14 -11.48
N THR A 607 34.38 -54.76 -10.27
CA THR A 607 35.01 -55.70 -9.35
C THR A 607 34.22 -55.80 -8.06
N ALA A 608 34.58 -54.98 -7.07
CA ALA A 608 33.92 -54.91 -5.78
C ALA A 608 33.19 -53.56 -5.67
N ASN A 609 33.10 -53.03 -4.45
CA ASN A 609 32.39 -51.78 -4.23
C ASN A 609 33.30 -50.60 -4.51
N LYS A 610 32.74 -49.58 -5.18
CA LYS A 610 33.47 -48.38 -5.56
C LYS A 610 32.56 -47.18 -5.38
N CYS A 611 32.96 -46.26 -4.50
CA CYS A 611 32.17 -45.06 -4.20
C CYS A 611 32.62 -43.95 -5.14
N SER A 612 31.83 -43.70 -6.18
CA SER A 612 32.10 -42.64 -7.14
C SER A 612 31.24 -41.41 -6.81
N ALA A 613 31.77 -40.25 -7.17
CA ALA A 613 31.09 -38.98 -6.91
C ALA A 613 29.94 -38.79 -7.88
N ASN A 614 28.74 -38.58 -7.35
CA ASN A 614 27.57 -38.34 -8.18
C ASN A 614 27.66 -36.96 -8.83
N PHE A 615 26.66 -36.65 -9.67
CA PHE A 615 26.76 -35.50 -10.56
C PHE A 615 26.62 -34.18 -9.79
N TRP A 616 25.76 -34.13 -8.77
CA TRP A 616 25.35 -32.84 -8.22
C TRP A 616 26.45 -32.20 -7.39
N PHE A 617 27.31 -32.98 -6.74
CA PHE A 617 28.32 -32.46 -5.84
C PHE A 617 29.72 -32.85 -6.30
N ASN A 618 30.63 -31.88 -6.20
CA ASN A 618 32.06 -32.07 -6.41
C ASN A 618 32.80 -31.60 -5.16
N PRO A 619 33.94 -32.23 -4.83
CA PRO A 619 34.62 -31.89 -3.58
C PRO A 619 35.22 -30.50 -3.53
N LEU A 620 35.14 -29.71 -4.60
CA LEU A 620 35.74 -28.38 -4.60
C LEU A 620 34.91 -27.36 -3.83
N SER A 621 33.59 -27.53 -3.82
CA SER A 621 32.71 -26.47 -3.33
C SER A 621 32.85 -26.31 -1.82
N PRO A 622 32.80 -25.08 -1.31
CA PRO A 622 32.83 -24.87 0.13
C PRO A 622 31.46 -25.10 0.73
N PRO A 623 31.38 -25.35 2.04
CA PRO A 623 30.08 -25.62 2.67
C PRO A 623 29.29 -24.33 2.84
N GLU A 624 28.08 -24.49 3.37
CA GLU A 624 27.20 -23.35 3.58
C GLU A 624 27.75 -22.46 4.70
N ASP A 625 27.88 -21.17 4.40
CA ASP A 625 28.27 -20.15 5.38
C ASP A 625 29.62 -20.46 6.01
N CYS A 626 30.62 -20.73 5.18
CA CYS A 626 31.98 -20.88 5.68
C CYS A 626 32.54 -19.49 6.01
N VAL A 627 32.81 -19.26 7.29
CA VAL A 627 33.32 -17.98 7.77
C VAL A 627 34.83 -18.08 7.88
N LEU A 628 35.53 -17.01 7.53
CA LEU A 628 36.99 -17.00 7.59
C LEU A 628 37.45 -17.20 9.03
N GLY A 629 38.47 -18.04 9.20
CA GLY A 629 38.96 -18.44 10.50
C GLY A 629 38.59 -19.87 10.88
N GLN A 630 37.43 -20.33 10.43
CA GLN A 630 37.01 -21.70 10.63
C GLN A 630 37.53 -22.58 9.50
N THR A 631 37.46 -23.90 9.71
CA THR A 631 38.01 -24.87 8.76
C THR A 631 37.04 -26.03 8.62
N TYR A 632 36.49 -26.21 7.42
CA TYR A 632 35.65 -27.36 7.14
C TYR A 632 36.52 -28.53 6.68
N THR A 633 35.98 -29.73 6.80
CA THR A 633 36.70 -30.96 6.52
C THR A 633 36.05 -31.67 5.34
N SER A 634 36.71 -31.65 4.18
CA SER A 634 36.22 -32.36 3.02
C SER A 634 36.64 -33.82 3.08
N SER A 635 35.98 -34.64 2.25
CA SER A 635 36.21 -36.07 2.21
C SER A 635 36.61 -36.51 0.81
N LEU A 636 37.24 -37.68 0.73
CA LEU A 636 37.67 -38.26 -0.53
C LEU A 636 36.65 -39.24 -1.10
N GLY A 637 35.56 -39.50 -0.39
CA GLY A 637 34.53 -40.41 -0.85
C GLY A 637 34.49 -41.75 -0.14
N TYR A 638 35.31 -41.97 0.87
CA TYR A 638 35.29 -43.21 1.63
C TYR A 638 35.43 -42.90 3.12
N ARG A 639 34.64 -43.58 3.93
CA ARG A 639 34.72 -43.44 5.37
C ARG A 639 34.58 -44.80 6.04
N LYS A 640 35.29 -44.96 7.15
CA LYS A 640 35.21 -46.18 7.93
C LYS A 640 33.82 -46.31 8.57
N VAL A 641 33.30 -47.55 8.61
CA VAL A 641 32.05 -47.80 9.29
C VAL A 641 32.19 -47.39 10.75
N VAL A 642 31.25 -46.59 11.24
CA VAL A 642 31.31 -46.09 12.60
C VAL A 642 31.14 -47.27 13.56
N SER A 643 31.99 -47.32 14.60
CA SER A 643 32.04 -48.38 15.59
C SER A 643 32.62 -49.68 15.05
N ASN A 644 33.31 -49.63 13.92
CA ASN A 644 34.05 -50.77 13.40
C ASN A 644 35.44 -50.78 14.04
N VAL A 645 35.81 -51.91 14.63
CA VAL A 645 37.04 -51.99 15.42
C VAL A 645 38.07 -52.86 14.72
N CYS A 646 38.29 -52.62 13.44
CA CYS A 646 39.31 -53.36 12.71
C CYS A 646 40.68 -52.73 12.93
N GLU A 647 41.73 -53.53 12.72
CA GLU A 647 43.10 -53.08 12.95
C GLU A 647 43.46 -51.95 11.99
N GLY A 648 43.42 -50.72 12.48
CA GLY A 648 43.62 -49.54 11.65
C GLY A 648 45.08 -49.28 11.31
N GLY A 649 45.39 -48.01 11.08
CA GLY A 649 46.72 -47.62 10.67
C GLY A 649 46.90 -47.63 9.16
N VAL A 650 46.78 -48.80 8.55
CA VAL A 650 46.91 -48.96 7.11
C VAL A 650 45.58 -49.41 6.52
N ASP A 651 45.62 -49.92 5.29
CA ASP A 651 44.46 -50.49 4.59
C ASP A 651 43.42 -49.42 4.25
N LEU A 652 43.76 -48.52 3.33
CA LEU A 652 42.84 -47.52 2.80
C LEU A 652 42.16 -46.72 3.91
N GLN A 653 42.96 -46.16 4.80
CA GLN A 653 42.41 -45.28 5.83
C GLN A 653 41.85 -44.01 5.22
N GLN A 654 42.65 -43.35 4.37
CA GLN A 654 42.23 -42.15 3.64
C GLN A 654 41.74 -41.05 4.60
N SER A 655 42.48 -40.85 5.68
CA SER A 655 42.18 -39.77 6.62
C SER A 655 42.74 -38.46 6.09
N PRO A 656 41.89 -37.55 5.61
CA PRO A 656 42.40 -36.39 4.87
C PRO A 656 43.03 -35.33 5.76
N VAL A 657 42.46 -35.09 6.94
CA VAL A 657 42.85 -34.00 7.82
C VAL A 657 42.84 -32.70 7.02
N GLN A 658 41.69 -32.39 6.42
CA GLN A 658 41.53 -31.24 5.54
C GLN A 658 40.97 -30.07 6.35
N LEU A 659 41.81 -29.05 6.57
CA LEU A 659 41.42 -27.84 7.29
C LEU A 659 41.68 -26.63 6.39
N GLN A 660 40.61 -26.05 5.86
CA GLN A 660 40.69 -24.90 4.97
C GLN A 660 39.31 -24.27 4.81
N CYS A 661 39.30 -23.01 4.39
CA CYS A 661 38.09 -22.25 4.08
C CYS A 661 38.52 -21.03 3.26
N PRO A 662 37.90 -20.78 2.11
CA PRO A 662 38.36 -19.67 1.26
C PRO A 662 37.62 -18.37 1.46
N LEU A 663 38.16 -17.30 0.87
CA LEU A 663 37.54 -15.98 0.96
C LEU A 663 36.27 -15.94 0.11
N GLN A 664 35.25 -15.24 0.62
CA GLN A 664 33.95 -15.20 -0.03
C GLN A 664 33.83 -13.98 -0.94
N ALA A 665 33.17 -14.20 -2.07
CA ALA A 665 32.84 -13.12 -3.00
C ALA A 665 31.57 -12.43 -2.52
N PRO A 666 31.34 -11.17 -2.93
CA PRO A 666 30.13 -10.48 -2.50
C PRO A 666 28.90 -11.16 -3.08
N ARG A 667 28.01 -11.61 -2.20
CA ARG A 667 26.81 -12.35 -2.58
C ARG A 667 25.61 -11.79 -1.83
N GLY A 668 24.45 -11.87 -2.49
CA GLY A 668 23.21 -11.42 -1.86
C GLY A 668 23.18 -9.93 -1.56
N LEU A 669 23.62 -9.11 -2.51
CA LEU A 669 23.57 -7.67 -2.31
C LEU A 669 22.13 -7.19 -2.43
N GLN A 670 21.69 -6.42 -1.44
CA GLN A 670 20.30 -5.95 -1.40
C GLN A 670 20.26 -4.47 -1.10
N VAL A 671 19.40 -3.75 -1.83
CA VAL A 671 19.20 -2.32 -1.65
C VAL A 671 17.70 -2.07 -1.52
N SER A 672 17.32 -1.19 -0.60
CA SER A 672 15.91 -0.89 -0.38
C SER A 672 15.79 0.49 0.24
N ILE A 673 14.54 0.94 0.37
CA ILE A 673 14.22 2.15 1.12
C ILE A 673 13.69 1.72 2.49
N ARG A 674 13.93 2.56 3.49
CA ARG A 674 13.56 2.26 4.86
C ARG A 674 12.06 2.01 4.98
N GLY A 675 11.68 0.89 5.61
CA GLY A 675 10.29 0.49 5.64
C GLY A 675 9.90 -0.45 4.52
N GLU A 676 8.66 -0.35 4.04
CA GLU A 676 8.19 -1.19 2.96
C GLU A 676 8.53 -0.61 1.59
N ALA A 677 8.78 0.70 1.52
CA ALA A 677 9.31 1.36 0.33
C ALA A 677 8.44 1.26 -0.91
N VAL A 678 9.04 1.62 -2.05
CA VAL A 678 8.46 1.53 -3.39
C VAL A 678 7.29 2.49 -3.49
N ALA A 679 7.39 3.63 -2.80
CA ALA A 679 6.41 4.70 -2.93
C ALA A 679 7.05 5.97 -2.41
N VAL A 680 6.99 7.03 -3.21
CA VAL A 680 7.64 8.29 -2.87
C VAL A 680 6.76 9.43 -3.36
N ARG A 681 6.73 10.53 -2.58
CA ARG A 681 6.18 11.81 -3.02
C ARG A 681 7.33 12.81 -3.17
N PRO A 682 7.22 13.78 -4.09
CA PRO A 682 8.33 14.70 -4.30
C PRO A 682 8.61 15.55 -3.06
N ARG A 683 9.89 15.87 -2.87
CA ARG A 683 10.36 16.63 -1.70
C ARG A 683 10.03 15.90 -0.40
N GLU A 684 10.48 14.64 -0.30
CA GLU A 684 10.28 13.82 0.87
C GLU A 684 11.60 13.17 1.27
N ASP A 685 11.77 12.97 2.58
CA ASP A 685 12.98 12.37 3.14
C ASP A 685 13.01 10.88 2.80
N VAL A 686 13.70 10.53 1.72
CA VAL A 686 13.86 9.15 1.31
C VAL A 686 15.17 8.61 1.89
N LEU A 687 15.08 7.48 2.58
CA LEU A 687 16.23 6.87 3.24
C LEU A 687 16.55 5.54 2.56
N PHE A 688 17.74 5.45 1.98
CA PHE A 688 18.20 4.23 1.32
C PHE A 688 19.11 3.44 2.24
N VAL A 689 18.95 2.12 2.23
CA VAL A 689 19.72 1.18 3.04
C VAL A 689 20.23 0.06 2.15
N VAL A 690 21.47 -0.35 2.38
CA VAL A 690 22.13 -1.42 1.62
C VAL A 690 22.62 -2.47 2.60
N ARG A 691 22.61 -3.73 2.15
CA ARG A 691 23.09 -4.82 2.99
C ARG A 691 23.73 -5.90 2.13
N GLN A 692 24.69 -6.58 2.74
CA GLN A 692 25.43 -7.71 2.17
C GLN A 692 25.24 -8.94 3.05
N GLU A 693 25.84 -10.04 2.61
CA GLU A 693 25.74 -11.32 3.31
C GLU A 693 27.13 -11.89 3.59
N GLN A 694 27.81 -12.41 2.57
CA GLN A 694 29.05 -13.15 2.76
C GLN A 694 30.21 -12.21 3.01
N GLY A 695 30.59 -12.06 4.28
CA GLY A 695 31.82 -11.38 4.63
C GLY A 695 31.82 -9.86 4.61
N ASP A 696 32.70 -9.27 5.42
CA ASP A 696 32.93 -7.83 5.43
C ASP A 696 34.43 -7.52 5.52
N VAL A 697 35.28 -8.50 5.22
CA VAL A 697 36.71 -8.35 5.48
C VAL A 697 37.37 -7.44 4.44
N LEU A 698 37.02 -7.62 3.17
CA LEU A 698 37.70 -6.88 2.11
C LEU A 698 37.18 -5.45 2.02
N THR A 699 38.04 -4.58 1.48
CA THR A 699 37.66 -3.22 1.15
C THR A 699 36.87 -3.25 -0.15
N THR A 700 35.69 -2.64 -0.13
CA THR A 700 34.73 -2.78 -1.23
C THR A 700 34.38 -1.41 -1.79
N LYS A 701 34.37 -1.30 -3.11
CA LYS A 701 33.91 -0.10 -3.79
C LYS A 701 32.41 -0.21 -4.00
N TYR A 702 31.67 0.84 -3.63
CA TYR A 702 30.22 0.88 -3.76
C TYR A 702 29.86 2.03 -4.70
N GLN A 703 29.64 1.72 -5.97
CA GLN A 703 29.19 2.72 -6.93
C GLN A 703 27.68 2.82 -6.88
N VAL A 704 27.16 4.05 -6.88
CA VAL A 704 25.75 4.30 -6.66
C VAL A 704 25.26 5.34 -7.66
N ASP A 705 24.12 5.05 -8.30
CA ASP A 705 23.46 5.96 -9.23
C ASP A 705 21.98 5.98 -8.88
N LEU A 706 21.45 7.18 -8.62
CA LEU A 706 20.06 7.33 -8.21
C LEU A 706 19.15 7.71 -9.38
N GLY A 707 19.64 7.64 -10.61
CA GLY A 707 18.82 7.83 -11.79
C GLY A 707 18.45 9.27 -12.11
N ASP A 708 18.88 10.24 -11.30
CA ASP A 708 18.59 11.64 -11.55
C ASP A 708 19.86 12.48 -11.66
N GLY A 709 20.94 11.86 -12.13
CA GLY A 709 22.21 12.53 -12.27
C GLY A 709 23.13 12.44 -11.06
N PHE A 710 22.63 11.99 -9.91
CA PHE A 710 23.42 11.92 -8.69
C PHE A 710 24.27 10.66 -8.73
N LYS A 711 25.53 10.81 -9.15
CA LYS A 711 26.50 9.74 -9.12
C LYS A 711 27.33 9.86 -7.85
N ALA A 712 27.60 8.74 -7.19
CA ALA A 712 28.38 8.80 -5.97
C ALA A 712 29.03 7.46 -5.68
N MET A 713 30.27 7.51 -5.18
CA MET A 713 31.01 6.30 -4.82
C MET A 713 31.32 6.33 -3.32
N TYR A 714 31.11 5.19 -2.68
CA TYR A 714 31.27 5.06 -1.24
C TYR A 714 32.11 3.82 -0.92
N VAL A 715 32.41 3.68 0.36
CA VAL A 715 33.23 2.57 0.85
C VAL A 715 32.74 2.19 2.24
N ASN A 716 32.79 0.89 2.53
CA ASN A 716 32.43 0.36 3.85
C ASN A 716 30.99 0.70 4.21
N LEU A 717 30.08 0.57 3.26
CA LEU A 717 28.68 0.96 3.51
C LEU A 717 27.99 -0.01 4.45
N THR A 718 28.13 -1.31 4.22
CA THR A 718 27.45 -2.28 5.08
C THR A 718 27.98 -2.23 6.50
N LEU A 719 29.25 -1.84 6.68
CA LEU A 719 29.85 -1.71 8.00
C LEU A 719 29.61 -0.35 8.63
N THR A 720 29.34 0.68 7.83
CA THR A 720 29.08 2.00 8.40
C THR A 720 27.77 2.02 9.16
N GLY A 721 26.71 1.44 8.59
CA GLY A 721 25.43 1.40 9.27
C GLY A 721 24.60 2.65 9.16
N GLU A 722 24.89 3.51 8.17
CA GLU A 722 24.14 4.75 8.05
C GLU A 722 23.35 4.76 6.74
N PRO A 723 22.08 5.18 6.77
CA PRO A 723 21.30 5.29 5.54
C PRO A 723 21.73 6.53 4.75
N ILE A 724 21.20 6.63 3.53
CA ILE A 724 21.50 7.76 2.66
C ILE A 724 20.21 8.54 2.42
N ARG A 725 20.28 9.86 2.60
CA ARG A 725 19.11 10.71 2.41
C ARG A 725 19.04 11.21 0.97
N HIS A 726 17.81 11.33 0.47
CA HIS A 726 17.60 11.94 -0.84
C HIS A 726 16.18 12.46 -0.93
N HIS A 727 16.03 13.55 -1.68
CA HIS A 727 14.72 14.16 -1.94
C HIS A 727 14.56 14.33 -3.44
N TYR A 728 13.57 13.67 -4.01
CA TYR A 728 13.29 13.80 -5.44
C TYR A 728 12.50 15.07 -5.71
N GLU A 729 12.86 15.77 -6.78
CA GLU A 729 12.22 17.03 -7.14
C GLU A 729 11.08 16.84 -8.15
N SER A 730 11.38 16.21 -9.28
CA SER A 730 10.38 16.03 -10.34
C SER A 730 9.69 14.68 -10.18
N PRO A 731 8.36 14.64 -10.27
CA PRO A 731 7.66 13.35 -10.22
C PRO A 731 8.00 12.49 -11.43
N GLY A 732 8.12 11.19 -11.20
CA GLY A 732 8.46 10.27 -12.27
C GLY A 732 9.02 8.97 -11.72
N ILE A 733 9.49 8.14 -12.64
CA ILE A 733 10.03 6.82 -12.31
C ILE A 733 11.55 6.89 -12.35
N TYR A 734 12.19 6.28 -11.36
CA TYR A 734 13.63 6.32 -11.23
C TYR A 734 14.17 4.93 -10.92
N ARG A 735 15.45 4.74 -11.21
CA ARG A 735 16.13 3.47 -11.01
C ARG A 735 17.38 3.70 -10.17
N VAL A 736 17.48 2.99 -9.05
CA VAL A 736 18.65 3.05 -8.18
C VAL A 736 19.52 1.84 -8.47
N SER A 737 20.79 2.09 -8.81
CA SER A 737 21.74 1.03 -9.15
C SER A 737 22.94 1.13 -8.22
N VAL A 738 23.33 -0.01 -7.65
CA VAL A 738 24.48 -0.10 -6.76
C VAL A 738 25.36 -1.25 -7.22
N ARG A 739 26.67 -1.03 -7.20
CA ARG A 739 27.64 -2.04 -7.60
C ARG A 739 28.66 -2.19 -6.47
N ALA A 740 28.81 -3.41 -5.97
CA ALA A 740 29.81 -3.75 -4.97
C ALA A 740 30.96 -4.49 -5.64
N GLU A 741 32.18 -3.97 -5.50
CA GLU A 741 33.34 -4.47 -6.20
C GLU A 741 34.44 -4.81 -5.20
N ASN A 742 34.99 -6.02 -5.32
CA ASN A 742 36.05 -6.56 -4.48
C ASN A 742 37.13 -7.17 -5.37
N MET A 743 38.15 -7.73 -4.72
CA MET A 743 39.16 -8.52 -5.42
C MET A 743 38.69 -9.94 -5.70
N ALA A 744 37.67 -10.41 -4.98
CA ALA A 744 37.16 -11.77 -5.13
C ALA A 744 36.09 -11.88 -6.21
N GLY A 745 35.14 -10.97 -6.20
CA GLY A 745 34.01 -11.03 -7.12
C GLY A 745 33.47 -9.66 -7.48
N HIS A 746 32.20 -9.61 -7.84
CA HIS A 746 31.54 -8.41 -8.35
C HIS A 746 30.03 -8.61 -8.33
N ASP A 747 29.29 -7.70 -7.68
CA ASP A 747 27.86 -7.88 -7.54
C ASP A 747 27.15 -6.58 -7.80
N GLU A 748 25.88 -6.67 -8.22
CA GLU A 748 25.08 -5.51 -8.56
C GLU A 748 23.66 -5.68 -8.04
N ALA A 749 23.06 -4.57 -7.60
CA ALA A 749 21.71 -4.55 -7.07
C ALA A 749 20.96 -3.36 -7.65
N VAL A 750 19.69 -3.59 -8.00
CA VAL A 750 18.87 -2.57 -8.65
C VAL A 750 17.53 -2.48 -7.93
N LEU A 751 16.97 -1.27 -7.92
CA LEU A 751 15.69 -1.00 -7.26
C LEU A 751 14.94 0.07 -8.04
N PHE A 752 13.80 -0.29 -8.61
CA PHE A 752 12.96 0.66 -9.32
C PHE A 752 11.99 1.32 -8.35
N VAL A 753 11.94 2.65 -8.38
CA VAL A 753 11.04 3.41 -7.51
C VAL A 753 10.18 4.34 -8.37
N GLN A 754 8.98 4.64 -7.88
CA GLN A 754 8.06 5.54 -8.56
C GLN A 754 7.68 6.68 -7.63
N VAL A 755 7.63 7.89 -8.18
CA VAL A 755 7.21 9.09 -7.48
C VAL A 755 6.01 9.63 -8.24
N ASN A 756 4.82 9.16 -7.87
CA ASN A 756 3.55 9.57 -8.49
C ASN A 756 2.57 9.75 -7.32
N SER A 757 2.54 10.95 -6.76
CA SER A 757 1.85 11.19 -5.50
C SER A 757 0.44 11.76 -5.62
N PRO A 758 0.19 12.81 -6.42
CA PRO A 758 -1.06 13.56 -6.22
C PRO A 758 -2.26 12.82 -6.81
N LEU A 759 -3.18 12.44 -5.92
CA LEU A 759 -4.50 11.94 -6.32
C LEU A 759 -5.54 12.77 -5.58
N GLN A 760 -6.24 13.64 -6.33
CA GLN A 760 -7.16 14.59 -5.71
C GLN A 760 -8.54 13.99 -5.50
N ALA A 761 -9.19 13.57 -6.58
CA ALA A 761 -10.55 13.03 -6.48
C ALA A 761 -10.84 12.19 -7.71
N LEU A 762 -11.84 11.31 -7.58
CA LEU A 762 -12.27 10.44 -8.65
C LEU A 762 -13.79 10.49 -8.74
N TYR A 763 -14.34 9.86 -9.79
CA TYR A 763 -15.77 9.81 -9.97
C TYR A 763 -16.16 8.57 -10.77
N LEU A 764 -17.22 7.91 -10.33
CA LEU A 764 -17.77 6.76 -11.04
C LEU A 764 -18.89 7.24 -11.95
N GLU A 765 -18.66 7.19 -13.26
CA GLU A 765 -19.65 7.56 -14.26
C GLU A 765 -20.44 6.32 -14.66
N VAL A 766 -21.76 6.37 -14.47
CA VAL A 766 -22.62 5.22 -14.65
C VAL A 766 -24.03 5.74 -14.89
N VAL A 767 -24.77 5.03 -15.74
CA VAL A 767 -26.18 5.38 -15.97
C VAL A 767 -26.95 5.21 -14.67
N PRO A 768 -27.82 6.15 -14.28
CA PRO A 768 -28.52 6.01 -13.00
C PRO A 768 -29.53 4.87 -12.96
N VAL A 769 -30.07 4.47 -14.10
CA VAL A 769 -31.07 3.40 -14.15
C VAL A 769 -31.04 2.78 -15.54
N ILE A 770 -31.16 1.45 -15.58
CA ILE A 770 -31.14 0.71 -16.84
C ILE A 770 -31.89 -0.59 -16.64
N GLY A 771 -32.44 -1.13 -17.73
CA GLY A 771 -33.21 -2.35 -17.66
C GLY A 771 -32.36 -3.59 -17.52
N VAL A 772 -33.04 -4.73 -17.33
CA VAL A 772 -32.36 -6.00 -17.20
C VAL A 772 -31.73 -6.40 -18.53
N ASN A 773 -30.60 -7.11 -18.44
CA ASN A 773 -29.90 -7.66 -19.61
C ASN A 773 -29.51 -6.56 -20.60
N GLN A 774 -29.26 -5.35 -20.11
CA GLN A 774 -28.81 -4.24 -20.93
C GLN A 774 -27.34 -3.96 -20.65
N GLU A 775 -26.57 -3.74 -21.70
CA GLU A 775 -25.14 -3.50 -21.55
C GLU A 775 -24.90 -2.15 -20.90
N VAL A 776 -24.20 -2.16 -19.77
CA VAL A 776 -23.89 -0.97 -18.99
C VAL A 776 -22.41 -0.68 -19.14
N ASN A 777 -22.08 0.58 -19.45
CA ASN A 777 -20.72 1.05 -19.69
C ASN A 777 -20.27 1.82 -18.45
N LEU A 778 -19.67 1.11 -17.49
CA LEU A 778 -19.13 1.78 -16.32
C LEU A 778 -17.82 2.49 -16.68
N THR A 779 -17.63 3.69 -16.12
CA THR A 779 -16.41 4.46 -16.38
C THR A 779 -15.88 5.01 -15.07
N ALA A 780 -14.55 5.11 -14.98
CA ALA A 780 -13.87 5.63 -13.80
C ALA A 780 -13.05 6.85 -14.21
N VAL A 781 -13.56 8.04 -13.91
CA VAL A 781 -12.89 9.28 -14.24
C VAL A 781 -11.96 9.66 -13.09
N LEU A 782 -10.71 10.01 -13.42
CA LEU A 782 -9.72 10.42 -12.44
C LEU A 782 -9.32 11.87 -12.71
N LEU A 783 -8.67 12.48 -11.74
CA LEU A 783 -8.27 13.88 -11.91
C LEU A 783 -7.23 14.07 -13.01
N PRO A 784 -6.12 13.34 -13.04
CA PRO A 784 -5.21 13.46 -14.19
C PRO A 784 -5.71 12.66 -15.39
N LEU A 785 -5.55 13.26 -16.58
CA LEU A 785 -6.05 12.66 -17.80
C LEU A 785 -5.17 11.48 -18.20
N ASN A 786 -5.75 10.27 -18.20
CA ASN A 786 -5.07 9.03 -18.55
C ASN A 786 -3.76 8.87 -17.78
N PRO A 787 -3.82 8.60 -16.47
CA PRO A 787 -2.58 8.33 -15.73
C PRO A 787 -1.92 7.06 -16.23
N ASN A 788 -0.59 7.09 -16.26
CA ASN A 788 0.16 6.04 -16.97
C ASN A 788 0.00 4.68 -16.30
N LEU A 789 0.09 4.64 -14.97
CA LEU A 789 0.05 3.38 -14.23
C LEU A 789 -1.07 3.44 -13.20
N THR A 790 -2.17 2.73 -13.48
CA THR A 790 -3.34 2.70 -12.62
C THR A 790 -3.90 1.30 -12.55
N VAL A 791 -4.37 0.91 -11.37
CA VAL A 791 -5.09 -0.34 -11.15
C VAL A 791 -6.50 0.01 -10.68
N PHE A 792 -7.48 -0.75 -11.16
CA PHE A 792 -8.89 -0.50 -10.85
C PHE A 792 -9.52 -1.73 -10.22
N TYR A 793 -10.11 -1.55 -9.04
CA TYR A 793 -10.91 -2.57 -8.37
C TYR A 793 -12.38 -2.25 -8.58
N TRP A 794 -13.14 -3.24 -9.05
CA TRP A 794 -14.55 -3.06 -9.37
C TRP A 794 -15.40 -4.00 -8.53
N TRP A 795 -16.34 -3.43 -7.77
CA TRP A 795 -17.25 -4.17 -6.91
C TRP A 795 -18.63 -4.11 -7.55
N ILE A 796 -19.12 -5.25 -8.04
CA ILE A 796 -20.37 -5.31 -8.77
C ILE A 796 -21.56 -5.19 -7.83
N GLY A 797 -21.63 -6.06 -6.81
CA GLY A 797 -22.74 -6.05 -5.89
C GLY A 797 -22.66 -7.10 -4.81
N HIS A 798 -23.42 -8.18 -4.96
CA HIS A 798 -23.45 -9.23 -3.93
C HIS A 798 -22.13 -9.98 -3.87
N SER A 799 -21.47 -10.17 -5.01
CA SER A 799 -20.19 -10.86 -5.02
C SER A 799 -19.14 -10.03 -4.28
N LEU A 800 -18.39 -10.68 -3.40
CA LEU A 800 -17.47 -9.95 -2.53
C LEU A 800 -16.17 -9.59 -3.24
N GLN A 801 -15.44 -10.60 -3.69
CA GLN A 801 -14.13 -10.36 -4.28
C GLN A 801 -14.25 -9.56 -5.57
N PRO A 802 -13.55 -8.44 -5.71
CA PRO A 802 -13.76 -7.55 -6.84
C PRO A 802 -13.03 -8.03 -8.09
N LEU A 803 -13.32 -7.35 -9.20
CA LEU A 803 -12.65 -7.59 -10.46
C LEU A 803 -11.52 -6.58 -10.63
N LEU A 804 -10.43 -7.04 -11.24
CA LEU A 804 -9.27 -6.19 -11.51
C LEU A 804 -9.29 -5.73 -12.96
N SER A 805 -9.01 -4.45 -13.18
CA SER A 805 -9.04 -3.87 -14.51
C SER A 805 -7.92 -2.86 -14.67
N LEU A 806 -7.35 -2.81 -15.87
CA LEU A 806 -6.34 -1.82 -16.22
C LEU A 806 -6.90 -0.65 -17.02
N ASP A 807 -8.09 -0.80 -17.60
CA ASP A 807 -8.72 0.23 -18.41
C ASP A 807 -9.74 1.01 -17.58
N ASN A 808 -10.01 2.24 -18.03
CA ASN A 808 -10.97 3.09 -17.31
C ASN A 808 -12.37 2.51 -17.35
N SER A 809 -12.78 1.99 -18.49
CA SER A 809 -14.16 1.55 -18.70
C SER A 809 -14.28 0.03 -18.60
N VAL A 810 -15.46 -0.41 -18.17
CA VAL A 810 -15.82 -1.83 -18.15
C VAL A 810 -17.27 -1.96 -18.61
N THR A 811 -17.66 -3.18 -18.95
CA THR A 811 -18.99 -3.47 -19.46
C THR A 811 -19.61 -4.57 -18.61
N THR A 812 -20.84 -4.35 -18.13
CA THR A 812 -21.47 -5.34 -17.28
C THR A 812 -22.99 -5.29 -17.46
N LYS A 813 -23.66 -6.31 -16.95
CA LYS A 813 -25.11 -6.45 -17.03
C LYS A 813 -25.68 -6.70 -15.64
N PHE A 814 -27.01 -6.78 -15.56
CA PHE A 814 -27.70 -7.03 -14.30
C PHE A 814 -28.80 -8.06 -14.54
N THR A 815 -28.67 -9.23 -13.91
CA THR A 815 -29.70 -10.25 -14.02
C THR A 815 -30.85 -10.00 -13.04
N ASP A 816 -30.54 -9.48 -11.85
CA ASP A 816 -31.54 -9.21 -10.84
C ASP A 816 -32.01 -7.75 -10.94
N ALA A 817 -33.23 -7.52 -10.46
CA ALA A 817 -33.83 -6.20 -10.50
C ALA A 817 -33.72 -5.54 -9.12
N GLY A 818 -34.19 -4.30 -9.03
CA GLY A 818 -34.18 -3.57 -7.78
C GLY A 818 -33.13 -2.47 -7.73
N ASP A 819 -32.40 -2.38 -6.62
CA ASP A 819 -31.32 -1.42 -6.47
C ASP A 819 -30.00 -2.15 -6.24
N VAL A 820 -28.95 -1.72 -6.95
CA VAL A 820 -27.63 -2.35 -6.89
C VAL A 820 -26.58 -1.28 -6.67
N ARG A 821 -25.64 -1.56 -5.78
CA ARG A 821 -24.52 -0.65 -5.50
C ARG A 821 -23.31 -1.08 -6.33
N VAL A 822 -22.80 -0.15 -7.13
CA VAL A 822 -21.58 -0.37 -7.92
C VAL A 822 -20.48 0.49 -7.32
N THR A 823 -19.35 -0.13 -7.00
CA THR A 823 -18.25 0.56 -6.33
C THR A 823 -16.98 0.44 -7.17
N VAL A 824 -16.16 1.49 -7.14
CA VAL A 824 -14.92 1.52 -7.89
C VAL A 824 -13.82 2.08 -7.00
N GLN A 825 -12.63 1.51 -7.11
CA GLN A 825 -11.47 1.90 -6.32
C GLN A 825 -10.26 2.03 -7.22
N ALA A 826 -9.49 3.10 -7.04
CA ALA A 826 -8.31 3.37 -7.84
C ALA A 826 -7.13 3.68 -6.93
N ALA A 827 -5.94 3.29 -7.39
CA ALA A 827 -4.73 3.48 -6.60
C ALA A 827 -3.54 3.48 -7.57
N CYS A 828 -3.10 4.68 -7.96
CA CYS A 828 -1.94 4.81 -8.85
C CYS A 828 -0.66 4.49 -8.07
N GLY A 829 -0.29 5.36 -7.14
CA GLY A 829 0.85 5.12 -6.29
C GLY A 829 0.43 4.40 -5.01
N ASN A 830 0.78 4.98 -3.86
CA ASN A 830 0.37 4.44 -2.57
C ASN A 830 -0.75 5.27 -1.95
N SER A 831 -1.71 5.70 -2.77
CA SER A 831 -2.89 6.41 -2.29
C SER A 831 -4.11 5.85 -2.99
N VAL A 832 -5.23 5.82 -2.28
CA VAL A 832 -6.45 5.15 -2.74
C VAL A 832 -7.59 6.16 -2.77
N LEU A 833 -8.34 6.15 -3.87
CA LEU A 833 -9.61 6.85 -3.97
C LEU A 833 -10.70 5.84 -4.28
N GLN A 834 -11.91 6.11 -3.79
CA GLN A 834 -12.99 5.14 -3.91
C GLN A 834 -14.32 5.86 -4.02
N ASP A 835 -15.22 5.33 -4.85
CA ASP A 835 -16.52 5.95 -5.04
C ASP A 835 -17.57 4.88 -5.33
N SER A 836 -18.74 5.04 -4.72
CA SER A 836 -19.87 4.14 -4.93
C SER A 836 -21.02 4.90 -5.61
N ARG A 837 -21.94 4.12 -6.17
CA ARG A 837 -23.12 4.71 -6.80
C ARG A 837 -24.23 3.67 -6.86
N LEU A 838 -25.45 4.11 -6.58
CA LEU A 838 -26.62 3.24 -6.61
C LEU A 838 -27.31 3.36 -7.96
N VAL A 839 -27.68 2.20 -8.53
CA VAL A 839 -28.37 2.15 -9.82
C VAL A 839 -29.62 1.30 -9.67
N ARG A 840 -30.64 1.64 -10.43
CA ARG A 840 -31.89 0.89 -10.45
C ARG A 840 -31.96 -0.02 -11.67
N VAL A 841 -32.46 -1.22 -11.46
CA VAL A 841 -32.62 -2.22 -12.52
C VAL A 841 -34.10 -2.54 -12.60
N LEU A 842 -34.72 -2.21 -13.74
CA LEU A 842 -36.15 -2.33 -13.94
C LEU A 842 -36.48 -3.59 -14.72
N ASP A 843 -37.77 -3.84 -14.92
CA ASP A 843 -38.22 -5.03 -15.64
C ASP A 843 -39.40 -4.72 -16.55
N GLN A 844 -40.51 -4.26 -15.98
CA GLN A 844 -41.69 -3.87 -16.75
C GLN A 844 -41.50 -2.45 -17.24
N PHE A 845 -40.99 -2.30 -18.46
CA PHE A 845 -40.70 -0.98 -19.00
C PHE A 845 -40.81 -0.99 -20.51
N GLN A 846 -40.92 0.22 -21.07
CA GLN A 846 -40.85 0.47 -22.50
C GLN A 846 -39.85 1.59 -22.75
N VAL A 847 -39.02 1.42 -23.77
CA VAL A 847 -37.91 2.33 -24.06
C VAL A 847 -38.29 3.24 -25.22
N VAL A 848 -38.04 4.54 -25.05
CA VAL A 848 -38.26 5.54 -26.09
C VAL A 848 -36.98 6.35 -26.26
N PRO A 849 -36.37 6.36 -27.44
CA PRO A 849 -35.21 7.22 -27.66
C PRO A 849 -35.61 8.67 -27.87
N LEU A 850 -34.69 9.57 -27.51
CA LEU A 850 -34.99 11.01 -27.51
C LEU A 850 -33.82 11.79 -28.07
N ARG A 851 -34.08 12.55 -29.14
CA ARG A 851 -33.18 13.55 -29.68
C ARG A 851 -33.34 14.87 -28.94
N PHE A 852 -32.22 15.54 -28.70
CA PHE A 852 -32.18 16.90 -28.20
C PHE A 852 -31.69 17.84 -29.30
N SER A 853 -31.90 19.13 -29.08
CA SER A 853 -31.46 20.14 -30.04
C SER A 853 -29.93 20.24 -30.04
N ARG A 854 -29.39 20.73 -31.16
CA ARG A 854 -27.94 20.83 -31.30
C ARG A 854 -27.36 21.93 -30.41
N GLU A 855 -28.09 23.03 -30.24
CA GLU A 855 -27.60 24.15 -29.46
C GLU A 855 -27.27 23.75 -28.03
N LEU A 856 -28.05 22.83 -27.46
CA LEU A 856 -27.85 22.41 -26.07
C LEU A 856 -26.43 21.93 -25.81
N ASP A 857 -25.79 21.30 -26.81
CA ASP A 857 -24.44 20.78 -26.64
C ASP A 857 -23.46 21.88 -26.26
N THR A 858 -23.76 23.13 -26.61
CA THR A 858 -22.85 24.23 -26.28
C THR A 858 -22.87 24.59 -24.79
N PHE A 859 -23.84 24.08 -24.02
CA PHE A 859 -23.95 24.38 -22.60
C PHE A 859 -24.11 23.10 -21.79
N ASN A 860 -23.44 22.03 -22.19
CA ASN A 860 -23.59 20.71 -21.57
C ASN A 860 -22.29 20.23 -20.96
N PRO A 861 -22.06 20.46 -19.67
CA PRO A 861 -20.99 19.75 -18.96
C PRO A 861 -21.46 18.37 -18.53
N ASN A 862 -20.49 17.50 -18.27
CA ASN A 862 -20.79 16.13 -17.87
C ASN A 862 -21.16 16.01 -16.39
N THR A 863 -21.40 17.13 -15.71
CA THR A 863 -21.80 17.10 -14.31
C THR A 863 -23.10 16.31 -14.16
N PRO A 864 -23.15 15.30 -13.28
CA PRO A 864 -24.35 14.48 -13.17
C PRO A 864 -25.55 15.23 -12.61
N GLU A 865 -25.34 16.27 -11.81
CA GLU A 865 -26.46 17.04 -11.26
C GLU A 865 -27.21 17.77 -12.37
N TRP A 866 -26.48 18.37 -13.31
CA TRP A 866 -27.09 18.96 -14.50
C TRP A 866 -27.97 17.95 -15.22
N ARG A 867 -27.43 16.74 -15.44
CA ARG A 867 -28.18 15.69 -16.12
C ARG A 867 -29.44 15.32 -15.35
N GLU A 868 -29.33 15.19 -14.03
CA GLU A 868 -30.48 14.83 -13.22
C GLU A 868 -31.57 15.89 -13.29
N ASP A 869 -31.18 17.17 -13.20
CA ASP A 869 -32.18 18.23 -13.27
C ASP A 869 -32.83 18.31 -14.64
N VAL A 870 -32.06 18.09 -15.70
CA VAL A 870 -32.62 18.08 -17.05
C VAL A 870 -33.64 16.95 -17.18
N GLY A 871 -33.30 15.75 -16.72
CA GLY A 871 -34.25 14.65 -16.74
C GLY A 871 -35.50 14.95 -15.93
N LEU A 872 -35.34 15.58 -14.76
CA LEU A 872 -36.50 15.93 -13.94
C LEU A 872 -37.42 16.91 -14.66
N VAL A 873 -36.85 17.93 -15.30
CA VAL A 873 -37.69 18.91 -16.00
C VAL A 873 -38.39 18.27 -17.19
N VAL A 874 -37.69 17.39 -17.91
CA VAL A 874 -38.33 16.70 -19.03
C VAL A 874 -39.49 15.84 -18.55
N THR A 875 -39.30 15.12 -17.44
CA THR A 875 -40.39 14.30 -16.89
C THR A 875 -41.55 15.18 -16.44
N ARG A 876 -41.25 16.33 -15.82
CA ARG A 876 -42.30 17.25 -15.41
C ARG A 876 -43.13 17.71 -16.61
N LEU A 877 -42.47 18.10 -17.69
CA LEU A 877 -43.19 18.58 -18.87
C LEU A 877 -43.99 17.46 -19.53
N LEU A 878 -43.45 16.24 -19.54
CA LEU A 878 -44.21 15.12 -20.10
C LEU A 878 -45.44 14.82 -19.26
N SER A 879 -45.32 14.91 -17.93
CA SER A 879 -46.48 14.72 -17.07
C SER A 879 -47.51 15.82 -17.28
N LYS A 880 -47.05 17.06 -17.52
CA LYS A 880 -47.97 18.15 -17.76
C LYS A 880 -48.69 18.01 -19.11
N GLU A 881 -48.02 17.40 -20.09
CA GLU A 881 -48.59 17.28 -21.43
C GLU A 881 -49.37 15.98 -21.64
N THR A 882 -49.23 15.00 -20.76
CA THR A 882 -49.98 13.75 -20.89
C THR A 882 -50.91 13.45 -19.72
N SER A 883 -50.76 14.15 -18.58
CA SER A 883 -51.57 13.92 -17.39
C SER A 883 -51.49 12.48 -16.91
N ILE A 884 -50.36 11.82 -17.15
CA ILE A 884 -50.13 10.45 -16.68
C ILE A 884 -49.25 10.53 -15.45
N PRO A 885 -49.16 9.46 -14.63
CA PRO A 885 -48.35 9.54 -13.41
C PRO A 885 -46.90 9.93 -13.70
N GLU A 886 -46.34 10.72 -12.77
CA GLU A 886 -44.99 11.23 -12.95
C GLU A 886 -43.93 10.19 -12.59
N GLU A 887 -44.21 9.33 -11.60
CA GLU A 887 -43.24 8.32 -11.19
C GLU A 887 -43.09 7.20 -12.20
N LEU A 888 -43.96 7.11 -13.19
CA LEU A 888 -43.89 6.07 -14.21
C LEU A 888 -43.12 6.52 -15.45
N LEU A 889 -42.43 7.65 -15.39
CA LEU A 889 -41.62 8.16 -16.49
C LEU A 889 -40.23 8.49 -15.94
N VAL A 890 -39.20 7.89 -16.54
CA VAL A 890 -37.81 8.11 -16.10
C VAL A 890 -37.01 8.56 -17.31
N THR A 891 -36.35 9.71 -17.19
CA THR A 891 -35.56 10.28 -18.27
C THR A 891 -34.08 10.21 -17.91
N VAL A 892 -33.29 9.57 -18.77
CA VAL A 892 -31.85 9.45 -18.57
C VAL A 892 -31.16 10.05 -19.79
N VAL A 893 -30.35 11.09 -19.58
CA VAL A 893 -29.79 11.85 -20.69
C VAL A 893 -28.38 11.40 -21.05
N LYS A 894 -27.88 10.32 -20.41
CA LYS A 894 -26.65 9.63 -20.80
C LYS A 894 -25.41 10.52 -20.62
N PRO A 895 -24.20 9.93 -20.62
CA PRO A 895 -22.98 10.74 -20.52
C PRO A 895 -22.32 11.09 -21.84
N GLY A 896 -22.87 10.65 -22.97
CA GLY A 896 -22.22 10.89 -24.25
C GLY A 896 -22.12 12.37 -24.57
N LEU A 897 -21.11 12.70 -25.39
CA LEU A 897 -20.93 14.10 -25.79
C LEU A 897 -22.08 14.60 -26.66
N PRO A 898 -22.54 13.86 -27.67
CA PRO A 898 -23.83 14.22 -28.29
C PRO A 898 -24.98 13.85 -27.36
N THR A 899 -25.81 14.84 -27.06
CA THR A 899 -26.85 14.67 -26.04
C THR A 899 -27.93 13.73 -26.56
N ILE A 900 -27.99 12.53 -26.00
CA ILE A 900 -28.94 11.49 -26.37
C ILE A 900 -29.68 11.06 -25.12
N ALA A 901 -31.01 10.91 -25.21
CA ALA A 901 -31.79 10.57 -24.04
C ALA A 901 -32.57 9.28 -24.25
N ASP A 902 -32.85 8.60 -23.14
CA ASP A 902 -33.68 7.41 -23.10
C ASP A 902 -34.79 7.63 -22.09
N LEU A 903 -36.03 7.34 -22.50
CA LEU A 903 -37.20 7.48 -21.65
C LEU A 903 -37.75 6.09 -21.35
N TYR A 904 -37.80 5.74 -20.07
CA TYR A 904 -38.33 4.47 -19.62
C TYR A 904 -39.72 4.69 -19.05
N VAL A 905 -40.70 3.95 -19.56
CA VAL A 905 -42.09 4.05 -19.14
C VAL A 905 -42.46 2.75 -18.45
N LEU A 906 -42.82 2.83 -17.18
CA LEU A 906 -43.16 1.65 -16.38
C LEU A 906 -44.65 1.34 -16.51
N LEU A 907 -44.99 0.08 -16.23
CA LEU A 907 -46.38 -0.38 -16.28
C LEU A 907 -47.01 -0.36 -14.88
N PRO A 908 -46.36 -0.94 -13.85
CA PRO A 908 -47.03 -0.86 -12.54
C PRO A 908 -47.04 0.54 -11.95
N LEU A 918 -53.01 -4.23 -23.79
CA LEU A 918 -53.06 -3.57 -22.49
C LEU A 918 -53.22 -2.06 -22.64
N THR A 919 -53.37 -1.36 -21.51
CA THR A 919 -53.49 0.09 -21.52
C THR A 919 -52.15 0.80 -21.72
N SER A 920 -51.04 0.05 -21.71
CA SER A 920 -49.73 0.67 -21.93
C SER A 920 -49.60 1.23 -23.33
N ASP A 921 -50.32 0.65 -24.31
CA ASP A 921 -50.29 1.17 -25.67
C ASP A 921 -50.88 2.58 -25.72
N LYS A 922 -51.94 2.82 -24.94
CA LYS A 922 -52.53 4.16 -24.89
C LYS A 922 -51.52 5.18 -24.34
N ARG A 923 -50.82 4.82 -23.27
CA ARG A 923 -49.82 5.72 -22.71
C ARG A 923 -48.68 5.95 -23.69
N LEU A 924 -48.24 4.89 -24.38
CA LEU A 924 -47.16 5.04 -25.35
C LEU A 924 -47.56 5.97 -26.49
N ALA A 925 -48.77 5.79 -27.03
CA ALA A 925 -49.25 6.67 -28.09
C ALA A 925 -49.41 8.10 -27.59
N ALA A 926 -49.89 8.28 -26.36
CA ALA A 926 -50.04 9.62 -25.80
C ALA A 926 -48.69 10.31 -25.67
N VAL A 927 -47.67 9.59 -25.21
CA VAL A 927 -46.35 10.18 -25.07
C VAL A 927 -45.75 10.50 -26.43
N GLN A 928 -45.92 9.61 -27.40
CA GLN A 928 -45.39 9.88 -28.74
C GLN A 928 -46.06 11.10 -29.37
N GLN A 929 -47.37 11.25 -29.18
CA GLN A 929 -48.05 12.43 -29.71
C GLN A 929 -47.65 13.69 -28.95
N ALA A 930 -47.47 13.59 -27.63
CA ALA A 930 -47.04 14.74 -26.84
C ALA A 930 -45.60 15.14 -27.14
N LEU A 931 -44.82 14.24 -27.75
CA LEU A 931 -43.48 14.60 -28.21
C LEU A 931 -43.50 15.18 -29.62
N ASN A 932 -44.15 14.50 -30.57
CA ASN A 932 -44.14 14.94 -31.96
C ASN A 932 -45.08 16.12 -32.18
N SER A 933 -46.38 15.87 -32.07
CA SER A 933 -47.37 16.90 -32.38
C SER A 933 -47.21 18.12 -31.49
N HIS A 934 -46.95 17.90 -30.21
CA HIS A 934 -46.75 18.98 -29.25
C HIS A 934 -45.25 19.09 -28.96
N ARG A 935 -44.65 20.23 -29.30
CA ARG A 935 -43.26 20.43 -28.95
C ARG A 935 -43.12 20.59 -27.45
N ILE A 936 -42.13 19.92 -26.87
CA ILE A 936 -41.80 20.04 -25.45
C ILE A 936 -40.66 21.04 -25.36
N SER A 937 -40.98 22.26 -24.91
CA SER A 937 -40.03 23.35 -24.94
C SER A 937 -39.23 23.41 -23.65
N PHE A 938 -38.02 23.98 -23.74
CA PHE A 938 -37.12 24.09 -22.61
C PHE A 938 -36.51 25.48 -22.61
N ILE A 939 -36.75 26.23 -21.53
CA ILE A 939 -36.18 27.57 -21.39
C ILE A 939 -34.86 27.41 -20.65
N LEU A 940 -33.76 27.36 -21.41
CA LEU A 940 -32.44 27.18 -20.81
C LEU A 940 -31.92 28.48 -20.21
N ARG A 941 -31.63 29.46 -21.06
CA ARG A 941 -31.17 30.77 -20.64
C ARG A 941 -32.06 31.84 -21.27
N GLY A 942 -31.83 33.10 -20.90
CA GLY A 942 -32.62 34.21 -21.40
C GLY A 942 -32.68 34.31 -22.91
N GLY A 943 -33.80 33.91 -23.49
CA GLY A 943 -33.95 33.94 -24.93
C GLY A 943 -33.35 32.76 -25.66
N LEU A 944 -33.38 31.58 -25.06
CA LEU A 944 -32.83 30.37 -25.67
C LEU A 944 -33.78 29.21 -25.38
N ARG A 945 -34.32 28.61 -26.44
CA ARG A 945 -35.27 27.53 -26.32
C ARG A 945 -34.70 26.25 -26.91
N ILE A 946 -34.85 25.15 -26.18
CA ILE A 946 -34.40 23.83 -26.63
C ILE A 946 -35.62 22.95 -26.84
N LEU A 947 -35.52 22.04 -27.79
CA LEU A 947 -36.60 21.13 -28.13
C LEU A 947 -36.13 19.69 -28.07
N VAL A 948 -37.07 18.78 -27.81
CA VAL A 948 -36.79 17.36 -27.70
C VAL A 948 -37.81 16.59 -28.53
N GLU A 949 -37.36 15.56 -29.23
CA GLU A 949 -38.24 14.80 -30.11
C GLU A 949 -37.77 13.34 -30.14
N LEU A 950 -38.34 12.57 -31.06
CA LEU A 950 -37.98 11.16 -31.19
C LEU A 950 -36.63 11.02 -31.90
N ARG A 951 -35.99 9.87 -31.70
CA ARG A 951 -34.65 9.61 -32.20
C ARG A 951 -34.65 8.33 -33.02
N ASP A 952 -34.22 8.42 -34.28
CA ASP A 952 -34.02 7.25 -35.10
C ASP A 952 -32.72 6.53 -34.75
N GLN B 17 -8.29 87.28 -28.83
CA GLN B 17 -8.88 85.95 -28.93
C GLN B 17 -8.84 85.23 -27.59
N VAL B 18 -7.63 84.89 -27.15
CA VAL B 18 -7.41 84.22 -25.86
C VAL B 18 -6.33 84.98 -25.10
N SER B 19 -5.99 84.47 -23.93
CA SER B 19 -4.97 85.11 -23.08
C SER B 19 -4.44 84.07 -22.11
N LEU B 20 -3.13 83.85 -22.15
CA LEU B 20 -2.51 82.87 -21.26
C LEU B 20 -1.03 83.22 -21.10
N ILE B 21 -0.40 82.60 -20.10
CA ILE B 21 1.00 82.85 -19.79
C ILE B 21 1.76 81.53 -19.86
N SER B 22 3.00 81.57 -20.33
CA SER B 22 3.84 80.38 -20.41
C SER B 22 5.19 80.68 -19.79
N THR B 23 5.60 79.87 -18.82
CA THR B 23 6.87 80.03 -18.13
C THR B 23 7.66 78.74 -18.24
N SER B 24 8.81 78.79 -18.89
CA SER B 24 9.64 77.62 -19.08
C SER B 24 10.75 77.56 -18.03
N PHE B 25 11.22 76.35 -17.75
CA PHE B 25 12.32 76.14 -16.83
C PHE B 25 13.07 74.87 -17.22
N VAL B 26 14.39 74.95 -17.25
CA VAL B 26 15.25 73.83 -17.59
C VAL B 26 15.99 73.40 -16.33
N LEU B 27 15.98 72.10 -16.06
CA LEU B 27 16.78 71.55 -14.96
C LEU B 27 18.25 71.74 -15.30
N LYS B 28 18.92 72.63 -14.56
CA LYS B 28 20.29 73.01 -14.90
C LYS B 28 21.26 71.83 -14.86
N GLY B 29 20.93 70.78 -14.13
CA GLY B 29 21.74 69.58 -14.18
C GLY B 29 21.63 68.89 -15.53
N ASP B 30 22.65 69.03 -16.36
CA ASP B 30 22.62 68.44 -17.69
C ASP B 30 22.68 66.92 -17.62
N ALA B 31 23.25 66.36 -16.56
CA ALA B 31 23.30 64.90 -16.36
C ALA B 31 21.94 64.42 -15.88
N THR B 32 20.97 64.44 -16.81
CA THR B 32 19.60 64.04 -16.52
C THR B 32 19.06 63.28 -17.72
N HIS B 33 18.34 62.20 -17.45
CA HIS B 33 17.81 61.31 -18.48
C HIS B 33 16.86 60.32 -17.82
N ASN B 34 16.36 59.37 -18.62
CA ASN B 34 15.53 58.25 -18.16
C ASN B 34 14.23 58.78 -17.58
N GLN B 35 13.95 58.59 -16.29
CA GLN B 35 12.61 58.80 -15.76
C GLN B 35 12.61 59.91 -14.71
N ALA B 36 11.40 60.32 -14.33
CA ALA B 36 11.23 61.38 -13.34
C ALA B 36 9.84 61.26 -12.72
N MET B 37 9.75 61.61 -11.44
CA MET B 37 8.49 61.65 -10.71
C MET B 37 8.29 63.05 -10.14
N VAL B 38 7.19 63.69 -10.51
CA VAL B 38 6.88 65.05 -10.08
C VAL B 38 5.61 65.01 -9.24
N HIS B 39 5.67 65.58 -8.04
CA HIS B 39 4.52 65.57 -7.15
C HIS B 39 4.41 66.86 -6.37
N TRP B 40 3.17 67.32 -6.20
CA TRP B 40 2.86 68.47 -5.37
C TRP B 40 2.72 68.01 -3.92
N THR B 41 2.50 68.97 -3.01
CA THR B 41 2.32 68.64 -1.61
C THR B 41 1.46 69.72 -0.96
N GLY B 42 0.23 69.36 -0.60
CA GLY B 42 -0.62 70.23 0.19
C GLY B 42 -1.30 71.30 -0.63
N GLU B 43 -2.34 71.89 -0.03
CA GLU B 43 -3.08 73.00 -0.60
C GLU B 43 -2.80 74.27 0.18
N ASN B 44 -2.76 75.39 -0.53
CA ASN B 44 -2.39 76.69 0.04
C ASN B 44 -0.97 76.65 0.60
N SER B 45 -0.07 76.00 -0.14
CA SER B 45 1.35 75.89 0.20
C SER B 45 2.26 76.29 -0.95
N SER B 46 1.92 75.90 -2.19
CA SER B 46 2.70 76.24 -3.39
C SER B 46 4.12 75.70 -3.30
N VAL B 47 4.23 74.40 -3.01
CA VAL B 47 5.51 73.70 -2.94
C VAL B 47 5.43 72.47 -3.82
N ILE B 48 6.45 72.25 -4.65
CA ILE B 48 6.49 71.16 -5.61
C ILE B 48 7.82 70.44 -5.49
N LEU B 49 7.81 69.11 -5.65
CA LEU B 49 9.03 68.32 -5.60
C LEU B 49 9.15 67.47 -6.85
N ILE B 50 10.39 67.25 -7.28
CA ILE B 50 10.71 66.46 -8.46
C ILE B 50 11.87 65.54 -8.12
N LEU B 51 11.78 64.29 -8.56
CA LEU B 51 12.86 63.31 -8.40
C LEU B 51 13.23 62.80 -9.79
N THR B 52 14.45 63.10 -10.24
CA THR B 52 14.95 62.64 -11.52
C THR B 52 15.78 61.39 -11.30
N LYS B 53 15.30 60.25 -11.83
CA LYS B 53 15.92 58.96 -11.63
C LYS B 53 16.37 58.39 -12.96
N TYR B 54 17.45 57.62 -12.94
CA TYR B 54 18.08 57.11 -14.16
C TYR B 54 18.07 55.58 -14.11
N TYR B 55 17.20 54.96 -14.90
CA TYR B 55 17.17 53.51 -14.97
C TYR B 55 18.35 52.99 -15.79
N HIS B 56 18.49 51.67 -15.80
CA HIS B 56 19.60 51.02 -16.49
C HIS B 56 19.08 49.80 -17.24
N ALA B 57 19.60 49.60 -18.45
CA ALA B 57 19.17 48.52 -19.32
C ALA B 57 20.00 47.27 -19.02
N ASP B 58 19.82 46.24 -19.84
CA ASP B 58 20.56 44.97 -19.72
C ASP B 58 20.33 44.33 -18.35
N MET B 59 19.06 44.28 -17.94
CA MET B 59 18.62 43.64 -16.70
C MET B 59 19.29 44.22 -15.46
N GLY B 60 19.80 45.45 -15.54
CA GLY B 60 20.44 46.06 -14.39
C GLY B 60 19.45 46.77 -13.48
N LYS B 61 18.78 47.79 -14.02
CA LYS B 61 17.73 48.52 -13.31
C LYS B 61 18.24 49.17 -12.01
N VAL B 62 19.53 49.47 -11.96
CA VAL B 62 20.12 50.20 -10.85
C VAL B 62 19.98 51.68 -11.14
N LEU B 63 19.92 52.51 -10.11
CA LEU B 63 19.45 53.88 -10.23
C LEU B 63 20.47 54.90 -9.75
N GLU B 64 20.37 56.10 -10.32
CA GLU B 64 21.08 57.29 -9.89
C GLU B 64 20.09 58.44 -9.96
N SER B 65 20.09 59.34 -8.97
CA SER B 65 18.99 60.28 -8.87
C SER B 65 19.44 61.65 -8.38
N SER B 66 18.54 62.61 -8.58
CA SER B 66 18.71 63.97 -8.07
C SER B 66 17.34 64.51 -7.67
N LEU B 67 17.35 65.43 -6.70
CA LEU B 67 16.13 65.97 -6.12
C LEU B 67 16.02 67.46 -6.38
N TRP B 68 14.82 67.91 -6.76
CA TRP B 68 14.54 69.32 -7.04
C TRP B 68 13.34 69.76 -6.22
N ARG B 69 13.39 71.00 -5.73
CA ARG B 69 12.33 71.53 -4.88
C ARG B 69 12.02 72.96 -5.27
N SER B 70 10.73 73.30 -5.36
CA SER B 70 10.31 74.66 -5.64
C SER B 70 9.24 75.07 -4.64
N SER B 71 9.16 76.39 -4.40
CA SER B 71 8.20 76.95 -3.47
C SER B 71 7.55 78.20 -4.06
N ASP B 72 7.23 78.16 -5.36
CA ASP B 72 6.60 79.28 -6.03
C ASP B 72 5.97 78.86 -7.36
N PHE B 73 4.97 77.97 -7.30
CA PHE B 73 4.25 77.48 -8.47
C PHE B 73 5.16 76.85 -9.53
N GLY B 74 6.34 76.40 -9.12
CA GLY B 74 7.26 75.76 -10.05
C GLY B 74 7.92 76.72 -11.03
N THR B 75 8.32 77.90 -10.56
CA THR B 75 9.04 78.87 -11.39
C THR B 75 10.53 78.92 -11.07
N THR B 76 10.91 78.56 -9.85
CA THR B 76 12.32 78.56 -9.46
C THR B 76 12.59 77.27 -8.67
N TYR B 77 13.28 76.33 -9.30
CA TYR B 77 13.62 75.06 -8.70
C TYR B 77 15.06 75.08 -8.20
N THR B 78 15.25 74.62 -6.97
CA THR B 78 16.58 74.46 -6.39
C THR B 78 16.90 72.97 -6.30
N LYS B 79 18.12 72.61 -6.71
CA LYS B 79 18.58 71.23 -6.64
C LYS B 79 19.04 70.95 -5.21
N LEU B 80 18.29 70.15 -4.48
CA LEU B 80 18.62 69.84 -3.10
C LEU B 80 19.72 68.78 -3.03
N THR B 81 20.55 68.91 -2.01
CA THR B 81 21.62 67.94 -1.73
C THR B 81 21.57 67.58 -0.26
N LEU B 82 22.17 66.43 0.06
CA LEU B 82 22.15 65.90 1.42
C LEU B 82 23.55 65.40 1.75
N GLN B 83 24.26 66.14 2.61
CA GLN B 83 25.58 65.78 3.15
C GLN B 83 26.63 65.79 2.05
N PRO B 84 27.92 65.80 2.41
CA PRO B 84 28.98 65.69 1.38
C PRO B 84 28.82 64.45 0.51
N GLY B 85 28.44 63.32 1.09
CA GLY B 85 28.17 62.12 0.32
C GLY B 85 26.75 62.10 -0.22
N VAL B 86 26.61 62.15 -1.54
CA VAL B 86 25.30 62.24 -2.18
C VAL B 86 24.62 60.87 -2.12
N THR B 87 23.49 60.80 -1.42
CA THR B 87 22.70 59.57 -1.33
C THR B 87 21.78 59.48 -2.54
N THR B 88 21.76 58.30 -3.18
CA THR B 88 20.92 58.07 -4.36
C THR B 88 19.55 57.61 -3.90
N VAL B 89 18.56 58.51 -3.99
CA VAL B 89 17.19 58.17 -3.63
C VAL B 89 16.57 57.37 -4.76
N ILE B 90 15.96 56.24 -4.43
CA ILE B 90 15.34 55.39 -5.44
C ILE B 90 14.01 55.98 -5.88
N ASP B 91 13.36 55.30 -6.81
CA ASP B 91 12.14 55.84 -7.45
C ASP B 91 11.08 56.23 -6.43
N ASN B 92 10.86 55.40 -5.41
CA ASN B 92 9.71 55.60 -4.52
C ASN B 92 10.03 56.58 -3.41
N PHE B 93 9.34 57.72 -3.40
CA PHE B 93 9.22 58.58 -2.24
C PHE B 93 7.74 58.69 -1.91
N TYR B 94 7.40 58.53 -0.63
CA TYR B 94 6.02 58.36 -0.21
C TYR B 94 5.55 59.58 0.59
N ILE B 95 4.38 60.08 0.24
CA ILE B 95 3.76 61.20 0.95
C ILE B 95 2.69 60.65 1.88
N CYS B 96 2.33 61.45 2.88
CA CYS B 96 1.31 61.07 3.83
C CYS B 96 -0.08 61.37 3.27
N PRO B 97 -1.05 60.46 3.46
CA PRO B 97 -2.40 60.71 2.97
C PRO B 97 -3.11 61.75 3.83
N ALA B 98 -4.10 62.39 3.21
CA ALA B 98 -4.92 63.41 3.86
C ALA B 98 -4.07 64.54 4.46
N LYS B 102 -1.75 67.35 6.73
CA LYS B 102 -0.85 66.23 6.94
C LYS B 102 0.22 66.18 5.87
N ILE B 103 1.24 67.02 6.02
CA ILE B 103 2.34 67.14 5.06
C ILE B 103 3.55 66.47 5.69
N ILE B 104 3.82 65.22 5.31
CA ILE B 104 5.00 64.49 5.75
C ILE B 104 5.53 63.71 4.55
N LEU B 105 6.85 63.81 4.32
CA LEU B 105 7.49 63.18 3.17
C LEU B 105 8.54 62.18 3.64
N VAL B 106 8.58 61.03 2.98
CA VAL B 106 9.55 59.97 3.28
C VAL B 106 10.26 59.61 1.97
N SER B 107 11.59 59.56 2.03
CA SER B 107 12.39 59.16 0.87
C SER B 107 13.16 57.89 1.20
N SER B 108 13.24 56.98 0.24
CA SER B 108 13.93 55.71 0.41
C SER B 108 15.19 55.67 -0.46
N SER B 109 16.23 54.99 0.03
CA SER B 109 17.48 54.86 -0.70
C SER B 109 17.88 53.41 -0.78
N LEU B 110 18.57 53.05 -1.86
CA LEU B 110 19.06 51.70 -2.07
C LEU B 110 20.42 51.74 -2.75
N GLY B 111 21.30 50.86 -2.30
CA GLY B 111 22.59 50.61 -2.90
C GLY B 111 22.81 49.12 -3.04
N ASP B 112 24.08 48.71 -2.91
CA ASP B 112 24.42 47.29 -2.91
C ASP B 112 24.27 46.77 -1.48
N ARG B 113 23.06 46.32 -1.16
CA ARG B 113 22.73 45.71 0.13
C ARG B 113 22.99 46.67 1.30
N GLU B 114 22.70 47.95 1.09
CA GLU B 114 22.75 48.98 2.13
C GLU B 114 21.72 50.04 1.80
N GLN B 115 20.85 50.33 2.76
CA GLN B 115 19.69 51.19 2.54
C GLN B 115 19.58 52.23 3.65
N SER B 116 18.74 53.24 3.41
CA SER B 116 18.47 54.26 4.39
C SER B 116 17.17 54.98 4.01
N LEU B 117 16.71 55.84 4.91
CA LEU B 117 15.49 56.61 4.74
C LEU B 117 15.73 58.05 5.16
N PHE B 118 14.90 58.94 4.63
CA PHE B 118 14.93 60.35 4.98
C PHE B 118 13.51 60.79 5.30
N LEU B 119 13.35 61.53 6.40
CA LEU B 119 12.05 61.99 6.84
C LEU B 119 12.01 63.51 6.84
N SER B 120 10.86 64.08 6.46
CA SER B 120 10.67 65.51 6.54
C SER B 120 9.23 65.82 6.92
N THR B 121 9.06 66.78 7.84
CA THR B 121 7.74 67.25 8.23
C THR B 121 7.57 68.74 7.96
N ASP B 122 8.46 69.32 7.14
CA ASP B 122 8.45 70.75 6.84
C ASP B 122 8.37 70.97 5.34
N GLU B 123 7.54 70.18 4.66
CA GLU B 123 7.37 70.26 3.20
C GLU B 123 8.71 70.09 2.49
N GLY B 124 9.53 69.16 2.97
CA GLY B 124 10.83 68.92 2.37
C GLY B 124 11.86 69.99 2.63
N ALA B 125 11.77 70.69 3.76
CA ALA B 125 12.75 71.73 4.09
C ALA B 125 13.98 71.16 4.80
N THR B 126 13.79 70.22 5.72
CA THR B 126 14.88 69.63 6.49
C THR B 126 14.68 68.12 6.50
N PHE B 127 15.46 67.40 5.71
CA PHE B 127 15.41 65.95 5.65
C PHE B 127 16.37 65.36 6.68
N GLN B 128 15.82 64.65 7.68
CA GLN B 128 16.62 63.94 8.67
C GLN B 128 16.83 62.50 8.22
N LYS B 129 18.07 62.03 8.30
CA LYS B 129 18.43 60.70 7.84
C LYS B 129 18.27 59.67 8.96
N TYR B 130 17.83 58.47 8.59
CA TYR B 130 17.73 57.34 9.49
C TYR B 130 18.08 56.09 8.72
N PRO B 131 18.57 55.06 9.39
CA PRO B 131 18.90 53.80 8.72
C PRO B 131 17.72 52.81 8.77
N VAL B 132 17.86 51.76 7.98
CA VAL B 132 16.87 50.69 7.90
C VAL B 132 17.56 49.38 8.22
N PRO B 133 17.07 48.59 9.19
CA PRO B 133 17.71 47.31 9.49
C PRO B 133 17.21 46.16 8.62
N PHE B 134 16.70 46.48 7.43
CA PHE B 134 16.17 45.47 6.53
C PHE B 134 16.05 46.08 5.14
N LEU B 135 15.71 45.22 4.17
CA LEU B 135 15.56 45.64 2.78
C LEU B 135 14.29 46.45 2.62
N VAL B 136 13.92 46.74 1.36
CA VAL B 136 12.71 47.51 1.08
C VAL B 136 12.19 47.12 -0.28
N GLU B 137 10.86 47.13 -0.41
CA GLU B 137 10.21 46.95 -1.71
C GLU B 137 9.09 47.97 -1.87
N THR B 138 8.23 48.09 -0.86
CA THR B 138 7.15 49.08 -0.90
C THR B 138 6.74 49.42 0.53
N LEU B 139 5.93 50.47 0.64
CA LEU B 139 5.44 50.97 1.91
C LEU B 139 3.93 51.15 1.82
N LEU B 140 3.30 51.41 2.97
CA LEU B 140 1.87 51.69 3.00
C LEU B 140 1.53 52.42 4.28
N PHE B 141 0.92 53.61 4.16
CA PHE B 141 0.52 54.40 5.30
C PHE B 141 -0.84 53.96 5.81
N HIS B 142 -1.23 54.52 6.96
CA HIS B 142 -2.57 54.36 7.51
C HIS B 142 -3.51 55.40 6.90
N PRO B 143 -4.77 55.02 6.67
CA PRO B 143 -5.72 55.99 6.07
C PRO B 143 -5.83 57.32 6.82
N LYS B 144 -5.80 57.29 8.15
CA LYS B 144 -5.96 58.50 8.95
C LYS B 144 -4.77 58.82 9.84
N GLU B 145 -4.08 57.81 10.37
CA GLU B 145 -2.93 58.04 11.23
C GLU B 145 -1.71 58.38 10.38
N GLU B 146 -1.18 59.60 10.59
CA GLU B 146 -0.09 60.09 9.75
C GLU B 146 1.25 59.46 10.09
N ASP B 147 1.44 59.03 11.33
CA ASP B 147 2.73 58.53 11.79
C ASP B 147 2.83 57.00 11.77
N LYS B 148 1.75 56.30 11.43
CA LYS B 148 1.76 54.84 11.38
C LYS B 148 1.93 54.39 9.93
N VAL B 149 2.81 53.41 9.71
CA VAL B 149 3.14 52.98 8.36
C VAL B 149 3.79 51.60 8.45
N LEU B 150 3.49 50.75 7.47
CA LEU B 150 4.10 49.43 7.38
C LEU B 150 4.91 49.31 6.10
N ALA B 151 5.80 48.32 6.09
CA ALA B 151 6.82 48.17 5.06
C ALA B 151 6.93 46.71 4.63
N TYR B 152 7.07 46.50 3.33
CA TYR B 152 7.25 45.18 2.74
C TYR B 152 8.72 44.99 2.40
N THR B 153 9.38 44.06 3.10
CA THR B 153 10.79 43.76 2.91
C THR B 153 10.96 42.75 1.79
N LYS B 154 11.88 43.05 0.86
CA LYS B 154 12.07 42.33 -0.39
C LYS B 154 12.02 40.81 -0.26
N ASP B 155 12.62 40.27 0.80
CA ASP B 155 12.61 38.82 1.00
C ASP B 155 11.30 38.39 1.65
N SER B 156 10.22 39.11 1.32
CA SER B 156 8.86 38.80 1.77
C SER B 156 8.78 38.83 3.31
N LYS B 157 8.94 40.03 3.86
CA LYS B 157 8.70 40.26 5.27
C LYS B 157 7.79 41.47 5.45
N LEU B 158 7.19 41.59 6.63
CA LEU B 158 6.29 42.69 6.92
C LEU B 158 6.71 43.34 8.23
N TYR B 159 7.17 44.58 8.15
CA TYR B 159 7.48 45.37 9.35
C TYR B 159 6.45 46.49 9.49
N VAL B 160 6.39 47.05 10.70
CA VAL B 160 5.45 48.12 11.02
C VAL B 160 6.12 49.12 11.94
N SER B 161 5.65 50.37 11.88
CA SER B 161 6.22 51.43 12.71
C SER B 161 5.14 52.45 13.01
N SER B 162 5.09 52.90 14.25
CA SER B 162 4.14 53.92 14.69
C SER B 162 4.80 55.25 14.99
N ASP B 163 6.07 55.43 14.62
CA ASP B 163 6.81 56.66 14.87
C ASP B 163 7.44 57.18 13.58
N LEU B 164 6.68 57.16 12.49
CA LEU B 164 7.11 57.69 11.19
C LEU B 164 8.31 56.93 10.62
N GLY B 165 8.47 55.67 11.00
CA GLY B 165 9.53 54.85 10.46
C GLY B 165 10.90 55.09 11.03
N LYS B 166 10.99 55.71 12.21
CA LYS B 166 12.29 55.87 12.86
C LYS B 166 12.75 54.57 13.52
N LYS B 167 11.85 53.91 14.24
CA LYS B 167 12.09 52.59 14.81
C LYS B 167 11.13 51.60 14.17
N TRP B 168 11.51 50.32 14.21
CA TRP B 168 10.75 49.30 13.50
C TRP B 168 10.61 48.05 14.36
N THR B 169 9.57 47.28 14.06
CA THR B 169 9.33 45.98 14.67
C THR B 169 8.75 45.05 13.62
N LEU B 170 8.86 43.74 13.88
CA LEU B 170 8.53 42.72 12.91
C LEU B 170 7.15 42.12 13.18
N LEU B 171 6.46 41.74 12.09
CA LEU B 171 5.15 41.11 12.18
C LEU B 171 5.18 39.70 11.61
N GLN B 172 5.17 39.58 10.28
CA GLN B 172 5.12 38.30 9.60
C GLN B 172 6.29 38.14 8.64
N GLU B 173 6.64 36.89 8.36
CA GLU B 173 7.86 36.56 7.64
C GLU B 173 7.64 35.83 6.31
N ARG B 174 6.40 35.47 5.98
CA ARG B 174 6.11 34.79 4.71
C ARG B 174 4.85 35.38 4.09
N VAL B 175 4.81 36.71 4.01
CA VAL B 175 3.64 37.39 3.47
C VAL B 175 3.64 37.28 1.95
N THR B 176 2.45 37.44 1.36
CA THR B 176 2.29 37.42 -0.08
C THR B 176 2.37 38.85 -0.63
N LYS B 177 2.64 38.94 -1.93
CA LYS B 177 2.90 40.24 -2.55
C LYS B 177 1.60 41.03 -2.69
N ASP B 178 1.53 42.17 -1.99
CA ASP B 178 0.45 43.15 -2.15
C ASP B 178 -0.93 42.53 -1.88
N HIS B 179 -1.04 41.84 -0.75
CA HIS B 179 -2.31 41.37 -0.23
C HIS B 179 -2.43 41.71 1.25
N VAL B 180 -1.97 42.91 1.62
CA VAL B 180 -2.01 43.38 2.99
C VAL B 180 -2.82 44.67 3.02
N PHE B 181 -3.76 44.76 3.96
CA PHE B 181 -4.71 45.87 4.00
C PHE B 181 -4.88 46.34 5.44
N TRP B 182 -5.05 47.65 5.60
CA TRP B 182 -5.41 48.22 6.89
C TRP B 182 -6.90 48.08 7.13
N ALA B 183 -7.30 48.16 8.39
CA ALA B 183 -8.71 48.14 8.73
C ALA B 183 -9.40 49.40 8.22
N VAL B 184 -10.73 49.31 8.08
CA VAL B 184 -11.50 50.44 7.59
C VAL B 184 -11.56 51.52 8.66
N SER B 185 -11.63 52.78 8.21
CA SER B 185 -11.71 53.89 9.16
C SER B 185 -13.06 53.92 9.86
N GLY B 186 -14.14 53.75 9.09
CA GLY B 186 -15.48 53.76 9.66
C GLY B 186 -15.90 52.44 10.24
N VAL B 187 -15.51 51.34 9.60
CA VAL B 187 -15.96 50.00 9.98
C VAL B 187 -14.82 49.29 10.71
N ASP B 188 -15.18 48.21 11.41
CA ASP B 188 -14.35 47.27 12.16
C ASP B 188 -14.02 47.78 13.56
N ASP B 189 -14.34 49.05 13.89
CA ASP B 189 -14.26 49.57 15.25
C ASP B 189 -12.84 49.60 15.82
N ASP B 190 -11.86 49.08 15.07
CA ASP B 190 -10.49 48.97 15.55
C ASP B 190 -9.56 49.58 14.52
N PRO B 191 -8.76 50.59 14.87
CA PRO B 191 -7.86 51.22 13.90
C PRO B 191 -6.51 50.56 13.74
N ASN B 192 -6.12 49.65 14.63
CA ASN B 192 -4.80 49.05 14.60
C ASN B 192 -4.79 47.64 14.02
N LEU B 193 -5.89 47.22 13.39
CA LEU B 193 -5.93 45.90 12.75
C LEU B 193 -5.09 45.89 11.48
N VAL B 194 -4.47 44.75 11.21
CA VAL B 194 -3.72 44.52 9.97
C VAL B 194 -4.12 43.16 9.42
N HIS B 195 -4.75 43.15 8.25
CA HIS B 195 -5.14 41.91 7.59
C HIS B 195 -4.00 41.46 6.68
N VAL B 196 -3.52 40.22 6.88
CA VAL B 196 -2.35 39.72 6.17
C VAL B 196 -2.66 38.34 5.60
N GLU B 197 -2.00 38.00 4.51
CA GLU B 197 -2.01 36.65 3.97
C GLU B 197 -0.58 36.11 4.02
N ALA B 198 -0.39 34.95 4.65
CA ALA B 198 0.95 34.44 4.86
C ALA B 198 0.99 32.93 4.68
N GLN B 199 2.19 32.43 4.43
CA GLN B 199 2.41 31.02 4.15
C GLN B 199 2.62 30.25 5.45
N ASP B 200 1.74 29.29 5.70
CA ASP B 200 1.80 28.41 6.86
C ASP B 200 2.18 27.00 6.44
N LEU B 201 2.83 26.30 7.36
CA LEU B 201 3.27 24.91 7.19
C LEU B 201 4.19 24.85 5.97
N SER B 202 4.21 23.71 5.28
CA SER B 202 4.85 23.57 3.99
C SER B 202 3.75 23.47 2.94
N GLY B 203 3.62 24.48 2.10
CA GLY B 203 2.58 24.50 1.10
C GLY B 203 1.19 24.80 1.63
N GLY B 204 1.08 25.72 2.58
CA GLY B 204 -0.22 26.21 3.01
C GLY B 204 -0.23 27.72 3.03
N TYR B 205 -1.41 28.29 2.85
CA TYR B 205 -1.60 29.73 2.95
C TYR B 205 -2.80 30.02 3.84
N ARG B 206 -2.66 31.03 4.71
CA ARG B 206 -3.71 31.36 5.66
C ARG B 206 -3.83 32.88 5.79
N TYR B 207 -4.98 33.29 6.33
CA TYR B 207 -5.33 34.70 6.48
C TYR B 207 -5.25 35.05 7.97
N TYR B 208 -4.32 35.94 8.32
CA TYR B 208 -4.10 36.38 9.68
C TYR B 208 -4.65 37.79 9.86
N THR B 209 -4.93 38.12 11.12
CA THR B 209 -5.40 39.44 11.52
C THR B 209 -4.61 39.82 12.75
N CYS B 210 -3.69 40.78 12.61
CA CYS B 210 -2.72 41.04 13.65
C CYS B 210 -2.83 42.46 14.17
N LEU B 211 -2.22 42.67 15.35
CA LEU B 211 -2.15 43.95 16.05
C LEU B 211 -0.71 44.43 16.15
N ILE B 212 -0.57 45.70 16.53
CA ILE B 212 0.75 46.33 16.63
C ILE B 212 1.64 45.59 17.61
N TYR B 213 1.14 45.28 18.81
CA TYR B 213 2.04 44.78 19.84
C TYR B 213 2.50 43.36 19.55
N ASN B 214 1.59 42.47 19.13
CA ASN B 214 1.96 41.11 18.78
C ASN B 214 1.09 40.67 17.60
N CYS B 215 1.62 39.72 16.82
CA CYS B 215 0.89 39.16 15.70
C CYS B 215 0.47 37.72 15.97
N SER B 216 -0.61 37.31 15.30
CA SER B 216 -1.22 35.99 15.48
C SER B 216 -0.27 34.86 15.13
N ILE B 221 -6.13 33.96 14.85
CA ILE B 221 -7.07 34.30 13.79
C ILE B 221 -8.49 34.22 14.33
N ALA B 222 -9.15 35.38 14.48
CA ALA B 222 -10.54 35.43 14.91
C ALA B 222 -11.52 34.94 13.83
N PRO B 223 -11.36 35.30 12.57
CA PRO B 223 -12.26 34.79 11.53
C PRO B 223 -11.85 33.44 10.98
N PHE B 224 -12.84 32.68 10.53
CA PHE B 224 -12.59 31.35 10.00
C PHE B 224 -11.66 31.43 8.78
N SER B 225 -10.83 30.41 8.62
CA SER B 225 -9.82 30.40 7.57
C SER B 225 -9.46 28.95 7.25
N GLY B 226 -8.86 28.77 6.07
CA GLY B 226 -8.45 27.45 5.63
C GLY B 226 -7.25 27.52 4.70
N PRO B 227 -7.25 26.70 3.65
CA PRO B 227 -6.21 26.80 2.62
C PRO B 227 -6.60 27.77 1.53
N ILE B 228 -5.61 28.49 1.02
CA ILE B 228 -5.83 29.56 0.06
C ILE B 228 -4.71 29.52 -0.98
N ASP B 229 -5.06 29.86 -2.22
CA ASP B 229 -4.05 29.94 -3.26
C ASP B 229 -3.74 31.41 -3.56
N ARG B 230 -3.34 32.17 -2.53
CA ARG B 230 -3.04 33.58 -2.65
C ARG B 230 -4.20 34.37 -3.27
N GLY B 231 -5.26 34.60 -2.49
CA GLY B 231 -6.43 35.28 -2.99
C GLY B 231 -7.22 36.02 -1.92
N SER B 232 -6.51 36.58 -0.94
CA SER B 232 -7.14 37.41 0.07
C SER B 232 -7.36 38.82 -0.49
N LEU B 233 -8.59 39.31 -0.39
CA LEU B 233 -8.95 40.61 -0.95
C LEU B 233 -10.01 41.25 -0.08
N THR B 234 -9.72 42.45 0.43
CA THR B 234 -10.67 43.26 1.18
C THR B 234 -10.71 44.64 0.55
N VAL B 235 -11.81 44.95 -0.15
CA VAL B 235 -11.93 46.26 -0.81
C VAL B 235 -12.15 47.34 0.25
N GLN B 236 -11.87 48.58 -0.14
CA GLN B 236 -11.96 49.73 0.75
C GLN B 236 -13.25 49.76 1.57
N ASP B 237 -14.36 49.27 1.02
CA ASP B 237 -15.63 49.31 1.73
C ASP B 237 -15.75 48.11 2.68
N GLU B 238 -16.96 47.83 3.14
CA GLU B 238 -17.22 46.95 4.29
C GLU B 238 -17.10 45.46 4.00
N TYR B 239 -16.85 45.07 2.75
CA TYR B 239 -16.88 43.66 2.39
C TYR B 239 -15.49 43.03 2.52
N ILE B 240 -15.48 41.71 2.74
CA ILE B 240 -14.25 40.93 2.82
C ILE B 240 -14.46 39.65 2.02
N PHE B 241 -13.44 39.25 1.26
CA PHE B 241 -13.55 38.09 0.39
C PHE B 241 -12.47 37.07 0.70
N LEU B 242 -12.70 35.84 0.26
CA LEU B 242 -11.75 34.75 0.46
C LEU B 242 -11.96 33.71 -0.62
N LYS B 243 -10.88 33.05 -1.02
CA LYS B 243 -10.89 32.11 -2.14
C LYS B 243 -10.22 30.82 -1.69
N ALA B 244 -11.02 29.79 -1.41
CA ALA B 244 -10.52 28.52 -0.88
C ALA B 244 -10.35 27.53 -2.02
N THR B 245 -9.12 27.04 -2.19
CA THR B 245 -8.83 26.01 -3.19
C THR B 245 -9.12 24.62 -2.61
N SER B 246 -9.69 23.76 -3.45
CA SER B 246 -10.06 22.41 -3.02
C SER B 246 -9.57 21.39 -4.05
N THR B 247 -10.02 20.13 -3.89
CA THR B 247 -9.57 19.06 -4.76
C THR B 247 -10.23 19.16 -6.14
N ASN B 248 -11.52 18.83 -6.22
CA ASN B 248 -12.19 18.78 -7.51
C ASN B 248 -12.55 20.19 -8.00
N ARG B 249 -13.27 20.95 -7.18
CA ARG B 249 -13.72 22.28 -7.56
C ARG B 249 -13.56 23.23 -6.38
N THR B 250 -12.99 24.40 -6.66
CA THR B 250 -12.70 25.40 -5.64
C THR B 250 -13.98 26.13 -5.21
N LYS B 251 -13.87 26.86 -4.10
CA LYS B 251 -14.99 27.59 -3.53
C LYS B 251 -14.55 29.00 -3.14
N TYR B 252 -15.54 29.86 -2.93
CA TYR B 252 -15.29 31.27 -2.61
C TYR B 252 -16.24 31.73 -1.51
N TYR B 253 -15.68 32.37 -0.49
CA TYR B 253 -16.43 32.79 0.68
C TYR B 253 -16.41 34.31 0.80
N VAL B 254 -17.41 34.84 1.52
CA VAL B 254 -17.61 36.28 1.66
C VAL B 254 -18.00 36.60 3.10
N SER B 255 -17.67 37.81 3.52
CA SER B 255 -17.94 38.28 4.88
C SER B 255 -18.42 39.72 4.82
N TYR B 256 -19.63 39.96 5.30
CA TYR B 256 -20.22 41.29 5.36
C TYR B 256 -20.07 41.86 6.75
N ARG B 257 -19.51 43.07 6.85
CA ARG B 257 -19.27 43.75 8.12
C ARG B 257 -18.44 42.89 9.07
N ARG B 258 -17.50 42.15 8.50
CA ARG B 258 -16.58 41.29 9.26
C ARG B 258 -17.34 40.32 10.16
N SER B 259 -18.36 39.69 9.59
CA SER B 259 -19.14 38.67 10.28
C SER B 259 -18.62 37.28 9.91
N ASP B 260 -19.40 36.25 10.21
CA ASP B 260 -19.03 34.90 9.83
C ASP B 260 -19.05 34.75 8.31
N PHE B 261 -18.12 33.95 7.80
CA PHE B 261 -18.00 33.75 6.36
C PHE B 261 -19.12 32.82 5.87
N VAL B 262 -19.58 33.10 4.65
CA VAL B 262 -20.64 32.34 4.01
C VAL B 262 -20.21 32.00 2.59
N LEU B 263 -20.52 30.79 2.14
CA LEU B 263 -20.20 30.38 0.78
C LEU B 263 -21.04 31.15 -0.21
N MET B 264 -20.38 31.76 -1.20
CA MET B 264 -21.09 32.59 -2.18
C MET B 264 -21.93 31.73 -3.11
N LYS B 265 -23.13 32.19 -3.39
CA LYS B 265 -24.09 31.45 -4.23
C LYS B 265 -23.98 31.92 -5.67
N LEU B 266 -23.36 31.11 -6.51
CA LEU B 266 -23.33 31.28 -7.95
C LEU B 266 -24.35 30.37 -8.61
N PRO B 267 -24.61 30.55 -9.90
CA PRO B 267 -25.45 29.57 -10.61
C PRO B 267 -24.93 28.16 -10.44
N LYS B 268 -25.83 27.25 -10.08
CA LYS B 268 -25.42 25.92 -9.60
C LYS B 268 -24.64 25.16 -10.67
N TYR B 269 -25.08 25.22 -11.93
CA TYR B 269 -24.47 24.43 -12.98
C TYR B 269 -23.61 25.23 -13.93
N ALA B 270 -23.64 26.56 -13.84
CA ALA B 270 -22.66 27.39 -14.54
C ALA B 270 -21.37 27.33 -13.74
N LEU B 271 -20.53 26.35 -14.08
CA LEU B 271 -19.34 26.07 -13.29
C LEU B 271 -18.31 27.19 -13.47
N PRO B 272 -17.71 27.69 -12.40
CA PRO B 272 -16.72 28.75 -12.53
C PRO B 272 -15.30 28.22 -12.64
N LYS B 273 -14.46 29.02 -13.30
CA LYS B 273 -13.03 28.77 -13.36
C LYS B 273 -12.25 29.78 -12.53
N ASP B 274 -12.34 31.06 -12.88
CA ASP B 274 -11.71 32.13 -12.12
C ASP B 274 -12.71 33.27 -11.97
N LEU B 275 -12.50 34.09 -10.94
CA LEU B 275 -13.33 35.26 -10.70
C LEU B 275 -12.46 36.41 -10.22
N GLN B 276 -13.05 37.60 -10.27
CA GLN B 276 -12.35 38.82 -9.89
C GLN B 276 -13.38 39.85 -9.45
N ILE B 277 -13.08 40.52 -8.34
CA ILE B 277 -14.00 41.50 -7.76
C ILE B 277 -13.77 42.84 -8.46
N ILE B 278 -14.76 43.29 -9.22
CA ILE B 278 -14.59 44.52 -9.99
C ILE B 278 -14.74 45.76 -9.10
N SER B 279 -15.91 45.93 -8.49
CA SER B 279 -16.16 47.09 -7.65
C SER B 279 -17.22 46.74 -6.62
N THR B 280 -16.89 46.89 -5.33
CA THR B 280 -17.87 46.80 -4.26
C THR B 280 -18.22 48.21 -3.79
N ASP B 281 -18.89 48.94 -4.67
CA ASP B 281 -19.21 50.34 -4.44
C ASP B 281 -20.63 50.48 -3.91
N GLU B 282 -20.82 51.48 -3.06
CA GLU B 282 -22.10 51.75 -2.40
C GLU B 282 -22.51 50.52 -1.60
N GLN B 283 -23.67 49.92 -1.85
CA GLN B 283 -24.20 48.89 -0.97
C GLN B 283 -24.21 47.50 -1.58
N GLN B 284 -23.63 47.32 -2.77
CA GLN B 284 -23.64 46.02 -3.42
C GLN B 284 -22.29 45.73 -4.07
N VAL B 285 -22.14 44.50 -4.55
CA VAL B 285 -20.87 43.97 -5.06
C VAL B 285 -21.04 43.61 -6.53
N PHE B 286 -20.01 43.88 -7.32
CA PHE B 286 -19.95 43.48 -8.72
C PHE B 286 -18.76 42.55 -8.93
N VAL B 287 -19.03 41.37 -9.48
CA VAL B 287 -17.98 40.37 -9.68
C VAL B 287 -18.00 39.92 -11.13
N ALA B 288 -16.84 39.50 -11.62
CA ALA B 288 -16.71 38.91 -12.95
C ALA B 288 -16.24 37.47 -12.78
N VAL B 289 -16.92 36.55 -13.47
CA VAL B 289 -16.63 35.12 -13.35
C VAL B 289 -16.53 34.53 -14.76
N GLN B 290 -15.43 33.86 -15.05
CA GLN B 290 -15.26 33.15 -16.30
C GLN B 290 -15.81 31.74 -16.14
N GLU B 291 -16.91 31.44 -16.83
CA GLU B 291 -17.57 30.15 -16.69
C GLU B 291 -16.83 29.06 -17.47
N TRP B 292 -16.79 29.17 -18.78
CA TRP B 292 -16.09 28.23 -19.63
C TRP B 292 -14.71 28.77 -19.97
N ASN B 293 -13.72 27.87 -20.01
CA ASN B 293 -12.33 28.26 -20.21
C ASN B 293 -12.07 28.72 -21.64
N GLN B 294 -12.67 29.84 -22.02
CA GLN B 294 -12.43 30.42 -23.33
C GLN B 294 -11.20 31.32 -23.37
N VAL B 295 -10.68 31.72 -22.20
CA VAL B 295 -9.57 32.66 -22.09
C VAL B 295 -9.90 33.89 -22.92
N ASP B 296 -11.12 34.40 -22.75
CA ASP B 296 -11.59 35.49 -23.60
C ASP B 296 -12.77 36.23 -22.97
N THR B 297 -13.81 35.50 -22.58
CA THR B 297 -15.06 36.09 -22.12
C THR B 297 -15.26 35.85 -20.63
N TYR B 298 -15.71 36.90 -19.94
CA TYR B 298 -16.16 36.82 -18.56
C TYR B 298 -17.63 37.21 -18.48
N ASN B 299 -18.29 36.78 -17.40
CA ASN B 299 -19.68 37.12 -17.13
C ASN B 299 -19.75 38.04 -15.92
N LEU B 300 -20.53 39.11 -16.04
CA LEU B 300 -20.65 40.11 -14.98
C LEU B 300 -21.89 39.80 -14.15
N TYR B 301 -21.69 39.61 -12.84
CA TYR B 301 -22.74 39.28 -11.87
C TYR B 301 -22.80 40.34 -10.78
N GLN B 302 -24.00 40.48 -10.20
CA GLN B 302 -24.30 41.45 -9.15
C GLN B 302 -24.87 40.73 -7.95
N SER B 303 -24.54 41.22 -6.75
CA SER B 303 -24.92 40.58 -5.49
C SER B 303 -26.02 41.37 -4.81
N ASP B 304 -26.37 40.92 -3.60
CA ASP B 304 -27.33 41.60 -2.74
C ASP B 304 -26.58 42.49 -1.74
N LEU B 305 -27.21 42.76 -0.59
CA LEU B 305 -26.57 43.61 0.42
C LEU B 305 -25.39 42.90 1.08
N ARG B 306 -25.58 41.65 1.49
CA ARG B 306 -24.51 40.89 2.14
C ARG B 306 -23.47 40.37 1.16
N GLY B 307 -23.79 40.32 -0.12
CA GLY B 307 -22.86 39.80 -1.11
C GLY B 307 -22.83 38.29 -1.21
N VAL B 308 -24.00 37.65 -1.22
CA VAL B 308 -24.12 36.19 -1.26
C VAL B 308 -24.96 35.74 -2.45
N ARG B 309 -26.15 36.31 -2.60
CA ARG B 309 -27.07 35.93 -3.67
C ARG B 309 -26.70 36.71 -4.93
N TYR B 310 -26.01 36.05 -5.85
CA TYR B 310 -25.57 36.66 -7.09
C TYR B 310 -26.53 36.34 -8.23
N SER B 311 -26.74 37.31 -9.10
CA SER B 311 -27.60 37.16 -10.27
C SER B 311 -26.88 37.67 -11.50
N LEU B 312 -27.37 37.25 -12.67
CA LEU B 312 -26.71 37.60 -13.93
C LEU B 312 -26.95 39.07 -14.27
N VAL B 313 -25.95 39.66 -14.93
CA VAL B 313 -26.04 41.05 -15.38
C VAL B 313 -25.61 41.15 -16.84
N LEU B 314 -24.38 40.71 -17.13
CA LEU B 314 -23.85 40.82 -18.49
C LEU B 314 -23.18 39.52 -18.91
N GLU B 315 -23.30 39.20 -20.20
CA GLU B 315 -22.89 37.89 -20.69
C GLU B 315 -21.38 37.82 -20.97
N ASN B 316 -20.89 38.61 -21.92
CA ASN B 316 -19.51 38.48 -22.39
C ASN B 316 -18.76 39.80 -22.27
N VAL B 317 -17.52 39.71 -21.78
CA VAL B 317 -16.62 40.85 -21.67
C VAL B 317 -15.22 40.40 -22.06
N ARG B 318 -14.45 41.31 -22.65
CA ARG B 318 -13.07 41.00 -23.03
C ARG B 318 -12.22 40.73 -21.79
N SER B 319 -11.16 39.94 -21.98
CA SER B 319 -10.27 39.61 -20.88
C SER B 319 -8.91 39.20 -21.46
N SER B 320 -7.84 39.77 -20.92
CA SER B 320 -6.48 39.46 -21.36
C SER B 320 -5.58 39.24 -20.15
N ARG B 321 -4.40 38.70 -20.42
CA ARG B 321 -3.37 38.49 -19.40
C ARG B 321 -2.11 39.23 -19.87
N GLN B 322 -2.04 40.52 -19.54
CA GLN B 322 -0.88 41.32 -19.94
C GLN B 322 0.33 41.01 -19.07
N ALA B 323 0.22 41.28 -17.77
CA ALA B 323 1.26 40.89 -16.83
C ALA B 323 1.08 39.44 -16.41
N GLU B 324 2.10 38.90 -15.73
CA GLU B 324 2.04 37.51 -15.29
C GLU B 324 0.95 37.29 -14.25
N GLU B 325 0.92 38.12 -13.21
CA GLU B 325 -0.04 37.96 -12.12
C GLU B 325 -1.29 38.80 -12.28
N ASN B 326 -1.28 39.80 -13.16
CA ASN B 326 -2.38 40.76 -13.28
C ASN B 326 -3.21 40.44 -14.51
N VAL B 327 -4.51 40.24 -14.30
CA VAL B 327 -5.46 40.15 -15.40
C VAL B 327 -6.33 41.40 -15.39
N VAL B 328 -6.95 41.68 -16.53
CA VAL B 328 -7.73 42.90 -16.70
C VAL B 328 -9.00 42.58 -17.49
N ILE B 329 -10.07 43.28 -17.14
CA ILE B 329 -11.38 43.08 -17.74
C ILE B 329 -11.92 44.42 -18.24
N ASP B 330 -12.35 44.47 -19.49
CA ASP B 330 -12.80 45.71 -20.12
C ASP B 330 -14.12 46.19 -19.51
N ILE B 331 -14.03 46.96 -18.43
CA ILE B 331 -15.22 47.53 -17.79
C ILE B 331 -14.79 48.78 -17.04
N LEU B 332 -15.60 49.82 -17.12
CA LEU B 332 -15.26 51.10 -16.51
C LEU B 332 -16.47 51.73 -15.84
N GLU B 333 -16.27 52.23 -14.63
CA GLU B 333 -17.24 53.02 -13.90
C GLU B 333 -17.02 54.50 -14.18
N VAL B 334 -18.09 55.21 -14.50
CA VAL B 334 -18.03 56.65 -14.70
C VAL B 334 -18.04 57.32 -13.34
N ARG B 335 -16.90 57.88 -12.92
CA ARG B 335 -16.81 58.50 -11.61
C ARG B 335 -17.58 59.81 -11.52
N GLY B 336 -17.97 60.39 -12.64
CA GLY B 336 -18.75 61.61 -12.60
C GLY B 336 -20.18 61.37 -12.12
N VAL B 337 -20.82 60.32 -12.63
CA VAL B 337 -22.18 59.96 -12.26
C VAL B 337 -22.19 58.53 -11.76
N LYS B 338 -22.58 58.33 -10.51
CA LYS B 338 -22.59 57.00 -9.92
C LYS B 338 -23.72 56.17 -10.52
N GLY B 339 -23.37 55.02 -11.09
CA GLY B 339 -24.33 54.14 -11.73
C GLY B 339 -24.26 54.08 -13.24
N VAL B 340 -23.24 54.67 -13.86
CA VAL B 340 -23.04 54.63 -15.30
C VAL B 340 -21.81 53.79 -15.58
N PHE B 341 -21.95 52.74 -16.38
CA PHE B 341 -20.87 51.81 -16.65
C PHE B 341 -20.73 51.58 -18.15
N LEU B 342 -19.50 51.32 -18.58
CA LEU B 342 -19.19 50.98 -19.96
C LEU B 342 -18.47 49.65 -20.02
N ALA B 343 -18.71 48.89 -21.09
CA ALA B 343 -18.14 47.57 -21.23
C ALA B 343 -18.00 47.22 -22.70
N ASN B 344 -17.17 46.22 -22.97
CA ASN B 344 -16.96 45.69 -24.31
C ASN B 344 -17.30 44.20 -24.32
N GLN B 345 -18.25 43.82 -25.16
CA GLN B 345 -18.63 42.43 -25.35
C GLN B 345 -17.91 41.86 -26.57
N LYS B 346 -17.70 40.55 -26.56
CA LYS B 346 -17.10 39.85 -27.69
C LYS B 346 -17.97 38.64 -28.03
N VAL B 347 -18.57 38.67 -29.20
CA VAL B 347 -19.42 37.57 -29.69
C VAL B 347 -18.84 37.08 -31.01
N ASP B 348 -18.64 35.77 -31.11
CA ASP B 348 -17.94 35.15 -32.23
C ASP B 348 -16.53 35.72 -32.34
N GLY B 349 -16.33 36.66 -33.26
CA GLY B 349 -15.06 37.34 -33.37
C GLY B 349 -15.23 38.85 -33.45
N LYS B 350 -16.43 39.32 -33.13
CA LYS B 350 -16.79 40.73 -33.21
C LYS B 350 -16.80 41.35 -31.82
N VAL B 351 -16.18 42.51 -31.69
CA VAL B 351 -16.07 43.24 -30.43
C VAL B 351 -17.00 44.44 -30.50
N THR B 352 -18.06 44.42 -29.70
CA THR B 352 -19.01 45.52 -29.63
C THR B 352 -18.85 46.25 -28.30
N THR B 353 -19.34 47.48 -28.26
CA THR B 353 -19.26 48.34 -27.08
C THR B 353 -20.65 48.68 -26.58
N VAL B 354 -20.85 48.63 -25.27
CA VAL B 354 -22.14 48.91 -24.66
C VAL B 354 -21.97 49.78 -23.43
N ILE B 355 -23.04 50.49 -23.08
CA ILE B 355 -23.08 51.39 -21.93
C ILE B 355 -24.41 51.21 -21.22
N THR B 356 -24.40 51.40 -19.90
CA THR B 356 -25.61 51.27 -19.10
C THR B 356 -25.69 52.41 -18.09
N TYR B 357 -26.90 52.93 -17.92
CA TYR B 357 -27.18 53.91 -16.88
C TYR B 357 -27.95 53.32 -15.70
N ASN B 358 -28.55 52.15 -15.88
CA ASN B 358 -29.37 51.50 -14.85
C ASN B 358 -28.54 50.69 -13.87
N LYS B 359 -27.23 50.96 -13.79
CA LYS B 359 -26.31 50.23 -12.92
C LYS B 359 -26.26 48.75 -13.28
N GLY B 360 -26.41 48.44 -14.56
CA GLY B 360 -26.25 47.08 -15.06
C GLY B 360 -27.53 46.37 -15.45
N ARG B 361 -28.69 47.01 -15.34
CA ARG B 361 -29.94 46.33 -15.70
C ARG B 361 -30.07 46.17 -17.20
N ASP B 362 -30.02 47.28 -17.94
CA ASP B 362 -30.15 47.26 -19.39
C ASP B 362 -28.97 47.96 -20.03
N TRP B 363 -28.38 47.33 -21.03
CA TRP B 363 -27.25 47.88 -21.78
C TRP B 363 -27.71 48.28 -23.17
N ASP B 364 -27.02 49.27 -23.73
CA ASP B 364 -27.37 49.82 -25.04
C ASP B 364 -26.10 50.22 -25.78
N TYR B 365 -26.20 50.26 -27.11
CA TYR B 365 -25.08 50.66 -27.95
C TYR B 365 -24.90 52.18 -27.90
N LEU B 366 -23.79 52.63 -28.47
CA LEU B 366 -23.45 54.05 -28.49
C LEU B 366 -24.07 54.74 -29.70
N ARG B 367 -24.53 55.97 -29.49
CA ARG B 367 -25.15 56.74 -30.56
C ARG B 367 -24.08 57.41 -31.42
N PRO B 368 -24.11 57.23 -32.74
CA PRO B 368 -23.05 57.79 -33.58
C PRO B 368 -23.21 59.30 -33.71
N PRO B 369 -22.10 60.03 -33.96
CA PRO B 369 -22.19 61.49 -34.06
C PRO B 369 -22.69 61.99 -35.41
N SER B 370 -22.20 61.39 -36.50
CA SER B 370 -22.52 61.72 -37.88
C SER B 370 -22.05 63.10 -38.31
N THR B 371 -21.20 63.76 -37.51
CA THR B 371 -20.71 65.09 -37.85
C THR B 371 -19.26 65.22 -37.39
N ASP B 372 -18.55 66.15 -38.01
CA ASP B 372 -17.17 66.49 -37.67
C ASP B 372 -16.83 67.80 -38.38
N MET B 373 -15.63 68.31 -38.12
CA MET B 373 -15.15 69.46 -38.89
C MET B 373 -14.95 69.08 -40.35
N ASN B 374 -14.68 67.80 -40.62
CA ASN B 374 -14.60 67.26 -41.98
C ASN B 374 -15.45 65.99 -42.04
N GLY B 375 -16.74 66.15 -41.76
CA GLY B 375 -17.63 65.01 -41.59
C GLY B 375 -18.79 64.96 -42.56
N LYS B 376 -18.65 64.22 -43.64
CA LYS B 376 -19.75 64.02 -44.56
C LYS B 376 -20.83 63.18 -43.88
N PRO B 377 -22.09 63.61 -43.90
CA PRO B 377 -23.15 62.92 -43.15
C PRO B 377 -23.60 61.59 -43.74
N THR B 378 -22.93 61.08 -44.76
CA THR B 378 -23.25 59.77 -45.32
C THR B 378 -22.87 58.63 -44.38
N ASN B 379 -22.19 58.94 -43.27
CA ASN B 379 -21.69 57.94 -42.32
C ASN B 379 -22.79 57.11 -41.69
N CYS B 380 -22.39 56.25 -40.74
CA CYS B 380 -23.27 55.22 -40.21
C CYS B 380 -24.53 55.82 -39.57
N GLN B 381 -25.62 55.07 -39.69
CA GLN B 381 -26.88 55.33 -39.02
C GLN B 381 -27.11 54.26 -37.95
N PRO B 382 -28.06 54.47 -37.04
CA PRO B 382 -28.31 53.51 -35.95
C PRO B 382 -28.45 52.08 -36.43
N PRO B 383 -29.35 51.77 -37.39
CA PRO B 383 -29.76 50.36 -37.56
C PRO B 383 -28.63 49.41 -37.91
N ASP B 384 -27.61 49.83 -38.66
CA ASP B 384 -26.61 48.90 -39.17
C ASP B 384 -25.25 48.99 -38.51
N CYS B 385 -24.84 50.15 -38.01
CA CYS B 385 -23.51 50.28 -37.41
C CYS B 385 -23.49 51.46 -36.45
N TYR B 386 -22.84 51.26 -35.30
CA TYR B 386 -22.85 52.20 -34.19
C TYR B 386 -21.46 52.77 -33.96
N LEU B 387 -21.24 53.30 -32.76
CA LEU B 387 -19.94 53.76 -32.26
C LEU B 387 -19.36 52.72 -31.31
N HIS B 388 -18.04 52.60 -31.32
CA HIS B 388 -17.33 51.69 -30.42
C HIS B 388 -16.09 52.38 -29.89
N LEU B 389 -15.69 52.03 -28.67
CA LEU B 389 -14.61 52.71 -27.99
C LEU B 389 -13.61 51.71 -27.42
N HIS B 390 -12.34 52.09 -27.45
CA HIS B 390 -11.27 51.33 -26.80
C HIS B 390 -11.21 51.76 -25.33
N LEU B 391 -11.66 50.89 -24.44
CA LEU B 391 -11.70 51.22 -23.02
C LEU B 391 -10.32 51.14 -22.39
N ARG B 392 -9.87 49.92 -22.07
CA ARG B 392 -8.62 49.72 -21.34
C ARG B 392 -7.55 48.98 -22.14
N TRP B 393 -7.82 48.58 -23.37
CA TRP B 393 -6.91 47.76 -24.15
C TRP B 393 -6.26 48.58 -25.25
N ALA B 394 -4.93 48.49 -25.34
CA ALA B 394 -4.14 49.21 -26.33
C ALA B 394 -3.42 48.17 -27.21
N ASP B 395 -4.05 47.80 -28.31
CA ASP B 395 -3.41 46.93 -29.30
C ASP B 395 -2.56 47.84 -30.18
N ASN B 396 -1.25 47.83 -29.99
CA ASN B 396 -0.37 48.80 -30.66
C ASN B 396 0.74 48.10 -31.42
N PRO B 397 0.43 47.51 -32.57
CA PRO B 397 1.52 46.98 -33.41
C PRO B 397 2.49 48.06 -33.84
N TYR B 398 1.99 49.24 -34.18
CA TYR B 398 2.80 50.39 -34.53
C TYR B 398 2.87 51.36 -33.35
N VAL B 399 3.58 52.47 -33.54
CA VAL B 399 3.82 53.42 -32.46
C VAL B 399 2.52 54.07 -31.99
N SER B 400 2.48 54.45 -30.71
CA SER B 400 1.29 54.96 -30.03
C SER B 400 0.12 54.00 -30.18
N GLY B 401 -1.08 54.57 -30.15
CA GLY B 401 -2.28 53.77 -30.26
C GLY B 401 -2.86 53.35 -28.93
N THR B 402 -2.28 53.81 -27.82
CA THR B 402 -2.80 53.50 -26.49
C THR B 402 -3.95 54.45 -26.15
N VAL B 403 -5.07 53.90 -25.67
CA VAL B 403 -6.28 54.67 -25.40
C VAL B 403 -6.77 54.38 -23.99
N HIS B 404 -7.07 55.45 -23.25
CA HIS B 404 -7.67 55.38 -21.93
C HIS B 404 -8.80 56.40 -21.90
N THR B 405 -9.94 56.00 -21.34
CA THR B 405 -11.10 56.89 -21.24
C THR B 405 -11.20 57.41 -19.81
N LYS B 406 -11.09 58.74 -19.67
CA LYS B 406 -11.04 59.42 -18.39
C LYS B 406 -12.33 60.18 -18.12
N ASP B 407 -12.62 60.39 -16.83
CA ASP B 407 -13.83 61.07 -16.41
C ASP B 407 -13.73 61.62 -14.99
N THR B 408 -13.10 62.78 -14.83
CA THR B 408 -12.97 63.40 -13.52
C THR B 408 -14.08 64.39 -13.22
N ALA B 409 -14.69 65.01 -14.27
CA ALA B 409 -15.80 65.95 -14.20
C ALA B 409 -17.10 65.25 -14.56
N PRO B 410 -18.23 65.68 -13.98
CA PRO B 410 -19.50 64.98 -14.21
C PRO B 410 -19.96 65.13 -15.65
N GLY B 411 -20.18 64.00 -16.32
CA GLY B 411 -20.74 63.99 -17.65
C GLY B 411 -19.75 64.10 -18.78
N LEU B 412 -18.50 64.44 -18.49
CA LEU B 412 -17.47 64.58 -19.53
C LEU B 412 -16.76 63.25 -19.71
N ILE B 413 -16.97 62.61 -20.87
CA ILE B 413 -16.34 61.35 -21.20
C ILE B 413 -15.68 61.51 -22.56
N MET B 414 -14.36 61.53 -22.59
CA MET B 414 -13.60 61.67 -23.82
C MET B 414 -12.72 60.44 -24.02
N GLY B 415 -12.74 59.88 -25.24
CA GLY B 415 -11.95 58.70 -25.50
C GLY B 415 -11.83 58.45 -26.99
N ALA B 416 -10.85 57.61 -27.34
CA ALA B 416 -10.65 57.22 -28.73
C ALA B 416 -11.37 55.91 -29.03
N GLY B 417 -11.74 55.76 -30.29
CA GLY B 417 -12.47 54.57 -30.70
C GLY B 417 -12.66 54.50 -32.20
N ASN B 418 -13.47 53.54 -32.60
CA ASN B 418 -13.81 53.25 -33.99
C ASN B 418 -15.23 53.75 -34.27
N LEU B 419 -15.74 53.43 -35.46
CA LEU B 419 -17.12 53.74 -35.81
C LEU B 419 -17.54 52.76 -36.90
N GLY B 420 -18.41 51.81 -36.54
CA GLY B 420 -18.81 50.79 -37.50
C GLY B 420 -19.55 49.64 -36.84
N SER B 421 -19.23 48.42 -37.25
CA SER B 421 -19.88 47.24 -36.67
C SER B 421 -19.09 46.66 -35.51
N GLN B 422 -17.82 47.01 -35.36
CA GLN B 422 -16.98 46.48 -34.29
C GLN B 422 -15.73 47.34 -34.17
N LEU B 423 -14.89 47.02 -33.20
CA LEU B 423 -13.61 47.68 -33.02
C LEU B 423 -12.54 47.00 -33.88
N VAL B 424 -11.54 47.79 -34.27
CA VAL B 424 -10.37 47.28 -34.97
C VAL B 424 -9.14 47.95 -34.38
N GLU B 425 -7.96 47.46 -34.80
CA GLU B 425 -6.70 48.04 -34.34
C GLU B 425 -6.27 49.24 -35.18
N TYR B 426 -6.79 49.37 -36.40
CA TYR B 426 -6.35 50.44 -37.28
C TYR B 426 -6.89 51.80 -36.82
N LYS B 427 -8.20 51.97 -36.82
CA LYS B 427 -8.81 53.29 -36.66
C LYS B 427 -8.81 53.70 -35.20
N GLU B 428 -8.30 54.91 -34.94
CA GLU B 428 -8.27 55.50 -33.60
C GLU B 428 -8.70 56.96 -33.74
N GLU B 429 -9.94 57.26 -33.39
CA GLU B 429 -10.49 58.61 -33.53
C GLU B 429 -10.99 59.08 -32.17
N MET B 430 -10.59 60.29 -31.78
CA MET B 430 -10.93 60.84 -30.46
C MET B 430 -12.30 61.49 -30.52
N TYR B 431 -13.29 60.84 -29.88
CA TYR B 431 -14.63 61.37 -29.68
C TYR B 431 -14.77 61.86 -28.24
N ILE B 432 -15.85 62.61 -28.01
CA ILE B 432 -16.13 63.16 -26.68
C ILE B 432 -17.64 63.27 -26.52
N THR B 433 -18.08 63.24 -25.26
CA THR B 433 -19.46 63.57 -24.91
C THR B 433 -19.46 64.41 -23.64
N SER B 434 -20.27 65.46 -23.64
CA SER B 434 -20.37 66.37 -22.51
C SER B 434 -21.67 66.22 -21.73
N ASP B 435 -22.56 65.34 -22.16
CA ASP B 435 -23.83 65.10 -21.50
C ASP B 435 -24.00 63.64 -21.10
N CYS B 436 -22.89 62.98 -20.78
CA CYS B 436 -22.89 61.60 -20.29
C CYS B 436 -23.51 60.63 -21.29
N GLY B 437 -22.97 60.66 -22.51
CA GLY B 437 -23.29 59.65 -23.52
C GLY B 437 -24.51 59.92 -24.35
N HIS B 438 -25.33 60.92 -24.02
CA HIS B 438 -26.53 61.18 -24.80
C HIS B 438 -26.18 61.79 -26.15
N THR B 439 -25.21 62.69 -26.19
CA THR B 439 -24.77 63.34 -27.43
C THR B 439 -23.27 63.12 -27.59
N TRP B 440 -22.90 62.32 -28.58
CA TRP B 440 -21.50 62.07 -28.90
C TRP B 440 -21.06 62.96 -30.05
N ARG B 441 -19.79 63.36 -30.02
CA ARG B 441 -19.22 64.24 -31.03
C ARG B 441 -17.79 63.82 -31.33
N GLN B 442 -17.40 63.92 -32.59
CA GLN B 442 -16.02 63.63 -32.97
C GLN B 442 -15.17 64.88 -32.81
N VAL B 443 -13.92 64.68 -32.39
CA VAL B 443 -13.01 65.80 -32.15
C VAL B 443 -11.74 65.63 -32.96
N PHE B 444 -10.93 64.63 -32.60
CA PHE B 444 -9.59 64.52 -33.16
C PHE B 444 -9.45 63.28 -34.04
N GLU B 445 -8.56 63.37 -35.02
CA GLU B 445 -8.02 62.21 -35.72
C GLU B 445 -6.71 61.83 -35.04
N GLU B 446 -6.47 60.52 -34.92
CA GLU B 446 -5.33 59.99 -34.18
C GLU B 446 -5.44 60.34 -32.69
N GLU B 447 -4.59 59.73 -31.87
CA GLU B 447 -4.67 59.89 -30.43
C GLU B 447 -4.12 61.22 -29.95
N HIS B 448 -4.68 61.69 -28.84
CA HIS B 448 -4.25 62.93 -28.19
C HIS B 448 -4.34 62.75 -26.69
N HIS B 449 -3.27 63.12 -25.98
CA HIS B 449 -3.33 63.24 -24.52
C HIS B 449 -4.27 64.36 -24.15
N VAL B 450 -5.17 64.09 -23.21
CA VAL B 450 -6.22 65.02 -22.82
C VAL B 450 -6.06 65.35 -21.34
N LEU B 451 -6.37 66.59 -20.98
CA LEU B 451 -6.31 67.05 -19.60
C LEU B 451 -7.45 68.01 -19.34
N TYR B 452 -8.17 67.78 -18.23
CA TYR B 452 -9.24 68.67 -17.80
C TYR B 452 -8.70 69.68 -16.78
N LEU B 453 -9.27 70.88 -16.81
CA LEU B 453 -8.87 71.93 -15.88
C LEU B 453 -10.11 72.67 -15.41
N ASP B 454 -10.18 72.90 -14.09
CA ASP B 454 -11.28 73.65 -13.46
C ASP B 454 -12.61 72.93 -13.65
N HIS B 455 -12.65 71.68 -13.20
CA HIS B 455 -13.85 70.84 -13.25
C HIS B 455 -14.43 70.80 -14.67
N GLY B 456 -13.55 70.55 -15.63
CA GLY B 456 -13.97 70.55 -17.02
C GLY B 456 -14.25 71.94 -17.57
N GLY B 457 -13.50 72.94 -17.12
CA GLY B 457 -13.65 74.29 -17.62
C GLY B 457 -12.85 74.50 -18.88
N VAL B 458 -11.60 74.06 -18.87
CA VAL B 458 -10.72 74.11 -20.04
C VAL B 458 -10.25 72.70 -20.33
N ILE B 459 -10.31 72.30 -21.60
CA ILE B 459 -9.87 70.98 -22.02
C ILE B 459 -8.67 71.17 -22.92
N ALA B 460 -7.53 70.61 -22.50
CA ALA B 460 -6.28 70.72 -23.23
C ALA B 460 -5.92 69.37 -23.84
N ALA B 461 -5.25 69.41 -24.99
CA ALA B 461 -4.90 68.20 -25.72
C ALA B 461 -3.58 68.41 -26.46
N ILE B 462 -2.78 67.35 -26.49
CA ILE B 462 -1.50 67.33 -27.19
C ILE B 462 -1.38 66.03 -27.96
N LYS B 463 -0.94 66.11 -29.21
CA LYS B 463 -0.86 64.91 -30.05
C LYS B 463 0.20 63.95 -29.53
N ASP B 464 -0.20 62.70 -29.31
CA ASP B 464 0.70 61.63 -28.90
C ASP B 464 1.37 61.05 -30.15
N THR B 465 2.67 61.28 -30.29
CA THR B 465 3.40 60.82 -31.46
C THR B 465 4.89 60.80 -31.13
N SER B 466 5.67 60.23 -32.05
CA SER B 466 7.12 60.14 -31.88
C SER B 466 7.85 61.39 -32.35
N ILE B 467 7.25 62.16 -33.25
CA ILE B 467 7.90 63.34 -33.82
C ILE B 467 7.82 64.49 -32.83
N PRO B 468 8.78 65.41 -32.81
CA PRO B 468 8.68 66.57 -31.92
C PRO B 468 7.64 67.56 -32.44
N LEU B 469 7.13 68.38 -31.51
CA LEU B 469 6.10 69.34 -31.84
C LEU B 469 6.12 70.47 -30.83
N LYS B 470 5.40 71.55 -31.15
CA LYS B 470 5.27 72.69 -30.26
C LYS B 470 3.84 73.23 -30.22
N ILE B 471 2.86 72.45 -30.70
CA ILE B 471 1.48 72.90 -30.77
C ILE B 471 0.76 72.58 -29.47
N LEU B 472 -0.45 73.10 -29.32
CA LEU B 472 -1.24 72.87 -28.11
C LEU B 472 -2.70 73.12 -28.45
N LYS B 473 -3.56 72.13 -28.27
CA LYS B 473 -4.98 72.26 -28.51
C LYS B 473 -5.69 72.60 -27.21
N PHE B 474 -6.64 73.54 -27.25
CA PHE B 474 -7.42 73.82 -26.05
C PHE B 474 -8.81 74.30 -26.43
N SER B 475 -9.77 73.97 -25.58
CA SER B 475 -11.17 74.32 -25.80
C SER B 475 -11.78 74.79 -24.49
N VAL B 476 -12.64 75.81 -24.60
CA VAL B 476 -13.31 76.38 -23.44
C VAL B 476 -14.80 76.07 -23.41
N ASP B 477 -15.40 75.67 -24.52
CA ASP B 477 -16.84 75.44 -24.62
C ASP B 477 -17.18 73.96 -24.66
N GLU B 478 -16.49 73.17 -23.83
CA GLU B 478 -16.76 71.73 -23.68
C GLU B 478 -16.58 70.98 -24.99
N GLY B 479 -15.50 71.29 -25.71
CA GLY B 479 -15.11 70.50 -26.87
C GLY B 479 -15.85 70.80 -28.16
N HIS B 480 -16.48 71.97 -28.28
CA HIS B 480 -17.16 72.33 -29.52
C HIS B 480 -16.33 73.22 -30.43
N THR B 481 -15.46 74.06 -29.86
CA THR B 481 -14.58 74.92 -30.65
C THR B 481 -13.19 74.86 -30.05
N TRP B 482 -12.21 74.49 -30.87
CA TRP B 482 -10.85 74.27 -30.42
C TRP B 482 -9.91 75.33 -31.00
N SER B 483 -8.86 75.63 -30.26
CA SER B 483 -7.90 76.65 -30.65
C SER B 483 -6.48 76.12 -30.48
N THR B 484 -5.59 76.53 -31.38
CA THR B 484 -4.19 76.14 -31.38
C THR B 484 -3.33 77.30 -30.88
N HIS B 485 -2.22 76.96 -30.23
CA HIS B 485 -1.33 77.97 -29.66
C HIS B 485 0.08 77.42 -29.56
N ASN B 486 1.07 78.24 -29.93
CA ASN B 486 2.48 77.89 -29.75
C ASN B 486 2.83 78.12 -28.29
N PHE B 487 2.84 77.03 -27.49
CA PHE B 487 3.17 77.17 -26.07
C PHE B 487 4.67 77.35 -25.85
N THR B 488 5.50 77.01 -26.83
CA THR B 488 6.94 77.16 -26.72
C THR B 488 7.49 77.52 -28.10
N SER B 489 8.79 77.79 -28.15
CA SER B 489 9.48 78.12 -29.40
C SER B 489 10.12 76.89 -30.04
N THR B 490 11.02 76.24 -29.32
CA THR B 490 11.67 75.03 -29.83
C THR B 490 10.75 73.83 -29.68
N SER B 491 10.74 72.97 -30.70
CA SER B 491 9.93 71.77 -30.67
C SER B 491 10.42 70.83 -29.57
N VAL B 492 9.48 70.19 -28.89
CA VAL B 492 9.76 69.40 -27.69
C VAL B 492 9.16 68.00 -27.86
N PHE B 493 9.87 67.00 -27.36
CA PHE B 493 9.30 65.66 -27.21
C PHE B 493 8.39 65.65 -26.00
N VAL B 494 7.13 65.26 -26.20
CA VAL B 494 6.13 65.33 -25.13
C VAL B 494 6.24 64.08 -24.27
N ASP B 495 6.54 64.29 -22.98
CA ASP B 495 6.65 63.20 -22.02
C ASP B 495 5.48 63.12 -21.06
N GLY B 496 5.05 64.23 -20.47
CA GLY B 496 3.96 64.15 -19.51
C GLY B 496 3.28 65.47 -19.24
N LEU B 497 2.05 65.35 -18.72
CA LEU B 497 1.19 66.47 -18.37
C LEU B 497 0.72 66.32 -16.94
N LEU B 498 0.63 67.45 -16.23
CA LEU B 498 0.22 67.46 -14.83
C LEU B 498 -0.59 68.72 -14.56
N SER B 499 -1.32 68.69 -13.43
CA SER B 499 -2.15 69.81 -13.00
C SER B 499 -2.03 69.95 -11.49
N GLU B 500 -2.48 71.10 -10.98
CA GLU B 500 -2.40 71.41 -9.56
C GLU B 500 -3.44 70.62 -8.77
N PRO B 501 -3.11 70.14 -7.57
CA PRO B 501 -4.07 69.37 -6.77
C PRO B 501 -5.41 70.05 -6.65
N GLY B 502 -6.47 69.24 -6.58
CA GLY B 502 -7.82 69.75 -6.44
C GLY B 502 -8.49 69.89 -7.80
N ASP B 503 -7.68 70.13 -8.83
CA ASP B 503 -8.16 70.38 -10.19
C ASP B 503 -9.11 71.57 -10.23
N GLU B 504 -8.93 72.52 -9.31
CA GLU B 504 -9.76 73.71 -9.24
C GLU B 504 -9.00 74.97 -9.65
N THR B 505 -7.71 74.86 -9.95
CA THR B 505 -6.92 75.96 -10.48
C THR B 505 -6.71 75.74 -11.97
N LEU B 506 -6.00 76.67 -12.61
CA LEU B 506 -5.77 76.59 -14.04
C LEU B 506 -4.28 76.60 -14.36
N VAL B 507 -3.51 75.79 -13.63
CA VAL B 507 -2.07 75.67 -13.84
C VAL B 507 -1.80 74.31 -14.45
N MET B 508 -1.30 74.31 -15.68
CA MET B 508 -0.91 73.09 -16.38
C MET B 508 0.61 73.01 -16.46
N THR B 509 1.14 71.79 -16.44
CA THR B 509 2.58 71.58 -16.48
C THR B 509 2.90 70.52 -17.51
N VAL B 510 3.74 70.86 -18.49
CA VAL B 510 4.17 69.94 -19.53
C VAL B 510 5.66 69.70 -19.36
N PHE B 511 6.06 68.45 -19.14
CA PHE B 511 7.47 68.13 -18.95
C PHE B 511 7.96 67.16 -20.02
N GLY B 512 9.17 67.38 -20.49
CA GLY B 512 9.77 66.53 -21.51
C GLY B 512 11.13 67.08 -21.91
N HIS B 513 11.92 66.22 -22.56
CA HIS B 513 13.23 66.66 -23.04
C HIS B 513 13.08 67.27 -24.43
N ILE B 514 13.75 68.40 -24.63
CA ILE B 514 13.62 69.18 -25.86
C ILE B 514 14.60 68.67 -26.91
N SER B 515 14.07 68.23 -28.05
CA SER B 515 14.86 67.78 -29.21
C SER B 515 16.02 66.86 -28.81
N PHE B 516 15.78 66.00 -27.80
CA PHE B 516 16.81 65.11 -27.27
C PHE B 516 18.10 65.88 -26.93
N ARG B 517 17.93 67.03 -26.28
CA ARG B 517 19.07 67.83 -25.85
C ARG B 517 19.70 67.29 -24.57
N SER B 518 19.35 66.05 -24.19
CA SER B 518 19.90 65.33 -23.04
C SER B 518 19.50 65.92 -21.70
N ASP B 519 18.56 66.88 -21.67
CA ASP B 519 18.10 67.42 -20.41
C ASP B 519 16.60 67.71 -20.48
N TRP B 520 15.97 67.71 -19.31
CA TRP B 520 14.55 67.94 -19.16
C TRP B 520 14.22 69.43 -19.30
N GLU B 521 12.96 69.69 -19.66
CA GLU B 521 12.41 71.04 -19.65
C GLU B 521 10.94 70.96 -19.28
N LEU B 522 10.51 71.86 -18.39
CA LEU B 522 9.13 71.97 -17.97
C LEU B 522 8.57 73.31 -18.41
N VAL B 523 7.30 73.31 -18.81
CA VAL B 523 6.59 74.52 -19.20
C VAL B 523 5.33 74.60 -18.38
N LYS B 524 5.19 75.66 -17.58
CA LYS B 524 4.02 75.92 -16.78
C LYS B 524 3.13 76.90 -17.52
N VAL B 525 1.90 76.49 -17.81
CA VAL B 525 0.94 77.26 -18.60
C VAL B 525 -0.17 77.72 -17.65
N ASP B 526 -0.50 79.00 -17.73
CA ASP B 526 -1.45 79.65 -16.85
C ASP B 526 -2.58 80.21 -17.71
N PHE B 527 -3.77 79.61 -17.57
CA PHE B 527 -4.96 80.08 -18.26
C PHE B 527 -5.75 81.10 -17.45
N ARG B 528 -5.26 81.46 -16.26
CA ARG B 528 -5.98 82.41 -15.41
C ARG B 528 -6.11 83.82 -15.98
N PRO B 529 -5.18 84.34 -16.79
CA PRO B 529 -5.41 85.68 -17.38
C PRO B 529 -6.70 85.81 -18.17
N SER B 530 -7.08 84.80 -18.95
CA SER B 530 -8.31 84.88 -19.72
C SER B 530 -9.56 84.71 -18.86
N PHE B 531 -9.44 84.15 -17.66
CA PHE B 531 -10.58 83.88 -16.78
C PHE B 531 -10.35 84.56 -15.43
N PRO B 532 -10.37 85.89 -15.37
CA PRO B 532 -10.14 86.56 -14.08
C PRO B 532 -11.34 86.53 -13.16
N ARG B 533 -12.54 86.32 -13.69
CA ARG B 533 -13.76 86.38 -12.89
C ARG B 533 -13.97 85.10 -12.08
N GLN B 534 -14.56 85.26 -10.91
CA GLN B 534 -15.06 84.13 -10.12
C GLN B 534 -16.52 83.90 -10.51
N CYS B 535 -16.88 82.64 -10.73
CA CYS B 535 -18.24 82.33 -11.14
C CYS B 535 -19.24 82.58 -10.01
N GLY B 536 -20.36 83.22 -10.35
CA GLY B 536 -21.45 83.35 -9.43
C GLY B 536 -22.44 82.20 -9.53
N GLU B 537 -23.42 82.21 -8.63
CA GLU B 537 -24.41 81.14 -8.61
C GLU B 537 -25.39 81.23 -9.79
N ASP B 538 -25.48 82.39 -10.45
CA ASP B 538 -26.38 82.58 -11.56
C ASP B 538 -25.69 82.52 -12.91
N ASP B 539 -24.45 82.06 -12.96
CA ASP B 539 -23.71 81.94 -14.20
C ASP B 539 -23.81 80.55 -14.82
N TYR B 540 -24.59 79.65 -14.23
CA TYR B 540 -24.74 78.29 -14.72
C TYR B 540 -26.17 78.05 -15.17
N SER B 541 -26.32 77.23 -16.20
CA SER B 541 -27.62 76.78 -16.68
C SER B 541 -27.85 75.33 -16.27
N SER B 542 -29.11 74.98 -16.07
CA SER B 542 -29.47 73.64 -15.65
C SER B 542 -29.48 72.68 -16.83
N TRP B 543 -28.98 71.48 -16.60
CA TRP B 543 -29.01 70.40 -17.58
C TRP B 543 -29.56 69.16 -16.89
N ASP B 544 -30.76 68.74 -17.29
CA ASP B 544 -31.38 67.56 -16.71
C ASP B 544 -30.68 66.31 -17.23
N LEU B 545 -30.34 65.40 -16.32
CA LEU B 545 -29.70 64.15 -16.68
C LEU B 545 -30.73 63.19 -17.24
N THR B 546 -30.59 62.80 -18.50
CA THR B 546 -31.47 61.88 -19.17
C THR B 546 -30.68 60.66 -19.65
N ASP B 547 -31.37 59.75 -20.32
CA ASP B 547 -30.73 58.57 -20.90
C ASP B 547 -30.89 58.57 -22.41
N LEU B 548 -30.69 57.41 -23.03
CA LEU B 548 -30.89 57.28 -24.48
C LEU B 548 -32.37 57.23 -24.85
N GLN B 549 -33.26 57.06 -23.88
CA GLN B 549 -34.70 57.07 -24.12
C GLN B 549 -35.37 58.38 -23.72
N GLY B 550 -34.60 59.34 -23.22
CA GLY B 550 -35.15 60.62 -22.80
C GLY B 550 -35.86 60.61 -21.46
N ASP B 551 -35.66 59.57 -20.66
CA ASP B 551 -36.32 59.46 -19.35
C ASP B 551 -35.47 60.16 -18.29
N HIS B 552 -36.14 60.90 -17.40
CA HIS B 552 -35.46 61.63 -16.35
C HIS B 552 -35.29 60.81 -15.07
N CYS B 553 -36.21 59.90 -14.79
CA CYS B 553 -36.16 59.08 -13.59
C CYS B 553 -35.12 57.96 -13.80
N ILE B 554 -33.88 58.26 -13.44
CA ILE B 554 -32.77 57.31 -13.51
C ILE B 554 -32.45 56.88 -12.09
N MET B 555 -32.42 55.57 -11.85
CA MET B 555 -32.25 55.01 -10.51
C MET B 555 -33.31 55.52 -9.55
N GLY B 556 -34.50 55.80 -10.06
CA GLY B 556 -35.55 56.38 -9.25
C GLY B 556 -35.22 57.77 -8.74
N GLN B 557 -34.46 58.54 -9.52
CA GLN B 557 -34.01 59.84 -9.05
C GLN B 557 -33.81 60.75 -10.26
N GLN B 558 -34.62 61.80 -10.35
CA GLN B 558 -34.39 62.85 -11.34
C GLN B 558 -33.21 63.72 -10.87
N ARG B 559 -32.20 63.84 -11.73
CA ARG B 559 -31.01 64.60 -11.43
C ARG B 559 -30.83 65.72 -12.45
N SER B 560 -30.23 66.82 -11.99
CA SER B 560 -29.94 67.94 -12.87
C SER B 560 -28.63 68.59 -12.41
N TYR B 561 -27.71 68.77 -13.35
CA TYR B 561 -26.40 69.34 -13.07
C TYR B 561 -26.31 70.75 -13.62
N ARG B 562 -25.21 71.43 -13.29
CA ARG B 562 -24.96 72.80 -13.73
C ARG B 562 -23.91 72.79 -14.84
N LYS B 563 -24.17 73.54 -15.91
CA LYS B 563 -23.20 73.75 -16.97
C LYS B 563 -22.92 75.24 -17.10
N ARG B 564 -21.65 75.58 -17.26
CA ARG B 564 -21.27 76.98 -17.40
C ARG B 564 -21.81 77.54 -18.71
N LYS B 565 -22.37 78.75 -18.65
CA LYS B 565 -22.94 79.38 -19.83
C LYS B 565 -21.86 79.71 -20.84
N SER B 566 -22.21 79.60 -22.13
CA SER B 566 -21.26 79.92 -23.19
C SER B 566 -20.88 81.40 -23.16
N THR B 567 -21.83 82.26 -22.82
CA THR B 567 -21.57 83.69 -22.70
C THR B 567 -21.25 84.07 -21.26
N SER B 568 -20.17 83.47 -20.76
CA SER B 568 -19.72 83.71 -19.39
C SER B 568 -18.28 83.23 -19.27
N TRP B 569 -17.38 84.12 -18.88
CA TRP B 569 -15.96 83.81 -18.71
C TRP B 569 -15.63 83.94 -17.22
N CYS B 570 -15.64 82.82 -16.50
CA CYS B 570 -15.30 82.83 -15.09
C CYS B 570 -14.71 81.48 -14.70
N VAL B 571 -14.12 81.44 -13.50
CA VAL B 571 -13.52 80.23 -12.95
C VAL B 571 -14.52 79.54 -12.04
N LYS B 572 -14.71 78.23 -12.24
CA LYS B 572 -15.75 77.51 -11.52
C LYS B 572 -15.53 77.50 -10.01
N GLY B 573 -14.31 77.76 -9.56
CA GLY B 573 -14.06 78.08 -8.16
C GLY B 573 -13.39 76.94 -7.40
N ARG B 574 -13.18 77.21 -6.11
CA ARG B 574 -12.52 76.25 -5.23
C ARG B 574 -13.37 75.01 -5.04
N SER B 575 -14.69 75.17 -4.90
CA SER B 575 -15.60 74.05 -4.76
C SER B 575 -16.74 74.23 -5.75
N PHE B 576 -17.07 73.16 -6.46
CA PHE B 576 -18.06 73.20 -7.53
C PHE B 576 -19.38 72.66 -7.03
N THR B 577 -20.45 73.45 -7.22
CA THR B 577 -21.79 73.03 -6.86
C THR B 577 -22.47 72.43 -8.08
N SER B 578 -22.92 71.18 -7.95
CA SER B 578 -23.57 70.49 -9.05
C SER B 578 -24.54 69.46 -8.47
N ALA B 579 -25.40 68.93 -9.34
CA ALA B 579 -26.42 67.95 -8.94
C ALA B 579 -27.31 68.50 -7.83
N LEU B 580 -27.60 69.81 -7.88
CA LEU B 580 -28.40 70.43 -6.83
C LEU B 580 -29.86 69.99 -6.93
N THR B 581 -30.39 69.89 -8.15
CA THR B 581 -31.76 69.43 -8.35
C THR B 581 -31.75 67.90 -8.36
N SER B 582 -32.09 67.31 -7.22
CA SER B 582 -32.18 65.86 -7.08
C SER B 582 -33.52 65.53 -6.41
N ARG B 583 -34.42 64.93 -7.17
CA ARG B 583 -35.74 64.57 -6.68
C ARG B 583 -35.99 63.07 -6.85
N VAL B 584 -36.95 62.56 -6.08
CA VAL B 584 -37.27 61.15 -6.11
C VAL B 584 -38.43 60.92 -7.08
N CYS B 585 -38.50 59.69 -7.59
CA CYS B 585 -39.58 59.25 -8.47
C CYS B 585 -40.31 58.08 -7.84
N LYS B 586 -41.52 57.83 -8.34
CA LYS B 586 -42.27 56.66 -7.92
C LYS B 586 -41.70 55.41 -8.56
N CYS B 587 -41.74 54.30 -7.82
CA CYS B 587 -41.17 53.06 -8.31
C CYS B 587 -41.97 52.51 -9.48
N ARG B 588 -41.27 51.94 -10.45
CA ARG B 588 -41.88 51.40 -11.66
C ARG B 588 -41.25 50.05 -11.97
N ASP B 589 -41.65 49.47 -13.11
CA ASP B 589 -41.10 48.18 -13.52
C ASP B 589 -39.60 48.25 -13.76
N SER B 590 -39.10 49.41 -14.19
CA SER B 590 -37.68 49.55 -14.51
C SER B 590 -36.78 49.62 -13.27
N ASP B 591 -37.34 49.63 -12.07
CA ASP B 591 -36.57 49.76 -10.84
C ASP B 591 -36.36 48.45 -10.10
N PHE B 592 -36.71 47.31 -10.72
CA PHE B 592 -36.58 46.01 -10.09
C PHE B 592 -35.89 45.05 -11.05
N LEU B 593 -35.14 44.09 -10.49
CA LEU B 593 -34.43 43.12 -11.31
C LEU B 593 -34.63 41.73 -10.70
N CYS B 594 -34.06 40.73 -11.35
CA CYS B 594 -34.24 39.35 -10.93
C CYS B 594 -33.29 38.99 -9.79
N ASP B 595 -33.73 38.05 -8.96
CA ASP B 595 -32.96 37.60 -7.82
C ASP B 595 -32.18 36.34 -8.19
N TYR B 596 -31.63 35.67 -7.18
CA TYR B 596 -30.84 34.46 -7.40
C TYR B 596 -31.72 33.35 -7.97
N GLY B 597 -31.35 32.86 -9.15
CA GLY B 597 -32.04 31.75 -9.78
C GLY B 597 -33.18 32.13 -10.69
N PHE B 598 -33.28 33.40 -11.09
CA PHE B 598 -34.35 33.87 -11.96
C PHE B 598 -33.76 34.64 -13.13
N GLU B 599 -34.30 34.40 -14.33
CA GLU B 599 -33.82 35.07 -15.53
C GLU B 599 -34.99 35.64 -16.31
N ARG B 600 -34.67 36.54 -17.24
CA ARG B 600 -35.70 37.23 -18.00
C ARG B 600 -36.16 36.41 -19.20
N SER B 601 -37.47 36.38 -19.41
CA SER B 601 -38.08 35.58 -20.47
C SER B 601 -37.94 36.30 -21.81
N SER B 602 -37.74 35.51 -22.86
CA SER B 602 -37.54 36.01 -24.23
C SER B 602 -36.28 36.88 -24.23
N SER B 603 -36.23 37.89 -25.10
CA SER B 603 -35.02 38.70 -25.26
C SER B 603 -35.24 40.10 -24.71
N SER B 604 -34.13 40.85 -24.64
CA SER B 604 -34.19 42.23 -24.17
C SER B 604 -34.81 43.14 -25.22
N GLU B 605 -35.42 44.23 -24.74
CA GLU B 605 -36.11 45.19 -25.60
C GLU B 605 -37.18 44.50 -26.44
N SER B 606 -38.04 43.73 -25.77
CA SER B 606 -39.06 42.93 -26.44
C SER B 606 -40.19 42.59 -25.48
N THR B 607 -39.92 41.71 -24.52
CA THR B 607 -40.92 41.31 -23.53
C THR B 607 -40.47 41.70 -22.13
N LYS B 610 -39.75 40.30 -17.28
CA LYS B 610 -40.38 39.22 -16.53
C LYS B 610 -39.32 38.26 -16.00
N CYS B 611 -39.19 38.17 -14.68
CA CYS B 611 -38.20 37.30 -14.06
C CYS B 611 -38.85 35.95 -13.75
N SER B 612 -38.60 34.97 -14.62
CA SER B 612 -39.11 33.62 -14.42
C SER B 612 -38.02 32.74 -13.83
N ALA B 613 -38.45 31.73 -13.07
CA ALA B 613 -37.54 30.81 -12.41
C ALA B 613 -36.97 29.83 -13.43
N ASN B 614 -35.64 29.77 -13.51
CA ASN B 614 -35.00 28.84 -14.43
C ASN B 614 -35.15 27.41 -13.93
N PHE B 615 -34.65 26.46 -14.73
CA PHE B 615 -34.97 25.05 -14.50
C PHE B 615 -34.27 24.49 -13.27
N TRP B 616 -33.04 24.93 -13.00
CA TRP B 616 -32.20 24.21 -12.04
C TRP B 616 -32.64 24.45 -10.59
N PHE B 617 -33.22 25.61 -10.29
CA PHE B 617 -33.56 25.97 -8.93
C PHE B 617 -35.05 26.24 -8.80
N ASN B 618 -35.64 25.78 -7.70
CA ASN B 618 -37.02 26.05 -7.32
C ASN B 618 -37.07 26.69 -5.96
N PRO B 619 -38.04 27.59 -5.71
CA PRO B 619 -38.08 28.32 -4.45
C PRO B 619 -38.39 27.47 -3.22
N LEU B 620 -38.66 26.18 -3.37
CA LEU B 620 -39.00 25.33 -2.24
C LEU B 620 -37.79 24.96 -1.40
N SER B 621 -36.61 24.87 -2.01
CA SER B 621 -35.47 24.27 -1.35
C SER B 621 -34.98 25.13 -0.18
N PRO B 622 -34.55 24.53 0.91
CA PRO B 622 -33.97 25.28 2.02
C PRO B 622 -32.53 25.64 1.73
N PRO B 623 -31.97 26.63 2.43
CA PRO B 623 -30.59 27.04 2.18
C PRO B 623 -29.59 26.02 2.75
N GLU B 624 -28.31 26.31 2.53
CA GLU B 624 -27.25 25.43 2.99
C GLU B 624 -27.17 25.46 4.51
N ASP B 625 -27.23 24.27 5.12
CA ASP B 625 -27.02 24.10 6.56
C ASP B 625 -28.02 24.93 7.37
N CYS B 626 -29.30 24.80 7.05
CA CYS B 626 -30.33 25.47 7.85
C CYS B 626 -30.49 24.71 9.17
N VAL B 627 -30.15 25.37 10.27
CA VAL B 627 -30.22 24.77 11.60
C VAL B 627 -31.53 25.17 12.26
N LEU B 628 -32.12 24.25 13.01
CA LEU B 628 -33.37 24.53 13.68
C LEU B 628 -33.20 25.65 14.70
N GLY B 629 -34.17 26.57 14.72
CA GLY B 629 -34.12 27.77 15.55
C GLY B 629 -33.84 29.02 14.75
N GLN B 630 -33.07 28.92 13.67
CA GLN B 630 -32.83 30.04 12.78
C GLN B 630 -33.91 30.09 11.71
N THR B 631 -33.97 31.21 11.00
CA THR B 631 -35.01 31.45 10.01
C THR B 631 -34.39 32.09 8.78
N TYR B 632 -34.42 31.39 7.65
CA TYR B 632 -33.96 31.94 6.39
C TYR B 632 -35.09 32.70 5.70
N THR B 633 -34.72 33.58 4.79
CA THR B 633 -35.65 34.46 4.09
C THR B 633 -35.61 34.13 2.61
N SER B 634 -36.68 33.49 2.12
CA SER B 634 -36.79 33.16 0.71
C SER B 634 -37.28 34.37 -0.10
N SER B 635 -37.10 34.29 -1.41
CA SER B 635 -37.47 35.37 -2.31
C SER B 635 -38.48 34.88 -3.35
N LEU B 636 -39.20 35.84 -3.93
CA LEU B 636 -40.21 35.56 -4.94
C LEU B 636 -39.68 35.71 -6.37
N GLY B 637 -38.43 36.13 -6.54
CA GLY B 637 -37.85 36.30 -7.86
C GLY B 637 -37.68 37.72 -8.32
N TYR B 638 -37.97 38.70 -7.47
CA TYR B 638 -37.78 40.10 -7.81
C TYR B 638 -37.16 40.83 -6.62
N ARG B 639 -36.19 41.68 -6.90
CA ARG B 639 -35.55 42.48 -5.87
C ARG B 639 -35.33 43.90 -6.37
N LYS B 640 -35.46 44.86 -5.45
CA LYS B 640 -35.21 46.25 -5.75
C LYS B 640 -33.74 46.47 -6.06
N VAL B 641 -33.47 47.33 -7.04
CA VAL B 641 -32.10 47.70 -7.34
C VAL B 641 -31.46 48.30 -6.09
N VAL B 642 -30.29 47.79 -5.72
CA VAL B 642 -29.64 48.25 -4.51
C VAL B 642 -29.21 49.70 -4.69
N SER B 643 -29.47 50.52 -3.66
CA SER B 643 -29.23 51.96 -3.64
C SER B 643 -30.19 52.74 -4.53
N ASN B 644 -31.32 52.13 -4.91
CA ASN B 644 -32.39 52.85 -5.60
C ASN B 644 -33.31 53.48 -4.56
N VAL B 645 -33.55 54.79 -4.70
CA VAL B 645 -34.28 55.54 -3.68
C VAL B 645 -35.64 55.99 -4.20
N CYS B 646 -36.39 55.07 -4.81
CA CYS B 646 -37.73 55.40 -5.28
C CYS B 646 -38.73 55.31 -4.12
N GLU B 647 -39.86 55.99 -4.30
CA GLU B 647 -40.89 56.06 -3.27
C GLU B 647 -41.48 54.68 -3.01
N GLY B 648 -41.04 54.03 -1.93
CA GLY B 648 -41.42 52.66 -1.63
C GLY B 648 -42.81 52.53 -1.05
N GLY B 649 -43.00 51.48 -0.26
CA GLY B 649 -44.31 51.20 0.31
C GLY B 649 -45.16 50.32 -0.59
N VAL B 650 -45.51 50.85 -1.76
CA VAL B 650 -46.32 50.11 -2.73
C VAL B 650 -45.49 49.87 -3.99
N ASP B 651 -46.17 49.51 -5.09
CA ASP B 651 -45.56 49.31 -6.40
C ASP B 651 -44.65 48.10 -6.42
N LEU B 652 -45.22 46.91 -6.30
CA LEU B 652 -44.52 45.63 -6.43
C LEU B 652 -43.29 45.58 -5.52
N GLN B 653 -43.50 45.87 -4.24
CA GLN B 653 -42.42 45.72 -3.26
C GLN B 653 -42.06 44.26 -3.07
N GLN B 654 -43.07 43.40 -2.86
CA GLN B 654 -42.88 41.96 -2.72
C GLN B 654 -41.92 41.63 -1.59
N SER B 655 -42.08 42.32 -0.45
CA SER B 655 -41.30 42.04 0.74
C SER B 655 -41.94 40.87 1.48
N PRO B 656 -41.31 39.69 1.43
CA PRO B 656 -41.99 38.48 1.92
C PRO B 656 -42.09 38.38 3.43
N VAL B 657 -41.04 38.82 4.14
CA VAL B 657 -40.92 38.65 5.58
C VAL B 657 -41.10 37.17 5.89
N GLN B 658 -40.30 36.32 5.25
CA GLN B 658 -40.41 34.87 5.36
C GLN B 658 -39.39 34.39 6.40
N LEU B 659 -39.88 33.93 7.54
CA LEU B 659 -39.03 33.40 8.60
C LEU B 659 -39.47 31.97 8.91
N GLN B 660 -38.68 31.00 8.47
CA GLN B 660 -39.00 29.59 8.70
C GLN B 660 -37.76 28.78 8.39
N CYS B 661 -37.71 27.55 8.91
CA CYS B 661 -36.64 26.61 8.61
C CYS B 661 -37.03 25.18 8.98
N PRO B 662 -36.94 24.24 8.03
CA PRO B 662 -37.27 22.84 8.35
C PRO B 662 -36.01 22.04 8.64
N LEU B 663 -36.16 20.81 9.15
CA LEU B 663 -34.99 20.00 9.42
C LEU B 663 -34.37 19.50 8.11
N GLN B 664 -33.05 19.41 8.11
CA GLN B 664 -32.29 19.08 6.91
C GLN B 664 -32.05 17.58 6.82
N ALA B 665 -32.09 17.06 5.60
CA ALA B 665 -31.80 15.66 5.35
C ALA B 665 -30.30 15.41 5.28
N PRO B 666 -29.85 14.19 5.61
CA PRO B 666 -28.41 13.87 5.56
C PRO B 666 -27.90 13.81 4.13
N ARG B 667 -26.88 14.60 3.83
CA ARG B 667 -26.28 14.66 2.51
C ARG B 667 -24.77 14.58 2.61
N GLY B 668 -24.15 13.97 1.60
CA GLY B 668 -22.71 13.88 1.54
C GLY B 668 -22.07 13.09 2.65
N LEU B 669 -22.65 11.94 3.00
CA LEU B 669 -22.08 11.09 4.03
C LEU B 669 -20.81 10.40 3.53
N GLN B 670 -19.73 10.52 4.28
CA GLN B 670 -18.44 9.98 3.90
C GLN B 670 -17.82 9.21 5.06
N VAL B 671 -17.26 8.04 4.75
CA VAL B 671 -16.57 7.21 5.73
C VAL B 671 -15.21 6.83 5.16
N SER B 672 -14.18 6.85 6.01
CA SER B 672 -12.83 6.54 5.55
C SER B 672 -12.01 6.04 6.73
N ILE B 673 -10.80 5.60 6.42
CA ILE B 673 -9.82 5.23 7.43
C ILE B 673 -8.86 6.41 7.58
N ARG B 674 -8.30 6.57 8.78
CA ARG B 674 -7.44 7.70 9.05
C ARG B 674 -6.26 7.72 8.10
N GLY B 675 -6.15 8.81 7.34
CA GLY B 675 -5.14 8.93 6.30
C GLY B 675 -5.62 8.31 5.00
N GLU B 676 -4.66 7.95 4.15
CA GLU B 676 -4.95 7.23 2.91
C GLU B 676 -4.59 5.75 3.08
N ALA B 677 -5.43 5.05 3.83
CA ALA B 677 -5.24 3.62 4.03
C ALA B 677 -5.47 2.85 2.73
N VAL B 678 -4.42 2.21 2.23
CA VAL B 678 -4.49 1.35 1.04
C VAL B 678 -4.79 -0.09 1.39
N ALA B 679 -4.12 -0.62 2.42
CA ALA B 679 -4.29 -2.00 2.83
C ALA B 679 -3.92 -2.13 4.30
N VAL B 680 -4.42 -3.18 4.93
CA VAL B 680 -4.32 -3.38 6.36
C VAL B 680 -3.85 -4.82 6.60
N ARG B 681 -3.09 -5.01 7.69
CA ARG B 681 -2.67 -6.32 8.16
C ARG B 681 -3.48 -6.71 9.40
N PRO B 682 -3.69 -8.01 9.61
CA PRO B 682 -4.50 -8.44 10.75
C PRO B 682 -3.84 -8.06 12.07
N ARG B 683 -4.68 -7.80 13.07
CA ARG B 683 -4.24 -7.38 14.41
C ARG B 683 -3.48 -6.05 14.33
N GLU B 684 -4.12 -5.05 13.71
CA GLU B 684 -3.56 -3.72 13.58
C GLU B 684 -4.61 -2.68 13.98
N ASP B 685 -4.14 -1.56 14.53
CA ASP B 685 -5.00 -0.47 14.99
C ASP B 685 -5.58 0.27 13.79
N VAL B 686 -6.80 -0.09 13.40
CA VAL B 686 -7.50 0.56 12.30
C VAL B 686 -8.43 1.61 12.88
N LEU B 687 -8.33 2.84 12.37
CA LEU B 687 -9.10 3.98 12.84
C LEU B 687 -10.07 4.42 11.75
N PHE B 688 -11.37 4.33 12.03
CA PHE B 688 -12.42 4.76 11.11
C PHE B 688 -12.95 6.13 11.49
N VAL B 689 -13.20 6.96 10.48
CA VAL B 689 -13.69 8.33 10.65
C VAL B 689 -14.89 8.53 9.73
N VAL B 690 -15.91 9.23 10.25
CA VAL B 690 -17.13 9.53 9.51
C VAL B 690 -17.34 11.03 9.51
N ARG B 691 -17.88 11.56 8.41
CA ARG B 691 -18.14 12.98 8.27
C ARG B 691 -19.36 13.21 7.38
N GLN B 692 -20.02 14.34 7.62
CA GLN B 692 -21.15 14.79 6.80
C GLN B 692 -20.80 16.12 6.16
N GLU B 693 -21.67 16.58 5.25
CA GLU B 693 -21.41 17.84 4.55
C GLU B 693 -22.61 18.78 4.55
N GLN B 694 -23.58 18.49 3.68
CA GLN B 694 -24.70 19.38 3.42
C GLN B 694 -25.71 19.24 4.55
N GLY B 695 -25.78 20.24 5.42
CA GLY B 695 -26.77 20.28 6.47
C GLY B 695 -26.33 19.49 7.69
N ASP B 696 -26.87 19.87 8.84
CA ASP B 696 -26.59 19.21 10.10
C ASP B 696 -27.88 18.96 10.85
N VAL B 697 -27.95 17.79 11.49
CA VAL B 697 -29.16 17.31 12.14
C VAL B 697 -28.80 16.84 13.55
N LEU B 698 -29.65 17.18 14.51
CA LEU B 698 -29.35 16.87 15.91
C LEU B 698 -29.61 15.41 16.23
N THR B 699 -30.86 14.97 16.14
CA THR B 699 -31.16 13.55 16.34
C THR B 699 -30.84 12.77 15.07
N THR B 700 -29.87 11.87 15.16
CA THR B 700 -29.41 11.10 14.02
C THR B 700 -29.16 9.66 14.45
N LYS B 701 -29.67 8.71 13.69
CA LYS B 701 -29.31 7.31 13.90
C LYS B 701 -28.11 6.97 13.02
N TYR B 702 -27.07 6.37 13.60
CA TYR B 702 -25.88 5.96 12.83
C TYR B 702 -25.71 4.46 12.99
N GLN B 703 -26.21 3.69 12.03
CA GLN B 703 -26.01 2.24 12.03
C GLN B 703 -24.70 1.90 11.33
N VAL B 704 -23.93 0.98 11.91
CA VAL B 704 -22.59 0.67 11.44
C VAL B 704 -22.39 -0.84 11.44
N ASP B 705 -21.86 -1.36 10.34
CA ASP B 705 -21.54 -2.78 10.18
C ASP B 705 -20.14 -2.87 9.57
N LEU B 706 -19.25 -3.58 10.24
CA LEU B 706 -17.87 -3.72 9.80
C LEU B 706 -17.61 -5.01 9.02
N GLY B 707 -18.66 -5.74 8.67
CA GLY B 707 -18.54 -6.89 7.80
C GLY B 707 -18.00 -8.15 8.46
N ASP B 708 -17.68 -8.11 9.75
CA ASP B 708 -17.17 -9.27 10.47
C ASP B 708 -18.03 -9.60 11.68
N GLY B 709 -19.33 -9.29 11.59
CA GLY B 709 -20.26 -9.54 12.67
C GLY B 709 -20.44 -8.41 13.65
N PHE B 710 -19.57 -7.40 13.61
CA PHE B 710 -19.62 -6.29 14.56
C PHE B 710 -20.69 -5.30 14.11
N LYS B 711 -21.87 -5.41 14.70
CA LYS B 711 -22.95 -4.45 14.50
C LYS B 711 -22.95 -3.43 15.63
N ALA B 712 -23.14 -2.15 15.30
CA ALA B 712 -23.15 -1.14 16.35
C ALA B 712 -23.90 0.10 15.89
N MET B 713 -24.64 0.71 16.81
CA MET B 713 -25.39 1.93 16.52
C MET B 713 -24.89 3.06 17.40
N TYR B 714 -24.73 4.24 16.79
CA TYR B 714 -24.16 5.40 17.46
C TYR B 714 -25.00 6.65 17.19
N VAL B 715 -24.61 7.73 17.87
CA VAL B 715 -25.25 9.04 17.79
C VAL B 715 -24.18 10.10 17.97
N ASN B 716 -24.33 11.23 17.26
CA ASN B 716 -23.38 12.35 17.32
C ASN B 716 -21.95 11.93 16.95
N LEU B 717 -21.83 11.13 15.88
CA LEU B 717 -20.49 10.71 15.47
C LEU B 717 -19.73 11.86 14.82
N THR B 718 -20.36 12.56 13.87
CA THR B 718 -19.69 13.66 13.18
C THR B 718 -19.38 14.82 14.11
N LEU B 719 -20.16 15.01 15.17
CA LEU B 719 -19.95 16.11 16.11
C LEU B 719 -18.95 15.76 17.20
N THR B 720 -18.77 14.47 17.52
CA THR B 720 -17.78 14.09 18.50
C THR B 720 -16.37 14.33 17.96
N GLY B 721 -16.12 13.93 16.73
CA GLY B 721 -14.82 14.11 16.12
C GLY B 721 -13.77 13.10 16.51
N GLU B 722 -14.18 11.94 17.04
CA GLU B 722 -13.25 10.91 17.47
C GLU B 722 -13.39 9.65 16.62
N PRO B 723 -12.27 9.06 16.21
CA PRO B 723 -12.35 7.85 15.38
C PRO B 723 -12.74 6.62 16.19
N ILE B 724 -12.98 5.54 15.46
CA ILE B 724 -13.37 4.25 16.05
C ILE B 724 -12.26 3.25 15.78
N ARG B 725 -11.85 2.53 16.82
CA ARG B 725 -10.78 1.55 16.72
C ARG B 725 -11.33 0.18 16.34
N HIS B 726 -10.56 -0.56 15.55
CA HIS B 726 -10.89 -1.95 15.25
C HIS B 726 -9.64 -2.69 14.82
N HIS B 727 -9.60 -3.98 15.17
CA HIS B 727 -8.51 -4.87 14.79
C HIS B 727 -9.10 -6.10 14.12
N TYR B 728 -8.77 -6.32 12.85
CA TYR B 728 -9.24 -7.50 12.14
C TYR B 728 -8.38 -8.71 12.50
N GLU B 729 -9.04 -9.86 12.68
CA GLU B 729 -8.37 -11.10 13.07
C GLU B 729 -8.02 -11.95 11.85
N SER B 730 -9.01 -12.29 11.03
CA SER B 730 -8.80 -13.18 9.89
C SER B 730 -8.50 -12.35 8.64
N PRO B 731 -7.47 -12.72 7.87
CA PRO B 731 -7.22 -12.01 6.61
C PRO B 731 -8.34 -12.22 5.60
N GLY B 732 -8.66 -11.18 4.87
CA GLY B 732 -9.71 -11.25 3.88
C GLY B 732 -10.23 -9.86 3.53
N ILE B 733 -11.30 -9.84 2.75
CA ILE B 733 -11.90 -8.60 2.28
C ILE B 733 -13.15 -8.33 3.09
N TYR B 734 -13.33 -7.06 3.49
CA TYR B 734 -14.44 -6.66 4.33
C TYR B 734 -15.07 -5.39 3.79
N ARG B 735 -16.33 -5.18 4.18
CA ARG B 735 -17.10 -4.01 3.73
C ARG B 735 -17.64 -3.29 4.95
N VAL B 736 -17.33 -2.00 5.05
CA VAL B 736 -17.83 -1.15 6.13
C VAL B 736 -19.03 -0.38 5.60
N SER B 737 -20.16 -0.51 6.27
CA SER B 737 -21.40 0.14 5.87
C SER B 737 -21.91 1.01 7.00
N VAL B 738 -22.26 2.26 6.68
CA VAL B 738 -22.79 3.21 7.65
C VAL B 738 -24.08 3.80 7.08
N ARG B 739 -25.08 3.94 7.92
CA ARG B 739 -26.37 4.50 7.53
C ARG B 739 -26.73 5.62 8.49
N ALA B 740 -26.99 6.81 7.95
CA ALA B 740 -27.46 7.95 8.72
C ALA B 740 -28.96 8.11 8.46
N GLU B 741 -29.74 8.07 9.53
CA GLU B 741 -31.19 8.05 9.42
C GLU B 741 -31.78 9.19 10.25
N ASN B 742 -32.67 9.96 9.61
CA ASN B 742 -33.32 11.12 10.21
C ASN B 742 -34.81 11.07 9.90
N MET B 743 -35.53 12.08 10.38
CA MET B 743 -36.92 12.26 10.00
C MET B 743 -37.07 12.92 8.63
N ALA B 744 -36.03 13.58 8.14
CA ALA B 744 -36.07 14.27 6.86
C ALA B 744 -35.69 13.37 5.69
N GLY B 745 -34.62 12.62 5.84
CA GLY B 745 -34.10 11.80 4.75
C GLY B 745 -33.40 10.55 5.24
N HIS B 746 -32.48 10.05 4.44
CA HIS B 746 -31.81 8.78 4.68
C HIS B 746 -30.59 8.67 3.79
N ASP B 747 -29.41 8.39 4.36
CA ASP B 747 -28.18 8.36 3.58
C ASP B 747 -27.34 7.17 3.98
N GLU B 748 -26.50 6.71 3.06
CA GLU B 748 -25.68 5.52 3.27
C GLU B 748 -24.30 5.74 2.68
N ALA B 749 -23.28 5.21 3.36
CA ALA B 749 -21.89 5.30 2.94
C ALA B 749 -21.22 3.95 3.08
N VAL B 750 -20.41 3.58 2.10
CA VAL B 750 -19.78 2.27 2.05
C VAL B 750 -18.28 2.43 1.79
N LEU B 751 -17.50 1.50 2.34
CA LEU B 751 -16.05 1.53 2.18
C LEU B 751 -15.55 0.09 2.16
N PHE B 752 -14.98 -0.34 1.04
CA PHE B 752 -14.40 -1.66 0.92
C PHE B 752 -12.94 -1.64 1.36
N VAL B 753 -12.56 -2.56 2.24
CA VAL B 753 -11.20 -2.67 2.74
C VAL B 753 -10.70 -4.08 2.53
N GLN B 754 -9.38 -4.21 2.35
CA GLN B 754 -8.73 -5.50 2.16
C GLN B 754 -7.66 -5.69 3.23
N VAL B 755 -7.60 -6.90 3.78
CA VAL B 755 -6.59 -7.29 4.75
C VAL B 755 -5.86 -8.47 4.13
N ASN B 756 -4.80 -8.18 3.37
CA ASN B 756 -4.00 -9.20 2.68
C ASN B 756 -2.53 -8.80 2.88
N SER B 757 -1.94 -9.26 3.98
CA SER B 757 -0.65 -8.79 4.44
C SER B 757 0.55 -9.67 4.04
N PRO B 758 0.51 -10.99 4.24
CA PRO B 758 1.77 -11.74 4.22
C PRO B 758 2.28 -11.96 2.80
N LEU B 759 3.44 -11.38 2.51
CA LEU B 759 4.19 -11.66 1.28
C LEU B 759 5.60 -12.04 1.69
N GLN B 760 5.93 -13.33 1.55
CA GLN B 760 7.21 -13.83 2.05
C GLN B 760 8.33 -13.64 1.04
N ALA B 761 8.20 -14.23 -0.15
CA ALA B 761 9.25 -14.13 -1.14
C ALA B 761 8.69 -14.43 -2.52
N LEU B 762 9.41 -13.98 -3.55
CA LEU B 762 9.05 -14.18 -4.94
C LEU B 762 10.29 -14.64 -5.71
N TYR B 763 10.09 -15.03 -6.96
CA TYR B 763 11.19 -15.46 -7.80
C TYR B 763 10.85 -15.23 -9.27
N LEU B 764 11.81 -14.72 -10.02
CA LEU B 764 11.68 -14.52 -11.46
C LEU B 764 12.24 -15.73 -12.18
N GLU B 765 11.37 -16.51 -12.80
CA GLU B 765 11.77 -17.68 -13.58
C GLU B 765 11.99 -17.24 -15.03
N VAL B 766 13.20 -17.46 -15.52
CA VAL B 766 13.60 -16.97 -16.84
C VAL B 766 14.77 -17.82 -17.32
N VAL B 767 14.81 -18.07 -18.63
CA VAL B 767 15.95 -18.78 -19.21
C VAL B 767 17.22 -17.96 -19.02
N PRO B 768 18.34 -18.55 -18.61
CA PRO B 768 19.54 -17.74 -18.38
C PRO B 768 20.14 -17.15 -19.64
N VAL B 769 19.92 -17.76 -20.80
CA VAL B 769 20.51 -17.28 -22.05
C VAL B 769 19.62 -17.73 -23.22
N ILE B 770 19.45 -16.85 -24.20
CA ILE B 770 18.64 -17.14 -25.36
C ILE B 770 19.10 -16.23 -26.50
N GLY B 771 18.87 -16.67 -27.73
CA GLY B 771 19.31 -15.92 -28.89
C GLY B 771 18.41 -14.73 -29.21
N VAL B 772 18.84 -13.95 -30.20
CA VAL B 772 18.07 -12.79 -30.64
C VAL B 772 16.79 -13.26 -31.32
N ASN B 773 15.74 -12.45 -31.18
CA ASN B 773 14.46 -12.68 -31.84
C ASN B 773 13.86 -14.04 -31.48
N GLN B 774 14.15 -14.52 -30.27
CA GLN B 774 13.60 -15.76 -29.75
C GLN B 774 12.56 -15.44 -28.69
N GLU B 775 11.42 -16.15 -28.75
CA GLU B 775 10.34 -15.91 -27.80
C GLU B 775 10.75 -16.36 -26.41
N VAL B 776 10.71 -15.44 -25.45
CA VAL B 776 11.10 -15.70 -24.07
C VAL B 776 9.84 -15.68 -23.21
N ASN B 777 9.68 -16.72 -22.39
CA ASN B 777 8.54 -16.89 -21.49
C ASN B 777 8.97 -16.54 -20.07
N LEU B 778 8.82 -15.27 -19.71
CA LEU B 778 9.10 -14.84 -18.34
C LEU B 778 7.98 -15.28 -17.42
N THR B 779 8.33 -15.74 -16.21
CA THR B 779 7.34 -16.17 -15.24
C THR B 779 7.67 -15.58 -13.88
N ALA B 780 6.63 -15.26 -13.11
CA ALA B 780 6.78 -14.69 -11.78
C ALA B 780 6.15 -15.65 -10.77
N VAL B 781 6.98 -16.41 -10.06
CA VAL B 781 6.50 -17.35 -9.05
C VAL B 781 6.41 -16.61 -7.72
N LEU B 782 5.30 -16.78 -7.02
CA LEU B 782 5.06 -16.15 -5.73
C LEU B 782 4.92 -17.23 -4.66
N LEU B 783 4.95 -16.78 -3.40
CA LEU B 783 4.79 -17.72 -2.29
C LEU B 783 3.42 -18.41 -2.32
N PRO B 784 2.30 -17.70 -2.45
CA PRO B 784 1.03 -18.40 -2.69
C PRO B 784 0.93 -18.79 -4.15
N LEU B 785 0.39 -20.00 -4.38
CA LEU B 785 0.35 -20.51 -5.75
C LEU B 785 -0.63 -19.75 -6.61
N ASN B 786 -1.78 -19.36 -6.04
CA ASN B 786 -2.82 -18.62 -6.77
C ASN B 786 -3.34 -17.48 -5.91
N PRO B 787 -2.54 -16.43 -5.71
CA PRO B 787 -3.05 -15.25 -5.01
C PRO B 787 -4.14 -14.58 -5.83
N ASN B 788 -5.21 -14.16 -5.14
CA ASN B 788 -6.43 -13.77 -5.83
C ASN B 788 -6.26 -12.48 -6.62
N LEU B 789 -5.72 -11.44 -5.99
CA LEU B 789 -5.60 -10.11 -6.61
C LEU B 789 -4.16 -9.64 -6.51
N THR B 790 -3.45 -9.69 -7.64
CA THR B 790 -2.06 -9.29 -7.72
C THR B 790 -1.82 -8.54 -9.02
N VAL B 791 -0.98 -7.52 -8.96
CA VAL B 791 -0.55 -6.77 -10.13
C VAL B 791 0.95 -6.99 -10.29
N PHE B 792 1.42 -7.05 -11.54
CA PHE B 792 2.81 -7.32 -11.85
C PHE B 792 3.39 -6.18 -12.67
N TYR B 793 4.49 -5.61 -12.19
CA TYR B 793 5.26 -4.62 -12.93
C TYR B 793 6.46 -5.31 -13.57
N TRP B 794 6.63 -5.10 -14.88
CA TRP B 794 7.68 -5.76 -15.65
C TRP B 794 8.60 -4.72 -16.25
N TRP B 795 9.89 -4.81 -15.93
CA TRP B 795 10.92 -3.91 -16.44
C TRP B 795 11.79 -4.71 -17.42
N ILE B 796 11.68 -4.36 -18.70
CA ILE B 796 12.37 -5.12 -19.74
C ILE B 796 13.86 -4.82 -19.73
N GLY B 797 14.23 -3.54 -19.81
CA GLY B 797 15.62 -3.16 -19.85
C GLY B 797 15.85 -1.66 -19.96
N HIS B 798 16.18 -1.20 -21.17
CA HIS B 798 16.48 0.22 -21.36
C HIS B 798 15.24 1.08 -21.19
N SER B 799 14.08 0.59 -21.60
CA SER B 799 12.84 1.35 -21.46
C SER B 799 12.51 1.54 -20.00
N LEU B 800 12.18 2.78 -19.63
CA LEU B 800 11.99 3.11 -18.21
C LEU B 800 10.62 2.68 -17.72
N GLN B 801 9.56 3.22 -18.30
CA GLN B 801 8.21 2.96 -17.81
C GLN B 801 7.86 1.48 -17.99
N PRO B 802 7.45 0.79 -16.93
CA PRO B 802 7.28 -0.66 -16.99
C PRO B 802 5.95 -1.05 -17.62
N LEU B 803 5.80 -2.34 -17.87
CA LEU B 803 4.56 -2.91 -18.37
C LEU B 803 3.75 -3.46 -17.20
N LEU B 804 2.42 -3.31 -17.29
CA LEU B 804 1.50 -3.81 -16.27
C LEU B 804 0.90 -5.13 -16.72
N SER B 805 0.81 -6.09 -15.80
CA SER B 805 0.31 -7.40 -16.13
C SER B 805 -0.55 -7.95 -14.98
N LEU B 806 -1.59 -8.69 -15.36
CA LEU B 806 -2.42 -9.39 -14.38
C LEU B 806 -2.09 -10.88 -14.29
N ASP B 807 -1.41 -11.43 -15.28
CA ASP B 807 -1.05 -12.85 -15.32
C ASP B 807 0.39 -13.05 -14.85
N ASN B 808 0.67 -14.28 -14.40
CA ASN B 808 2.01 -14.60 -13.91
C ASN B 808 3.05 -14.53 -15.03
N SER B 809 2.71 -15.03 -16.21
CA SER B 809 3.67 -15.16 -17.29
C SER B 809 3.50 -14.05 -18.33
N VAL B 810 4.61 -13.71 -18.98
CA VAL B 810 4.62 -12.79 -20.11
C VAL B 810 5.58 -13.31 -21.17
N THR B 811 5.46 -12.77 -22.37
CA THR B 811 6.27 -13.19 -23.51
C THR B 811 6.94 -11.98 -24.12
N THR B 812 8.25 -12.06 -24.33
CA THR B 812 9.00 -10.93 -24.86
C THR B 812 10.19 -11.42 -25.66
N LYS B 813 10.80 -10.51 -26.42
CA LYS B 813 11.95 -10.80 -27.26
C LYS B 813 13.06 -9.80 -26.96
N PHE B 814 14.20 -9.98 -27.63
CA PHE B 814 15.35 -9.10 -27.46
C PHE B 814 15.92 -8.78 -28.83
N THR B 815 15.89 -7.50 -29.20
CA THR B 815 16.49 -7.07 -30.46
C THR B 815 17.99 -6.84 -30.33
N ASP B 816 18.43 -6.34 -29.17
CA ASP B 816 19.85 -6.07 -28.94
C ASP B 816 20.50 -7.28 -28.25
N ALA B 817 21.82 -7.39 -28.45
CA ALA B 817 22.59 -8.48 -27.89
C ALA B 817 23.32 -8.02 -26.63
N GLY B 818 24.04 -8.96 -26.00
CA GLY B 818 24.82 -8.65 -24.82
C GLY B 818 24.22 -9.19 -23.54
N ASP B 819 24.18 -8.35 -22.50
CA ASP B 819 23.58 -8.70 -21.22
C ASP B 819 22.41 -7.74 -20.96
N VAL B 820 21.28 -8.30 -20.53
CA VAL B 820 20.07 -7.52 -20.29
C VAL B 820 19.51 -7.89 -18.92
N ARG B 821 19.10 -6.86 -18.17
CA ARG B 821 18.50 -7.05 -16.86
C ARG B 821 16.98 -7.05 -17.00
N VAL B 822 16.34 -8.11 -16.53
CA VAL B 822 14.89 -8.23 -16.50
C VAL B 822 14.45 -8.17 -15.05
N THR B 823 13.53 -7.26 -14.74
CA THR B 823 13.08 -7.04 -13.36
C THR B 823 11.58 -7.24 -13.26
N VAL B 824 11.14 -7.77 -12.12
CA VAL B 824 9.73 -8.05 -11.88
C VAL B 824 9.37 -7.57 -10.48
N GLN B 825 8.18 -6.99 -10.34
CA GLN B 825 7.69 -6.47 -9.07
C GLN B 825 6.26 -6.91 -8.84
N ALA B 826 5.96 -7.32 -7.61
CA ALA B 826 4.63 -7.79 -7.23
C ALA B 826 4.19 -7.08 -5.96
N ALA B 827 2.87 -6.85 -5.86
CA ALA B 827 2.31 -6.15 -4.71
C ALA B 827 0.84 -6.53 -4.58
N CYS B 828 0.54 -7.48 -3.70
CA CYS B 828 -0.83 -7.90 -3.46
C CYS B 828 -1.58 -6.81 -2.68
N GLY B 829 -1.23 -6.66 -1.40
CA GLY B 829 -1.79 -5.61 -0.59
C GLY B 829 -0.94 -4.36 -0.64
N ASN B 830 -0.52 -3.87 0.51
CA ASN B 830 0.38 -2.73 0.61
C ASN B 830 1.80 -3.16 0.95
N SER B 831 2.25 -4.26 0.35
CA SER B 831 3.63 -4.73 0.50
C SER B 831 4.14 -5.11 -0.88
N VAL B 832 5.43 -4.89 -1.11
CA VAL B 832 6.04 -5.03 -2.42
C VAL B 832 7.21 -6.01 -2.32
N LEU B 833 7.27 -6.94 -3.29
CA LEU B 833 8.41 -7.80 -3.49
C LEU B 833 8.96 -7.56 -4.89
N GLN B 834 10.28 -7.73 -5.05
CA GLN B 834 10.93 -7.38 -6.31
C GLN B 834 12.11 -8.31 -6.53
N ASP B 835 12.32 -8.69 -7.79
CA ASP B 835 13.42 -9.57 -8.14
C ASP B 835 13.94 -9.24 -9.53
N SER B 836 15.27 -9.24 -9.66
CA SER B 836 15.93 -8.99 -10.94
C SER B 836 16.69 -10.23 -11.38
N ARG B 837 17.03 -10.27 -12.67
CA ARG B 837 17.82 -11.37 -13.20
C ARG B 837 18.51 -10.93 -14.49
N LEU B 838 19.77 -11.33 -14.64
CA LEU B 838 20.56 -11.01 -15.82
C LEU B 838 20.46 -12.15 -16.82
N VAL B 839 20.25 -11.82 -18.09
CA VAL B 839 20.16 -12.79 -19.16
C VAL B 839 21.11 -12.41 -20.28
N ARG B 840 21.62 -13.42 -20.97
CA ARG B 840 22.53 -13.24 -22.09
C ARG B 840 21.77 -13.36 -23.40
N VAL B 841 22.06 -12.46 -24.35
CA VAL B 841 21.46 -12.46 -25.66
C VAL B 841 22.61 -12.61 -26.67
N LEU B 842 22.61 -13.72 -27.39
CA LEU B 842 23.71 -14.06 -28.28
C LEU B 842 23.34 -13.75 -29.73
N ASP B 843 24.30 -13.96 -30.63
CA ASP B 843 24.12 -13.69 -32.05
C ASP B 843 24.77 -14.78 -32.90
N GLN B 844 26.09 -14.95 -32.74
CA GLN B 844 26.83 -15.99 -33.43
C GLN B 844 26.69 -17.29 -32.65
N PHE B 845 25.70 -18.09 -33.03
CA PHE B 845 25.44 -19.34 -32.33
C PHE B 845 24.81 -20.34 -33.27
N GLN B 846 24.86 -21.61 -32.86
CA GLN B 846 24.17 -22.71 -33.53
C GLN B 846 23.38 -23.50 -32.49
N VAL B 847 22.15 -23.87 -32.85
CA VAL B 847 21.21 -24.51 -31.95
C VAL B 847 21.14 -26.00 -32.26
N VAL B 848 21.24 -26.83 -31.22
CA VAL B 848 21.11 -28.27 -31.36
C VAL B 848 20.06 -28.76 -30.37
N PRO B 849 18.98 -29.40 -30.83
CA PRO B 849 18.01 -29.97 -29.88
C PRO B 849 18.52 -31.27 -29.27
N LEU B 850 18.05 -31.56 -28.07
CA LEU B 850 18.55 -32.69 -27.29
C LEU B 850 17.41 -33.42 -26.60
N ARG B 851 17.30 -34.71 -26.91
CA ARG B 851 16.43 -35.64 -26.21
C ARG B 851 17.15 -36.20 -24.99
N PHE B 852 16.41 -36.34 -23.89
CA PHE B 852 16.85 -37.06 -22.71
C PHE B 852 16.08 -38.36 -22.58
N SER B 853 16.59 -39.24 -21.73
CA SER B 853 15.94 -40.53 -21.51
C SER B 853 14.64 -40.36 -20.74
N ARG B 854 13.75 -41.34 -20.90
CA ARG B 854 12.44 -41.27 -20.26
C ARG B 854 12.53 -41.44 -18.75
N GLU B 855 13.46 -42.29 -18.28
CA GLU B 855 13.59 -42.54 -16.85
C GLU B 855 13.89 -41.27 -16.07
N LEU B 856 14.65 -40.35 -16.66
CA LEU B 856 15.02 -39.12 -15.96
C LEU B 856 13.82 -38.35 -15.46
N ASP B 857 12.70 -38.40 -16.21
CA ASP B 857 11.50 -37.67 -15.81
C ASP B 857 11.01 -38.09 -14.44
N THR B 858 11.33 -39.31 -14.00
CA THR B 858 10.90 -39.78 -12.70
C THR B 858 11.66 -39.14 -11.54
N PHE B 859 12.76 -38.44 -11.82
CA PHE B 859 13.57 -37.78 -10.79
C PHE B 859 13.85 -36.33 -11.16
N ASN B 860 12.88 -35.66 -11.77
CA ASN B 860 13.07 -34.30 -12.27
C ASN B 860 12.14 -33.32 -11.57
N PRO B 861 12.59 -32.63 -10.52
CA PRO B 861 11.86 -31.48 -10.01
C PRO B 861 12.18 -30.23 -10.82
N ASN B 862 11.29 -29.24 -10.73
CA ASN B 862 11.45 -28.00 -11.46
C ASN B 862 12.44 -27.04 -10.81
N THR B 863 13.20 -27.50 -9.81
CA THR B 863 14.19 -26.65 -9.17
C THR B 863 15.22 -26.17 -10.19
N PRO B 864 15.46 -24.87 -10.30
CA PRO B 864 16.41 -24.38 -11.31
C PRO B 864 17.85 -24.80 -11.05
N GLU B 865 18.22 -25.03 -9.79
CA GLU B 865 19.58 -25.46 -9.49
C GLU B 865 19.87 -26.84 -10.05
N TRP B 866 18.90 -27.75 -9.91
CA TRP B 866 19.00 -29.07 -10.55
C TRP B 866 19.24 -28.94 -12.05
N ARG B 867 18.44 -28.10 -12.71
CA ARG B 867 18.57 -27.91 -14.15
C ARG B 867 19.95 -27.36 -14.51
N GLU B 868 20.42 -26.35 -13.76
CA GLU B 868 21.71 -25.75 -14.06
C GLU B 868 22.84 -26.75 -13.89
N ASP B 869 22.80 -27.55 -12.81
CA ASP B 869 23.84 -28.55 -12.61
C ASP B 869 23.81 -29.64 -13.68
N VAL B 870 22.61 -30.03 -14.11
CA VAL B 870 22.50 -31.00 -15.20
C VAL B 870 23.14 -30.45 -16.48
N GLY B 871 22.81 -29.20 -16.81
CA GLY B 871 23.44 -28.57 -17.96
C GLY B 871 24.96 -28.50 -17.84
N LEU B 872 25.45 -28.19 -16.63
CA LEU B 872 26.90 -28.13 -16.41
C LEU B 872 27.54 -29.49 -16.65
N VAL B 873 26.93 -30.56 -16.13
CA VAL B 873 27.52 -31.89 -16.32
C VAL B 873 27.48 -32.30 -17.79
N VAL B 874 26.40 -31.95 -18.49
CA VAL B 874 26.31 -32.25 -19.92
C VAL B 874 27.41 -31.52 -20.67
N THR B 875 27.64 -30.25 -20.35
CA THR B 875 28.70 -29.49 -20.99
C THR B 875 30.08 -30.07 -20.69
N ARG B 876 30.29 -30.50 -19.43
CA ARG B 876 31.55 -31.14 -19.07
C ARG B 876 31.80 -32.39 -19.91
N LEU B 877 30.78 -33.24 -20.05
CA LEU B 877 30.95 -34.47 -20.80
C LEU B 877 31.17 -34.18 -22.28
N LEU B 878 30.48 -33.18 -22.82
CA LEU B 878 30.69 -32.80 -24.22
C LEU B 878 32.12 -32.29 -24.44
N SER B 879 32.62 -31.49 -23.50
CA SER B 879 34.00 -31.01 -23.60
C SER B 879 35.00 -32.16 -23.51
N LYS B 880 34.71 -33.15 -22.66
CA LYS B 880 35.59 -34.30 -22.55
C LYS B 880 35.56 -35.17 -23.80
N GLU B 881 34.43 -35.22 -24.50
CA GLU B 881 34.29 -36.07 -25.67
C GLU B 881 34.64 -35.39 -26.98
N THR B 882 34.76 -34.05 -27.00
CA THR B 882 35.13 -33.33 -28.21
C THR B 882 36.43 -32.54 -28.10
N SER B 883 36.95 -32.33 -26.89
CA SER B 883 38.16 -31.54 -26.67
C SER B 883 38.05 -30.14 -27.25
N ILE B 884 36.84 -29.59 -27.28
CA ILE B 884 36.60 -28.23 -27.76
C ILE B 884 36.42 -27.34 -26.54
N PRO B 885 36.52 -26.02 -26.67
CA PRO B 885 36.39 -25.14 -25.49
C PRO B 885 35.08 -25.37 -24.76
N GLU B 886 35.14 -25.28 -23.43
CA GLU B 886 33.97 -25.53 -22.60
C GLU B 886 33.04 -24.32 -22.53
N GLU B 887 33.59 -23.11 -22.56
CA GLU B 887 32.77 -21.91 -22.48
C GLU B 887 31.96 -21.64 -23.74
N LEU B 888 32.25 -22.33 -24.85
CA LEU B 888 31.53 -22.15 -26.10
C LEU B 888 30.37 -23.14 -26.25
N LEU B 889 30.01 -23.85 -25.19
CA LEU B 889 28.89 -24.78 -25.19
C LEU B 889 27.98 -24.44 -24.02
N VAL B 890 26.70 -24.17 -24.30
CA VAL B 890 25.75 -23.81 -23.26
C VAL B 890 24.55 -24.74 -23.37
N THR B 891 24.21 -25.42 -22.27
CA THR B 891 23.11 -26.37 -22.25
C THR B 891 21.99 -25.81 -21.39
N VAL B 892 20.80 -25.68 -21.96
CA VAL B 892 19.61 -25.21 -21.25
C VAL B 892 18.54 -26.30 -21.36
N VAL B 893 18.12 -26.83 -20.21
CA VAL B 893 17.26 -28.01 -20.20
C VAL B 893 15.78 -27.64 -20.07
N LYS B 894 15.44 -26.34 -20.12
CA LYS B 894 14.07 -25.85 -20.23
C LYS B 894 13.24 -26.16 -18.99
N PRO B 895 12.08 -25.53 -18.82
CA PRO B 895 11.21 -25.85 -17.68
C PRO B 895 10.11 -26.86 -17.96
N GLY B 896 10.01 -27.38 -19.19
CA GLY B 896 8.92 -28.29 -19.51
C GLY B 896 8.99 -29.57 -18.71
N LEU B 897 7.83 -30.18 -18.51
CA LEU B 897 7.72 -31.43 -17.77
C LEU B 897 8.41 -32.56 -18.54
N PRO B 898 8.21 -32.71 -19.85
CA PRO B 898 9.09 -33.60 -20.61
C PRO B 898 10.46 -32.96 -20.78
N THR B 899 11.50 -33.68 -20.38
CA THR B 899 12.85 -33.13 -20.33
C THR B 899 13.38 -32.92 -21.74
N ILE B 900 13.47 -31.67 -22.17
CA ILE B 900 13.93 -31.29 -23.50
C ILE B 900 15.07 -30.28 -23.32
N ALA B 901 16.16 -30.46 -24.09
CA ALA B 901 17.31 -29.59 -23.92
C ALA B 901 17.66 -28.88 -25.23
N ASP B 902 18.27 -27.71 -25.09
CA ASP B 902 18.80 -26.93 -26.21
C ASP B 902 20.27 -26.65 -25.94
N LEU B 903 21.11 -26.91 -26.95
CA LEU B 903 22.54 -26.70 -26.87
C LEU B 903 22.93 -25.57 -27.81
N TYR B 904 23.50 -24.51 -27.26
CA TYR B 904 23.96 -23.37 -28.02
C TYR B 904 25.47 -23.43 -28.15
N VAL B 905 25.97 -23.40 -29.38
CA VAL B 905 27.40 -23.46 -29.67
C VAL B 905 27.81 -22.12 -30.27
N LEU B 906 28.70 -21.42 -29.59
CA LEU B 906 29.16 -20.10 -30.02
C LEU B 906 30.37 -20.23 -30.93
N LEU B 907 30.58 -19.18 -31.73
CA LEU B 907 31.72 -19.13 -32.64
C LEU B 907 32.88 -18.34 -32.02
N PRO B 908 32.65 -17.12 -31.49
CA PRO B 908 33.82 -16.44 -30.90
C PRO B 908 34.28 -17.10 -29.61
N LEU B 918 33.40 -22.14 -42.83
CA LEU B 918 34.14 -21.81 -41.62
C LEU B 918 34.47 -23.08 -40.82
N THR B 919 35.22 -22.91 -39.73
CA THR B 919 35.57 -24.03 -38.87
C THR B 919 34.43 -24.44 -37.95
N SER B 920 33.33 -23.69 -37.91
CA SER B 920 32.19 -24.06 -37.08
C SER B 920 31.54 -25.35 -37.56
N ASP B 921 31.64 -25.66 -38.86
CA ASP B 921 31.09 -26.91 -39.37
C ASP B 921 31.81 -28.11 -38.76
N LYS B 922 33.13 -28.01 -38.59
CA LYS B 922 33.88 -29.08 -37.97
C LYS B 922 33.43 -29.32 -36.53
N ARG B 923 33.24 -28.24 -35.78
CA ARG B 923 32.76 -28.37 -34.40
C ARG B 923 31.36 -28.96 -34.35
N LEU B 924 30.47 -28.53 -35.25
CA LEU B 924 29.11 -29.06 -35.28
C LEU B 924 29.11 -30.55 -35.58
N ALA B 925 29.89 -30.97 -36.59
CA ALA B 925 29.97 -32.39 -36.92
C ALA B 925 30.58 -33.19 -35.76
N ALA B 926 31.60 -32.63 -35.10
CA ALA B 926 32.21 -33.32 -33.98
C ALA B 926 31.22 -33.51 -32.85
N VAL B 927 30.41 -32.49 -32.56
CA VAL B 927 29.42 -32.60 -31.48
C VAL B 927 28.34 -33.60 -31.85
N GLN B 928 27.88 -33.57 -33.11
CA GLN B 928 26.85 -34.51 -33.53
C GLN B 928 27.35 -35.95 -33.45
N GLN B 929 28.61 -36.19 -33.85
CA GLN B 929 29.17 -37.53 -33.75
C GLN B 929 29.39 -37.93 -32.29
N ALA B 930 29.83 -36.99 -31.45
CA ALA B 930 30.03 -37.28 -30.04
C ALA B 930 28.70 -37.51 -29.31
N LEU B 931 27.59 -37.09 -29.90
CA LEU B 931 26.28 -37.42 -29.34
C LEU B 931 25.77 -38.76 -29.87
N ASN B 932 25.80 -38.96 -31.20
CA ASN B 932 25.25 -40.18 -31.78
C ASN B 932 26.20 -41.36 -31.62
N SER B 933 27.34 -41.33 -32.33
CA SER B 933 28.25 -42.47 -32.33
C SER B 933 28.76 -42.79 -30.93
N HIS B 934 29.09 -41.77 -30.14
CA HIS B 934 29.55 -41.96 -28.77
C HIS B 934 28.40 -41.62 -27.83
N ARG B 935 27.98 -42.61 -27.05
CA ARG B 935 26.93 -42.38 -26.07
C ARG B 935 27.45 -41.50 -24.94
N ILE B 936 26.67 -40.49 -24.57
CA ILE B 936 27.00 -39.61 -23.46
C ILE B 936 26.24 -40.11 -22.24
N SER B 937 26.95 -40.76 -21.32
CA SER B 937 26.33 -41.42 -20.19
C SER B 937 26.21 -40.48 -18.99
N PHE B 938 25.23 -40.75 -18.15
CA PHE B 938 24.97 -39.96 -16.95
C PHE B 938 24.67 -40.89 -15.80
N ILE B 939 25.49 -40.83 -14.75
CA ILE B 939 25.30 -41.66 -13.56
C ILE B 939 24.44 -40.85 -12.59
N LEU B 940 23.13 -41.12 -12.60
CA LEU B 940 22.22 -40.38 -11.72
C LEU B 940 22.27 -40.92 -10.30
N ARG B 941 21.79 -42.15 -10.10
CA ARG B 941 21.82 -42.81 -8.80
C ARG B 941 22.49 -44.16 -8.94
N GLY B 942 22.66 -44.85 -7.81
CA GLY B 942 23.32 -46.14 -7.79
C GLY B 942 22.69 -47.17 -8.71
N GLY B 943 23.34 -47.44 -9.85
CA GLY B 943 22.80 -48.38 -10.80
C GLY B 943 21.73 -47.82 -11.72
N LEU B 944 21.84 -46.54 -12.09
CA LEU B 944 20.87 -45.90 -12.97
C LEU B 944 21.62 -45.01 -13.94
N ARG B 945 21.50 -45.30 -15.24
CA ARG B 945 22.22 -44.57 -16.28
C ARG B 945 21.22 -43.86 -17.18
N ILE B 946 21.52 -42.60 -17.49
CA ILE B 946 20.71 -41.77 -18.39
C ILE B 946 21.53 -41.46 -19.64
N LEU B 947 20.84 -41.34 -20.76
CA LEU B 947 21.47 -41.05 -22.04
C LEU B 947 20.81 -39.83 -22.69
N VAL B 948 21.59 -39.15 -23.53
CA VAL B 948 21.14 -37.94 -24.22
C VAL B 948 21.53 -38.07 -25.70
N GLU B 949 20.62 -37.64 -26.58
CA GLU B 949 20.85 -37.78 -28.02
C GLU B 949 20.17 -36.62 -28.74
N LEU B 950 20.11 -36.71 -30.07
CA LEU B 950 19.49 -35.68 -30.88
C LEU B 950 17.97 -35.76 -30.80
N ARG B 951 17.31 -34.64 -31.09
CA ARG B 951 15.87 -34.52 -30.93
C ARG B 951 15.22 -34.06 -32.23
N ASP B 952 14.25 -34.82 -32.71
CA ASP B 952 13.42 -34.39 -33.84
C ASP B 952 12.39 -33.36 -33.40
C1 NAG C . 19.78 -62.64 44.75
C2 NAG C . 21.07 -62.56 45.58
C3 NAG C . 22.13 -63.49 44.99
C4 NAG C . 21.59 -64.89 44.85
C5 NAG C . 20.28 -64.88 44.07
C6 NAG C . 19.61 -66.24 44.02
C7 NAG C . 22.34 -60.74 46.64
C8 NAG C . 22.76 -59.30 46.55
N2 NAG C . 21.57 -61.18 45.65
O3 NAG C . 23.28 -63.50 45.84
O4 NAG C . 22.52 -65.71 44.16
O5 NAG C . 19.33 -63.99 44.70
O6 NAG C . 18.43 -66.29 44.80
O7 NAG C . 22.69 -61.47 47.58
C1 NAG D . 11.59 -21.57 -3.94
C2 NAG D . 10.80 -20.63 -4.86
C3 NAG D . 10.83 -21.14 -6.31
C4 NAG D . 12.26 -21.39 -6.74
C5 NAG D . 12.98 -22.31 -5.76
C6 NAG D . 14.44 -22.50 -6.08
C7 NAG D . 8.53 -21.43 -4.29
C8 NAG D . 7.17 -21.01 -3.80
N2 NAG D . 9.43 -20.45 -4.40
O3 NAG D . 10.21 -20.20 -7.17
O4 NAG D . 12.28 -22.00 -8.04
O5 NAG D . 12.92 -21.74 -4.44
O6 NAG D . 14.90 -23.78 -5.66
O7 NAG D . 8.78 -22.59 -4.58
C1 NAG E . 36.99 0.20 5.99
C2 NAG E . 37.49 -1.18 5.47
C3 NAG E . 39.01 -1.31 5.62
C4 NAG E . 39.72 -0.11 5.02
C5 NAG E . 39.16 1.18 5.58
C6 NAG E . 39.74 2.42 4.94
C7 NAG E . 36.74 -2.73 7.34
C8 NAG E . 37.48 -1.91 8.37
N2 NAG E . 36.79 -2.32 6.06
O3 NAG E . 39.44 -2.52 4.99
O4 NAG E . 41.11 -0.18 5.30
O5 NAG E . 37.74 1.23 5.35
O6 NAG E . 38.76 3.14 4.21
O7 NAG E . 36.11 -3.73 7.67
C1 NAG F . -20.73 1.44 -24.70
C2 NAG F . -19.62 0.45 -25.10
C3 NAG F . -19.69 0.11 -26.59
C4 NAG F . -21.10 -0.33 -26.97
C5 NAG F . -22.12 0.70 -26.50
C6 NAG F . -23.56 0.28 -26.76
C7 NAG F . -17.58 1.98 -25.08
C8 NAG F . -18.23 2.93 -26.05
N2 NAG F . -18.28 0.88 -24.70
O3 NAG F . -18.76 -0.91 -26.90
O4 NAG F . -21.20 -0.47 -28.38
O5 NAG F . -22.00 0.91 -25.08
O6 NAG F . -23.92 -0.84 -25.97
O7 NAG F . -16.45 2.19 -24.65
C1 NAG G . 17.53 -20.61 43.46
C2 NAG G . 18.91 -20.06 43.81
C3 NAG G . 19.16 -20.15 45.31
C4 NAG G . 18.01 -19.51 46.09
C5 NAG G . 16.68 -20.10 45.65
C6 NAG G . 15.49 -19.42 46.30
C7 NAG G . 20.49 -20.30 41.94
C8 NAG G . 21.56 -21.15 41.32
N2 NAG G . 19.95 -20.76 43.08
O3 NAG G . 20.39 -19.52 45.63
O4 NAG G . 18.18 -19.74 47.48
O5 NAG G . 16.52 -19.93 44.23
O6 NAG G . 14.26 -19.93 45.78
O7 NAG G . 20.13 -19.24 41.43
C1 NAG H . -6.88 78.49 0.77
C2 NAG H . -8.14 78.16 1.59
C3 NAG H . -9.36 78.81 0.94
C4 NAG H . -9.15 80.30 0.72
C5 NAG H . -7.85 80.53 -0.05
C6 NAG H . -7.50 82.00 -0.19
C7 NAG H . -9.07 76.16 2.66
C8 NAG H . -9.13 74.66 2.64
N2 NAG H . -8.32 76.73 1.70
O3 NAG H . -10.51 78.61 1.76
O4 NAG H . -10.23 80.86 -0.02
O5 NAG H . -6.75 79.92 0.64
O6 NAG H . -7.37 82.64 1.07
O7 NAG H . -9.66 76.82 3.51
C1 NAG I . -0.50 37.21 20.21
C2 NAG I . -0.19 35.72 20.16
C3 NAG I . -1.48 34.91 20.26
C4 NAG I . -2.26 35.31 21.50
C5 NAG I . -2.49 36.82 21.52
C6 NAG I . -3.14 37.31 22.79
C7 NAG I . 1.35 34.30 18.88
C8 NAG I . 2.04 34.09 17.57
N2 NAG I . 0.54 35.37 18.96
O3 NAG I . -1.17 33.52 20.32
O4 NAG I . -3.53 34.66 21.51
O5 NAG I . -1.24 37.51 21.40
O6 NAG I . -2.30 38.23 23.48
O7 NAG I . 1.53 33.55 19.83
C1 NAG J . 3.88 79.42 -34.41
C2 NAG J . 2.86 78.66 -35.27
C3 NAG J . 3.14 78.90 -36.75
C4 NAG J . 3.22 80.39 -37.05
C5 NAG J . 4.23 81.06 -36.13
C6 NAG J . 4.28 82.57 -36.30
C7 NAG J . 3.94 76.43 -35.14
C8 NAG J . 3.73 74.99 -34.79
N2 NAG J . 2.87 77.23 -34.97
O3 NAG J . 2.12 78.29 -37.53
O4 NAG J . 3.62 80.59 -38.40
O5 NAG J . 3.88 80.81 -34.76
O6 NAG J . 4.76 83.20 -35.12
O7 NAG J . 5.02 76.84 -35.55
C1 NAG K . -24.94 16.22 20.06
C2 NAG K . -24.68 16.63 21.52
C3 NAG K . -25.38 17.95 21.83
C4 NAG K . -24.96 19.02 20.83
C5 NAG K . -25.21 18.54 19.41
C6 NAG K . -24.71 19.50 18.36
C7 NAG K . -24.25 14.81 23.12
C8 NAG K . -22.80 15.06 22.88
N2 NAG K . -25.11 15.59 22.44
O3 NAG K . -25.05 18.37 23.15
O4 NAG K . -25.68 20.22 21.06
O5 NAG K . -24.55 17.28 19.18
O6 NAG K . -25.61 19.62 17.28
O7 NAG K . -24.64 13.95 23.89
C1 NAG L . 5.61 -20.27 -23.77
C2 NAG L . 6.20 -21.39 -24.62
C3 NAG L . 5.11 -22.08 -25.45
C4 NAG L . 3.95 -22.52 -24.57
C5 NAG L . 3.43 -21.32 -23.80
C6 NAG L . 2.32 -21.68 -22.82
C7 NAG L . 8.53 -20.82 -25.13
C8 NAG L . 9.48 -20.28 -26.17
N2 NAG L . 7.25 -20.90 -25.49
O3 NAG L . 5.66 -23.21 -26.12
O4 NAG L . 2.91 -23.07 -25.36
O5 NAG L . 4.48 -20.75 -23.01
O6 NAG L . 1.88 -20.53 -22.11
O7 NAG L . 8.92 -21.17 -24.02
C1 NAG M . -9.07 -15.87 -2.09
C2 NAG M . -8.20 -17.10 -1.82
C3 NAG M . -8.87 -18.01 -0.79
C4 NAG M . -9.25 -17.22 0.47
C5 NAG M . -10.08 -16.00 0.09
C6 NAG M . -10.40 -15.12 1.27
C7 NAG M . -8.84 -18.44 -3.80
C8 NAG M . -8.32 -19.15 -5.02
N2 NAG M . -7.92 -17.84 -3.04
O3 NAG M . -7.99 -19.08 -0.44
O4 NAG M . -10.01 -18.05 1.34
O5 NAG M . -9.35 -15.20 -0.85
O6 NAG M . -11.80 -15.07 1.54
O7 NAG M . -10.04 -18.40 -3.53
#